data_5CMP
#
_entry.id   5CMP
#
_cell.length_a   76.140
_cell.length_b   106.581
_cell.length_c   84.152
_cell.angle_alpha   90.00
_cell.angle_beta   90.31
_cell.angle_gamma   90.00
#
_symmetry.space_group_name_H-M   'P 1 21 1'
#
loop_
_entity.id
_entity.type
_entity.pdbx_description
1 polymer 'Leucine-rich repeat transmembrane protein FLRT3'
2 non-polymer 2-acetamido-2-deoxy-beta-D-glucopyranose
3 water water
#
_entity_poly.entity_id   1
_entity_poly.type   'polypeptide(L)'
_entity_poly.pdbx_seq_one_letter_code
;ADPGKSCPSVCRCDAGFIYCNDRFLTSIPTGIPEDATTLYLQNNQINNAGIPSDLKNLLKVERIYLYHNSLDEFPTNLPK
YVKELHLQENNIRTITYDSLSKIPYLEELHLDDNSVSAVSIEEGAFRDSNYLRLLFLSRNHLSTIPWGLPRTIEELRLDD
NRISTISSPSLQGLTSLKRLVLDGNLLNNHGLGDKVFFNLVNLTELSLVRNSLTAAPVNLPGTNLRKLYLQDNHINRVPP
NAFSYLRQLYRLDMSNNNLSNLPQGIFDDLDNITQLILRNNPWYCGCKMKWVRDWLQSLPVKVNVRGLMCQAPEKVRGMA
IKDLNAELFDCKD
;
_entity_poly.pdbx_strand_id   A,B,C,D
#
# COMPACT_ATOMS: atom_id res chain seq x y z
N LYS A 5 24.36 -13.22 -3.25
CA LYS A 5 23.59 -12.20 -2.56
C LYS A 5 23.93 -10.85 -3.18
N SER A 6 23.26 -10.52 -4.27
CA SER A 6 23.41 -9.21 -4.88
C SER A 6 22.06 -8.58 -4.92
N CYS A 7 21.89 -7.47 -4.23
CA CYS A 7 20.62 -6.75 -4.22
C CYS A 7 20.78 -5.36 -4.80
N PRO A 8 19.87 -4.96 -5.70
CA PRO A 8 19.93 -3.65 -6.36
C PRO A 8 19.96 -2.49 -5.36
N SER A 9 20.78 -1.48 -5.67
CA SER A 9 21.05 -0.39 -4.76
C SER A 9 19.79 0.30 -4.27
N VAL A 10 18.86 0.54 -5.18
CA VAL A 10 17.61 1.22 -4.85
C VAL A 10 16.78 0.41 -3.87
N CYS A 11 16.73 -0.90 -4.09
CA CYS A 11 15.91 -1.80 -3.30
C CYS A 11 16.70 -2.27 -2.09
N ARG A 12 16.04 -3.03 -1.22
CA ARG A 12 16.71 -3.76 -0.14
C ARG A 12 16.22 -5.20 -0.10
N CYS A 13 17.16 -6.13 0.09
CA CYS A 13 16.86 -7.55 0.02
C CYS A 13 17.07 -8.27 1.36
N ASP A 14 16.14 -9.13 1.73
CA ASP A 14 16.29 -9.94 2.94
C ASP A 14 15.75 -11.33 2.69
N ALA A 15 16.65 -12.28 2.53
CA ALA A 15 16.31 -13.70 2.49
C ALA A 15 15.21 -14.07 1.49
N GLY A 16 15.26 -13.52 0.29
CA GLY A 16 14.29 -13.83 -0.75
C GLY A 16 13.14 -12.83 -0.90
N PHE A 17 12.94 -12.02 0.13
CA PHE A 17 11.96 -10.95 0.12
C PHE A 17 12.61 -9.69 -0.41
N ILE A 18 12.14 -9.23 -1.57
CA ILE A 18 12.77 -8.10 -2.22
C ILE A 18 11.88 -6.87 -2.12
N TYR A 19 12.35 -5.89 -1.35
CA TYR A 19 11.58 -4.70 -1.08
C TYR A 19 12.01 -3.58 -2.02
N CYS A 20 11.28 -3.44 -3.12
CA CYS A 20 11.52 -2.41 -4.11
C CYS A 20 10.30 -1.51 -4.25
N ASN A 21 9.49 -1.46 -3.21
CA ASN A 21 8.26 -0.68 -3.23
C ASN A 21 8.48 0.77 -2.83
N ASP A 22 7.57 1.64 -3.25
CA ASP A 22 7.61 3.06 -2.88
C ASP A 22 8.94 3.71 -3.22
N ARG A 23 9.42 3.50 -4.43
CA ARG A 23 10.72 4.03 -4.79
C ARG A 23 10.69 4.77 -6.11
N PHE A 24 9.50 5.15 -6.58
CA PHE A 24 9.37 5.93 -7.80
C PHE A 24 10.02 5.31 -9.01
N LEU A 25 10.11 3.98 -9.01
CA LEU A 25 10.70 3.29 -10.15
C LEU A 25 9.79 3.39 -11.35
N THR A 26 10.40 3.59 -12.49
CA THR A 26 9.70 3.53 -13.76
C THR A 26 10.10 2.25 -14.44
N SER A 27 11.03 1.54 -13.80
CA SER A 27 11.56 0.32 -14.34
C SER A 27 11.93 -0.64 -13.21
N ILE A 28 11.94 -1.94 -13.50
CA ILE A 28 12.39 -2.92 -12.53
C ILE A 28 13.90 -3.12 -12.58
N PRO A 29 14.57 -2.98 -11.43
CA PRO A 29 16.03 -3.11 -11.27
C PRO A 29 16.55 -4.43 -11.80
N THR A 30 17.71 -4.38 -12.45
CA THR A 30 18.27 -5.54 -13.14
C THR A 30 18.87 -6.61 -12.21
N GLY A 31 19.43 -6.19 -11.09
CA GLY A 31 20.22 -7.09 -10.26
C GLY A 31 19.47 -7.84 -9.17
N ILE A 32 18.39 -8.52 -9.55
CA ILE A 32 17.59 -9.23 -8.58
C ILE A 32 18.21 -10.57 -8.28
N PRO A 33 18.37 -10.90 -6.99
CA PRO A 33 18.96 -12.16 -6.55
C PRO A 33 18.24 -13.35 -7.19
N GLU A 34 19.01 -14.37 -7.58
CA GLU A 34 18.49 -15.56 -8.23
C GLU A 34 17.62 -16.37 -7.28
N ASP A 35 17.77 -16.09 -5.99
CA ASP A 35 17.04 -16.83 -4.97
C ASP A 35 15.83 -16.03 -4.55
N ALA A 36 15.38 -15.14 -5.44
CA ALA A 36 14.21 -14.30 -5.19
C ALA A 36 12.96 -15.12 -4.94
N THR A 37 12.12 -14.69 -4.00
CA THR A 37 10.87 -15.41 -3.73
C THR A 37 9.62 -14.53 -3.82
N THR A 38 9.68 -13.38 -3.17
CA THR A 38 8.58 -12.45 -3.17
C THR A 38 9.00 -11.04 -3.58
N LEU A 39 8.34 -10.50 -4.60
CA LEU A 39 8.76 -9.24 -5.17
C LEU A 39 7.81 -8.11 -4.78
N TYR A 40 8.32 -7.18 -3.98
CA TYR A 40 7.54 -6.02 -3.58
C TYR A 40 7.84 -4.88 -4.51
N LEU A 41 6.95 -4.68 -5.48
CA LEU A 41 7.18 -3.69 -6.52
C LEU A 41 6.06 -2.66 -6.57
N GLN A 42 5.22 -2.68 -5.55
CA GLN A 42 4.07 -1.80 -5.48
C GLN A 42 4.44 -0.35 -5.26
N ASN A 43 3.49 0.55 -5.52
CA ASN A 43 3.67 1.97 -5.23
C ASN A 43 4.86 2.58 -5.96
N ASN A 44 5.02 2.18 -7.20
CA ASN A 44 6.00 2.77 -8.07
C ASN A 44 5.29 3.30 -9.30
N GLN A 45 5.99 4.06 -10.11
CA GLN A 45 5.42 4.55 -11.36
C GLN A 45 5.87 3.69 -12.53
N ILE A 46 5.67 2.38 -12.41
CA ILE A 46 6.18 1.40 -13.38
C ILE A 46 5.25 1.16 -14.54
N ASN A 47 5.80 1.25 -15.75
CA ASN A 47 5.04 1.01 -16.95
C ASN A 47 5.53 -0.26 -17.59
N ASN A 48 4.85 -0.70 -18.64
CA ASN A 48 5.16 -1.98 -19.25
C ASN A 48 6.54 -2.09 -19.85
N ALA A 49 7.13 -0.95 -20.21
CA ALA A 49 8.44 -0.99 -20.82
C ALA A 49 9.51 -1.03 -19.72
N GLY A 50 9.08 -1.09 -18.47
CA GLY A 50 10.03 -1.07 -17.37
C GLY A 50 10.31 -2.42 -16.75
N ILE A 51 10.00 -3.48 -17.51
CA ILE A 51 10.26 -4.84 -17.06
C ILE A 51 11.35 -5.48 -17.91
N PRO A 52 12.53 -5.66 -17.32
CA PRO A 52 13.72 -6.21 -18.00
C PRO A 52 13.53 -7.65 -18.44
N SER A 53 14.28 -8.04 -19.47
CA SER A 53 14.17 -9.37 -20.05
C SER A 53 14.61 -10.48 -19.09
N ASP A 54 15.46 -10.14 -18.14
CA ASP A 54 16.01 -11.14 -17.23
C ASP A 54 15.04 -11.53 -16.13
N LEU A 55 13.95 -10.79 -15.98
CA LEU A 55 12.98 -11.06 -14.93
C LEU A 55 12.45 -12.47 -15.05
N LYS A 56 12.21 -12.87 -16.30
CA LYS A 56 11.75 -14.21 -16.65
C LYS A 56 12.55 -15.33 -16.00
N ASN A 57 13.85 -15.12 -15.78
CA ASN A 57 14.72 -16.17 -15.26
C ASN A 57 14.70 -16.34 -13.75
N LEU A 58 13.98 -15.46 -13.06
CA LEU A 58 13.89 -15.57 -11.62
C LEU A 58 12.90 -16.69 -11.28
N LEU A 59 13.40 -17.91 -11.39
CA LEU A 59 12.60 -19.13 -11.34
C LEU A 59 12.05 -19.51 -9.97
N LYS A 60 12.37 -18.73 -8.95
CA LYS A 60 11.90 -19.02 -7.59
C LYS A 60 10.90 -17.96 -7.12
N VAL A 61 10.50 -17.09 -8.03
CA VAL A 61 9.54 -16.06 -7.67
C VAL A 61 8.17 -16.67 -7.64
N GLU A 62 7.49 -16.55 -6.50
CA GLU A 62 6.15 -17.12 -6.38
C GLU A 62 5.13 -16.03 -6.10
N ARG A 63 5.57 -14.93 -5.50
CA ARG A 63 4.71 -13.81 -5.20
C ARG A 63 5.29 -12.49 -5.71
N ILE A 64 4.48 -11.78 -6.51
CA ILE A 64 4.81 -10.48 -7.07
C ILE A 64 3.75 -9.47 -6.75
N TYR A 65 4.13 -8.37 -6.10
CA TYR A 65 3.22 -7.28 -5.78
C TYR A 65 3.50 -6.05 -6.65
N LEU A 66 2.69 -5.91 -7.70
CA LEU A 66 2.84 -4.83 -8.66
C LEU A 66 1.66 -3.87 -8.59
N TYR A 67 0.95 -3.84 -7.47
CA TYR A 67 -0.21 -2.98 -7.42
C TYR A 67 0.18 -1.52 -7.29
N HIS A 68 -0.70 -0.63 -7.73
CA HIS A 68 -0.48 0.82 -7.65
C HIS A 68 0.72 1.30 -8.49
N ASN A 69 0.78 0.79 -9.71
CA ASN A 69 1.77 1.22 -10.70
C ASN A 69 1.13 1.85 -11.92
N SER A 70 1.92 2.08 -12.97
CA SER A 70 1.44 2.72 -14.18
C SER A 70 1.35 1.77 -15.37
N LEU A 71 1.04 0.50 -15.13
CA LEU A 71 0.89 -0.49 -16.21
C LEU A 71 -0.38 -0.30 -17.02
N ASP A 72 -0.26 -0.21 -18.34
CA ASP A 72 -1.44 0.01 -19.16
C ASP A 72 -1.90 -1.22 -19.90
N GLU A 73 -1.16 -2.31 -19.74
CA GLU A 73 -1.60 -3.59 -20.28
C GLU A 73 -0.93 -4.76 -19.55
N PHE A 74 -1.33 -5.97 -19.89
CA PHE A 74 -0.89 -7.10 -19.11
C PHE A 74 0.60 -7.30 -19.27
N PRO A 75 1.32 -7.36 -18.13
CA PRO A 75 2.78 -7.51 -18.09
C PRO A 75 3.20 -8.85 -18.63
N THR A 76 4.05 -8.83 -19.64
CA THR A 76 4.64 -10.06 -20.14
C THR A 76 6.03 -10.12 -19.48
N ASN A 77 6.82 -11.14 -19.83
CA ASN A 77 8.19 -11.29 -19.28
C ASN A 77 8.28 -11.44 -17.77
N LEU A 78 7.22 -11.97 -17.15
CA LEU A 78 7.24 -12.19 -15.72
C LEU A 78 7.85 -13.56 -15.44
N PRO A 79 8.46 -13.73 -14.24
CA PRO A 79 9.12 -14.98 -13.85
C PRO A 79 8.27 -16.20 -14.15
N LYS A 80 8.81 -17.15 -14.90
CA LYS A 80 8.00 -18.21 -15.50
C LYS A 80 7.08 -18.91 -14.50
N TYR A 81 7.46 -18.92 -13.23
CA TYR A 81 6.72 -19.71 -12.25
C TYR A 81 5.90 -18.89 -11.25
N VAL A 82 5.41 -17.71 -11.64
CA VAL A 82 4.60 -16.93 -10.70
C VAL A 82 3.40 -17.74 -10.28
N LYS A 83 2.97 -17.56 -9.04
CA LYS A 83 1.76 -18.20 -8.51
C LYS A 83 0.82 -17.16 -7.96
N GLU A 84 1.38 -16.12 -7.35
CA GLU A 84 0.59 -15.03 -6.81
C GLU A 84 0.91 -13.74 -7.51
N LEU A 85 -0.09 -13.11 -8.11
CA LEU A 85 0.13 -11.89 -8.88
C LEU A 85 -0.94 -10.84 -8.60
N HIS A 86 -0.50 -9.69 -8.11
CA HIS A 86 -1.35 -8.62 -7.66
C HIS A 86 -1.17 -7.39 -8.53
N LEU A 87 -2.12 -7.12 -9.40
CA LEU A 87 -2.00 -6.00 -10.34
C LEU A 87 -3.01 -4.91 -10.06
N GLN A 88 -3.60 -4.89 -8.88
CA GLN A 88 -4.67 -3.95 -8.65
C GLN A 88 -4.16 -2.53 -8.71
N GLU A 89 -5.07 -1.59 -8.92
CA GLU A 89 -4.75 -0.18 -9.05
C GLU A 89 -3.68 0.09 -10.12
N ASN A 90 -3.83 -0.56 -11.26
CA ASN A 90 -3.09 -0.22 -12.47
C ASN A 90 -4.04 0.23 -13.56
N ASN A 91 -3.52 0.51 -14.73
CA ASN A 91 -4.33 0.97 -15.82
C ASN A 91 -4.42 -0.07 -16.91
N ILE A 92 -4.62 -1.33 -16.54
CA ILE A 92 -4.57 -2.37 -17.55
C ILE A 92 -5.86 -2.49 -18.36
N ARG A 93 -5.70 -2.48 -19.68
CA ARG A 93 -6.82 -2.73 -20.56
C ARG A 93 -6.62 -4.05 -21.28
N THR A 94 -5.57 -4.14 -22.09
CA THR A 94 -5.41 -5.30 -22.92
C THR A 94 -4.90 -6.51 -22.14
N ILE A 95 -5.46 -7.66 -22.43
CA ILE A 95 -4.92 -8.91 -21.93
C ILE A 95 -4.94 -9.95 -23.03
N THR A 96 -3.78 -10.51 -23.35
CA THR A 96 -3.66 -11.46 -24.45
C THR A 96 -3.32 -12.85 -23.98
N TYR A 97 -3.62 -13.83 -24.81
CA TYR A 97 -3.32 -15.23 -24.51
C TYR A 97 -1.83 -15.40 -24.29
N ASP A 98 -1.07 -14.74 -25.15
CA ASP A 98 0.38 -14.83 -25.11
C ASP A 98 0.93 -14.42 -23.76
N SER A 99 0.45 -13.30 -23.23
CA SER A 99 0.90 -12.81 -21.93
C SER A 99 0.70 -13.85 -20.82
N LEU A 100 -0.48 -14.44 -20.80
CA LEU A 100 -0.88 -15.40 -19.78
C LEU A 100 -0.24 -16.75 -20.04
N SER A 101 0.12 -17.00 -21.29
CA SER A 101 0.81 -18.23 -21.64
C SER A 101 2.13 -18.28 -20.91
N LYS A 102 2.71 -17.11 -20.68
CA LYS A 102 4.02 -16.99 -20.04
C LYS A 102 4.02 -17.44 -18.59
N ILE A 103 2.87 -17.39 -17.91
CA ILE A 103 2.85 -17.78 -16.50
C ILE A 103 1.79 -18.81 -16.16
N PRO A 104 1.89 -19.98 -16.80
CA PRO A 104 0.85 -21.01 -16.79
C PRO A 104 0.61 -21.66 -15.44
N TYR A 105 1.44 -21.35 -14.46
CA TYR A 105 1.28 -21.93 -13.13
C TYR A 105 0.62 -20.90 -12.22
N LEU A 106 0.09 -19.84 -12.81
CA LEU A 106 -0.54 -18.79 -12.04
C LEU A 106 -1.79 -19.33 -11.38
N GLU A 107 -1.96 -19.00 -10.10
CA GLU A 107 -3.04 -19.53 -9.27
C GLU A 107 -4.01 -18.47 -8.78
N GLU A 108 -3.51 -17.28 -8.48
CA GLU A 108 -4.43 -16.22 -8.15
C GLU A 108 -3.98 -14.89 -8.74
N LEU A 109 -4.95 -14.15 -9.25
CA LEU A 109 -4.68 -12.99 -10.07
C LEU A 109 -5.54 -11.82 -9.66
N HIS A 110 -4.92 -10.72 -9.26
CA HIS A 110 -5.70 -9.57 -8.84
C HIS A 110 -5.62 -8.44 -9.84
N LEU A 111 -6.73 -8.18 -10.53
CA LEU A 111 -6.76 -7.12 -11.52
C LEU A 111 -7.71 -6.02 -11.10
N ASP A 112 -8.02 -6.01 -9.81
CA ASP A 112 -8.96 -5.07 -9.22
C ASP A 112 -8.58 -3.63 -9.57
N ASP A 113 -9.58 -2.76 -9.72
CA ASP A 113 -9.33 -1.36 -9.97
C ASP A 113 -8.46 -1.14 -11.19
N ASN A 114 -8.85 -1.69 -12.32
CA ASN A 114 -8.18 -1.41 -13.59
C ASN A 114 -9.16 -0.94 -14.66
N SER A 115 -8.79 -1.08 -15.92
CA SER A 115 -9.65 -0.59 -16.99
C SER A 115 -9.93 -1.64 -18.06
N VAL A 116 -10.09 -2.87 -17.62
CA VAL A 116 -10.37 -3.97 -18.53
C VAL A 116 -11.85 -4.04 -18.92
N SER A 117 -12.12 -4.32 -20.18
CA SER A 117 -13.47 -4.62 -20.60
C SER A 117 -13.40 -5.98 -21.23
N ALA A 118 -14.54 -6.57 -21.53
CA ALA A 118 -14.56 -7.90 -22.09
C ALA A 118 -13.80 -7.92 -23.40
N VAL A 119 -13.90 -6.83 -24.15
CA VAL A 119 -13.28 -6.78 -25.46
C VAL A 119 -11.77 -6.63 -25.34
N SER A 120 -11.29 -6.02 -24.26
CA SER A 120 -9.86 -5.82 -24.08
C SER A 120 -9.16 -7.13 -23.70
N ILE A 121 -9.95 -8.20 -23.56
CA ILE A 121 -9.40 -9.52 -23.29
C ILE A 121 -9.43 -10.42 -24.51
N GLU A 122 -8.27 -10.89 -24.94
CA GLU A 122 -8.20 -11.80 -26.07
C GLU A 122 -9.09 -13.00 -25.80
N GLU A 123 -9.82 -13.44 -26.82
CA GLU A 123 -10.68 -14.61 -26.69
C GLU A 123 -9.82 -15.85 -26.49
N GLY A 124 -9.95 -16.46 -25.33
CA GLY A 124 -9.20 -17.67 -25.04
C GLY A 124 -7.88 -17.34 -24.38
N ALA A 125 -7.80 -16.16 -23.79
CA ALA A 125 -6.60 -15.71 -23.12
C ALA A 125 -6.17 -16.71 -22.07
N PHE A 126 -7.13 -17.35 -21.44
CA PHE A 126 -6.83 -18.22 -20.31
C PHE A 126 -6.65 -19.70 -20.62
N ARG A 127 -6.65 -20.09 -21.89
CA ARG A 127 -6.63 -21.52 -22.24
C ARG A 127 -5.51 -22.34 -21.59
N ASP A 128 -4.39 -21.70 -21.26
CA ASP A 128 -3.33 -22.44 -20.60
C ASP A 128 -3.33 -22.27 -19.09
N SER A 129 -4.10 -21.31 -18.59
CA SER A 129 -4.07 -21.02 -17.16
C SER A 129 -4.73 -22.14 -16.37
N ASN A 130 -4.19 -23.34 -16.49
CA ASN A 130 -4.84 -24.52 -15.96
C ASN A 130 -4.62 -24.69 -14.47
N TYR A 131 -4.20 -23.62 -13.82
CA TYR A 131 -3.97 -23.61 -12.39
C TYR A 131 -4.59 -22.38 -11.75
N LEU A 132 -5.29 -21.57 -12.53
CA LEU A 132 -5.90 -20.37 -11.99
C LEU A 132 -7.12 -20.72 -11.11
N ARG A 133 -7.11 -20.22 -9.88
CA ARG A 133 -8.17 -20.53 -8.94
C ARG A 133 -8.89 -19.27 -8.52
N LEU A 134 -8.14 -18.19 -8.37
CA LEU A 134 -8.71 -16.92 -7.95
C LEU A 134 -8.54 -15.90 -9.05
N LEU A 135 -9.65 -15.34 -9.51
CA LEU A 135 -9.61 -14.32 -10.52
C LEU A 135 -10.45 -13.14 -10.08
N PHE A 136 -9.79 -12.03 -9.79
CA PHE A 136 -10.49 -10.88 -9.25
C PHE A 136 -10.52 -9.76 -10.26
N LEU A 137 -11.71 -9.42 -10.74
CA LEU A 137 -11.86 -8.34 -11.70
C LEU A 137 -12.77 -7.22 -11.19
N SER A 138 -12.77 -7.03 -9.88
CA SER A 138 -13.52 -5.96 -9.25
C SER A 138 -13.17 -4.58 -9.81
N ARG A 139 -14.18 -3.74 -10.02
CA ARG A 139 -13.98 -2.36 -10.44
C ARG A 139 -13.20 -2.20 -11.73
N ASN A 140 -13.63 -2.90 -12.76
CA ASN A 140 -13.11 -2.73 -14.09
C ASN A 140 -14.18 -2.18 -15.05
N HIS A 141 -13.97 -2.33 -16.35
CA HIS A 141 -14.95 -1.85 -17.30
C HIS A 141 -15.68 -2.96 -18.06
N LEU A 142 -15.83 -4.10 -17.42
CA LEU A 142 -16.53 -5.23 -18.03
C LEU A 142 -18.02 -4.94 -18.16
N SER A 143 -18.59 -5.29 -19.31
CA SER A 143 -20.02 -5.16 -19.51
C SER A 143 -20.65 -6.53 -19.65
N THR A 144 -19.81 -7.56 -19.69
CA THR A 144 -20.31 -8.92 -19.69
C THR A 144 -19.29 -9.90 -19.10
N ILE A 145 -19.64 -11.16 -19.06
CA ILE A 145 -18.73 -12.16 -18.55
C ILE A 145 -18.06 -12.84 -19.72
N PRO A 146 -16.71 -12.82 -19.72
CA PRO A 146 -15.80 -13.34 -20.74
C PRO A 146 -16.02 -14.81 -21.04
N TRP A 147 -16.04 -15.17 -22.32
CA TRP A 147 -16.43 -16.51 -22.72
C TRP A 147 -15.45 -17.58 -22.26
N GLY A 148 -14.15 -17.33 -22.42
CA GLY A 148 -13.15 -18.33 -22.13
C GLY A 148 -12.48 -18.25 -20.77
N LEU A 149 -13.06 -18.93 -19.78
CA LEU A 149 -12.51 -18.93 -18.45
C LEU A 149 -12.19 -20.35 -18.06
N PRO A 150 -11.06 -20.56 -17.36
CA PRO A 150 -10.56 -21.90 -17.01
C PRO A 150 -11.41 -22.63 -15.97
N ARG A 151 -11.55 -23.93 -16.19
CA ARG A 151 -12.36 -24.80 -15.34
C ARG A 151 -11.96 -24.77 -13.87
N THR A 152 -10.71 -24.42 -13.61
CA THR A 152 -10.15 -24.49 -12.27
C THR A 152 -10.60 -23.40 -11.32
N ILE A 153 -11.27 -22.38 -11.83
CA ILE A 153 -11.66 -21.24 -11.01
C ILE A 153 -12.50 -21.60 -9.80
N GLU A 154 -12.16 -21.02 -8.67
CA GLU A 154 -12.87 -21.26 -7.43
C GLU A 154 -13.47 -19.99 -6.85
N GLU A 155 -12.89 -18.84 -7.14
CA GLU A 155 -13.47 -17.56 -6.74
C GLU A 155 -13.40 -16.54 -7.88
N LEU A 156 -14.50 -15.84 -8.11
CA LEU A 156 -14.61 -14.91 -9.23
C LEU A 156 -15.30 -13.62 -8.82
N ARG A 157 -14.53 -12.59 -8.53
CA ARG A 157 -15.08 -11.32 -8.06
C ARG A 157 -15.23 -10.33 -9.20
N LEU A 158 -16.47 -9.97 -9.53
CA LEU A 158 -16.77 -9.06 -10.63
C LEU A 158 -17.55 -7.84 -10.20
N ASP A 159 -17.43 -7.47 -8.93
CA ASP A 159 -18.26 -6.39 -8.42
C ASP A 159 -17.93 -5.02 -9.02
N ASP A 160 -18.95 -4.16 -9.03
CA ASP A 160 -18.82 -2.77 -9.48
C ASP A 160 -18.16 -2.65 -10.84
N ASN A 161 -18.73 -3.35 -11.80
CA ASN A 161 -18.37 -3.22 -13.20
C ASN A 161 -19.57 -2.63 -13.91
N ARG A 162 -19.58 -2.75 -15.22
CA ARG A 162 -20.74 -2.31 -15.97
C ARG A 162 -21.41 -3.51 -16.63
N ILE A 163 -21.52 -4.61 -15.91
CA ILE A 163 -22.06 -5.84 -16.51
C ILE A 163 -23.58 -5.76 -16.65
N SER A 164 -24.07 -6.01 -17.85
CA SER A 164 -25.49 -5.91 -18.10
C SER A 164 -25.99 -7.21 -18.72
N THR A 165 -25.05 -8.08 -19.04
CA THR A 165 -25.38 -9.36 -19.65
C THR A 165 -24.47 -10.49 -19.19
N ILE A 166 -25.02 -11.70 -19.18
CA ILE A 166 -24.26 -12.87 -18.78
C ILE A 166 -24.61 -14.04 -19.68
N SER A 167 -23.78 -14.31 -20.67
CA SER A 167 -24.07 -15.42 -21.57
C SER A 167 -23.97 -16.74 -20.83
N SER A 168 -24.65 -17.75 -21.35
CA SER A 168 -24.60 -19.05 -20.74
C SER A 168 -23.20 -19.67 -20.78
N PRO A 169 -22.51 -19.65 -21.94
CA PRO A 169 -21.22 -20.35 -21.94
C PRO A 169 -20.14 -19.71 -21.07
N SER A 170 -20.28 -18.44 -20.72
CA SER A 170 -19.29 -17.78 -19.91
C SER A 170 -19.22 -18.45 -18.54
N LEU A 171 -20.36 -18.84 -18.01
CA LEU A 171 -20.35 -19.44 -16.68
C LEU A 171 -20.49 -20.95 -16.73
N GLN A 172 -21.05 -21.46 -17.81
CA GLN A 172 -21.12 -22.90 -17.93
C GLN A 172 -19.69 -23.39 -18.11
N GLY A 173 -19.41 -24.55 -17.52
CA GLY A 173 -18.07 -25.11 -17.49
C GLY A 173 -17.31 -24.85 -16.20
N LEU A 174 -17.70 -23.81 -15.48
CA LEU A 174 -17.03 -23.48 -14.23
C LEU A 174 -17.45 -24.39 -13.10
N THR A 175 -17.26 -25.69 -13.29
CA THR A 175 -17.74 -26.71 -12.35
C THR A 175 -16.97 -26.77 -11.05
N SER A 176 -16.07 -25.81 -10.81
CA SER A 176 -15.31 -25.75 -9.57
C SER A 176 -15.61 -24.46 -8.83
N LEU A 177 -16.37 -23.60 -9.47
CA LEU A 177 -16.63 -22.29 -8.91
C LEU A 177 -17.37 -22.39 -7.59
N LYS A 178 -16.92 -21.65 -6.60
CA LYS A 178 -17.55 -21.68 -5.31
C LYS A 178 -18.17 -20.35 -4.93
N ARG A 179 -17.50 -19.28 -5.29
CA ARG A 179 -17.95 -17.95 -4.91
C ARG A 179 -18.01 -17.09 -6.17
N LEU A 180 -19.16 -16.46 -6.41
CA LEU A 180 -19.37 -15.64 -7.58
C LEU A 180 -19.92 -14.29 -7.15
N VAL A 181 -19.14 -13.22 -7.36
CA VAL A 181 -19.53 -11.92 -6.86
C VAL A 181 -19.85 -10.93 -7.97
N LEU A 182 -21.12 -10.54 -8.05
CA LEU A 182 -21.59 -9.61 -9.07
C LEU A 182 -22.25 -8.40 -8.47
N ASP A 183 -21.79 -7.98 -7.30
CA ASP A 183 -22.36 -6.80 -6.67
C ASP A 183 -22.10 -5.59 -7.55
N GLY A 184 -22.90 -4.55 -7.37
CA GLY A 184 -22.68 -3.27 -8.03
C GLY A 184 -22.57 -3.25 -9.54
N ASN A 185 -23.40 -4.03 -10.22
CA ASN A 185 -23.40 -4.05 -11.67
C ASN A 185 -24.73 -3.57 -12.21
N LEU A 186 -24.90 -3.63 -13.52
CA LEU A 186 -26.16 -3.24 -14.15
C LEU A 186 -26.97 -4.45 -14.63
N LEU A 187 -27.08 -5.47 -13.79
CA LEU A 187 -27.77 -6.66 -14.22
C LEU A 187 -29.27 -6.57 -13.97
N ASN A 188 -30.03 -7.04 -14.94
CA ASN A 188 -31.45 -7.26 -14.79
C ASN A 188 -31.78 -8.62 -15.41
N ASN A 189 -32.96 -9.14 -15.13
CA ASN A 189 -33.28 -10.49 -15.57
C ASN A 189 -33.27 -10.69 -17.07
N HIS A 190 -33.40 -9.61 -17.83
CA HIS A 190 -33.30 -9.67 -19.29
C HIS A 190 -31.88 -10.06 -19.67
N GLY A 191 -30.93 -9.57 -18.87
CA GLY A 191 -29.52 -9.80 -19.07
C GLY A 191 -29.05 -11.20 -18.72
N LEU A 192 -29.90 -11.96 -18.05
CA LEU A 192 -29.57 -13.32 -17.65
C LEU A 192 -29.88 -14.34 -18.74
N GLY A 193 -28.94 -15.23 -19.01
CA GLY A 193 -29.16 -16.32 -19.94
C GLY A 193 -29.96 -17.38 -19.22
N ASP A 194 -30.41 -18.39 -19.95
CA ASP A 194 -31.37 -19.36 -19.45
C ASP A 194 -30.96 -20.07 -18.17
N LYS A 195 -29.80 -20.70 -18.23
CA LYS A 195 -29.34 -21.57 -17.16
C LYS A 195 -27.92 -21.24 -16.84
N VAL A 196 -27.62 -19.96 -16.78
CA VAL A 196 -26.25 -19.51 -16.65
C VAL A 196 -25.61 -20.04 -15.38
N PHE A 197 -26.40 -20.14 -14.32
CA PHE A 197 -25.91 -20.56 -13.02
C PHE A 197 -26.11 -22.03 -12.80
N PHE A 198 -26.85 -22.65 -13.70
CA PHE A 198 -27.35 -23.99 -13.46
C PHE A 198 -26.28 -25.05 -13.25
N ASN A 199 -25.15 -24.94 -13.94
CA ASN A 199 -24.16 -26.02 -13.88
C ASN A 199 -23.10 -25.83 -12.82
N LEU A 200 -23.16 -24.71 -12.10
CA LEU A 200 -22.19 -24.43 -11.08
C LEU A 200 -22.42 -25.28 -9.84
N VAL A 201 -22.11 -26.57 -9.95
CA VAL A 201 -22.32 -27.52 -8.87
C VAL A 201 -21.66 -27.14 -7.56
N ASN A 202 -20.45 -26.61 -7.65
CA ASN A 202 -19.69 -26.33 -6.45
C ASN A 202 -19.97 -24.97 -5.82
N LEU A 203 -20.92 -24.25 -6.38
CA LEU A 203 -21.20 -22.89 -5.94
C LEU A 203 -21.74 -22.82 -4.52
N THR A 204 -21.19 -21.92 -3.73
CA THR A 204 -21.49 -21.82 -2.30
C THR A 204 -22.07 -20.47 -1.95
N GLU A 205 -21.51 -19.43 -2.58
CA GLU A 205 -22.03 -18.08 -2.50
C GLU A 205 -22.40 -17.52 -3.85
N LEU A 206 -23.61 -16.98 -3.94
CA LEU A 206 -23.98 -16.14 -5.05
C LEU A 206 -24.36 -14.80 -4.46
N SER A 207 -23.71 -13.75 -4.92
CA SER A 207 -23.92 -12.42 -4.37
C SER A 207 -24.28 -11.45 -5.47
N LEU A 208 -25.53 -11.03 -5.50
CA LEU A 208 -26.02 -10.14 -6.56
C LEU A 208 -26.52 -8.85 -6.01
N VAL A 209 -25.92 -8.40 -4.92
CA VAL A 209 -26.30 -7.13 -4.33
C VAL A 209 -26.17 -6.02 -5.36
N ARG A 210 -27.00 -4.98 -5.23
CA ARG A 210 -26.87 -3.75 -6.02
C ARG A 210 -26.91 -3.93 -7.53
N ASN A 211 -27.93 -4.60 -8.02
CA ASN A 211 -28.18 -4.62 -9.45
C ASN A 211 -29.60 -4.15 -9.78
N SER A 212 -30.13 -4.62 -10.90
CA SER A 212 -31.48 -4.23 -11.30
C SER A 212 -32.33 -5.46 -11.52
N LEU A 213 -32.19 -6.46 -10.67
CA LEU A 213 -33.08 -7.60 -10.73
C LEU A 213 -34.50 -7.13 -10.33
N THR A 214 -35.52 -7.62 -11.03
CA THR A 214 -36.91 -7.32 -10.67
C THR A 214 -37.62 -8.60 -10.24
N ALA A 215 -36.90 -9.71 -10.35
CA ALA A 215 -37.42 -10.99 -9.94
C ALA A 215 -36.28 -11.85 -9.42
N ALA A 216 -36.56 -12.67 -8.42
CA ALA A 216 -35.58 -13.65 -7.98
C ALA A 216 -35.20 -14.52 -9.15
N PRO A 217 -33.88 -14.65 -9.42
CA PRO A 217 -33.40 -15.43 -10.55
C PRO A 217 -33.70 -16.89 -10.36
N VAL A 218 -33.88 -17.61 -11.46
CA VAL A 218 -34.25 -19.01 -11.42
C VAL A 218 -33.14 -19.93 -11.87
N ASN A 219 -33.39 -21.22 -11.76
CA ASN A 219 -32.45 -22.26 -12.19
C ASN A 219 -31.10 -22.17 -11.47
N LEU A 220 -31.11 -21.72 -10.21
CA LEU A 220 -29.90 -21.73 -9.40
C LEU A 220 -29.47 -23.16 -9.07
N PRO A 221 -28.19 -23.38 -8.79
CA PRO A 221 -27.74 -24.72 -8.40
C PRO A 221 -27.95 -24.92 -6.92
N GLY A 222 -28.49 -26.07 -6.54
CA GLY A 222 -28.85 -26.28 -5.16
C GLY A 222 -28.00 -27.32 -4.48
N THR A 223 -26.98 -27.81 -5.17
CA THR A 223 -26.17 -28.87 -4.64
C THR A 223 -25.36 -28.34 -3.49
N ASN A 224 -24.86 -27.12 -3.62
CA ASN A 224 -24.00 -26.56 -2.59
C ASN A 224 -24.34 -25.14 -2.18
N LEU A 225 -25.30 -24.51 -2.85
CA LEU A 225 -25.60 -23.10 -2.60
C LEU A 225 -25.97 -22.94 -1.16
N ARG A 226 -25.23 -22.08 -0.48
CA ARG A 226 -25.29 -21.98 0.96
C ARG A 226 -25.68 -20.57 1.36
N LYS A 227 -25.18 -19.59 0.60
CA LYS A 227 -25.48 -18.19 0.86
C LYS A 227 -25.99 -17.52 -0.41
N LEU A 228 -27.00 -16.67 -0.27
CA LEU A 228 -27.65 -16.04 -1.42
C LEU A 228 -28.05 -14.61 -1.13
N TYR A 229 -27.34 -13.67 -1.75
CA TYR A 229 -27.51 -12.25 -1.45
C TYR A 229 -28.21 -11.52 -2.58
N LEU A 230 -29.41 -11.01 -2.35
CA LEU A 230 -30.16 -10.30 -3.37
C LEU A 230 -30.60 -8.91 -2.94
N GLN A 231 -29.92 -8.33 -1.97
CA GLN A 231 -30.33 -7.02 -1.47
C GLN A 231 -30.26 -5.94 -2.53
N ASP A 232 -30.90 -4.81 -2.23
CA ASP A 232 -30.76 -3.58 -2.98
C ASP A 232 -30.91 -3.78 -4.46
N ASN A 233 -31.96 -4.50 -4.83
CA ASN A 233 -32.37 -4.58 -6.22
C ASN A 233 -33.74 -3.96 -6.33
N HIS A 234 -34.53 -4.37 -7.32
CA HIS A 234 -35.93 -3.94 -7.38
C HIS A 234 -36.84 -5.13 -7.69
N ILE A 235 -36.71 -6.16 -6.88
CA ILE A 235 -37.38 -7.44 -7.10
C ILE A 235 -38.86 -7.34 -6.76
N ASN A 236 -39.68 -7.60 -7.77
CA ASN A 236 -41.13 -7.56 -7.64
C ASN A 236 -41.69 -8.88 -7.20
N ARG A 237 -40.99 -9.93 -7.59
CA ARG A 237 -41.56 -11.26 -7.69
C ARG A 237 -40.67 -12.40 -7.28
N VAL A 238 -41.30 -13.49 -6.86
CA VAL A 238 -40.63 -14.76 -6.69
C VAL A 238 -41.23 -15.78 -7.62
N PRO A 239 -40.64 -15.97 -8.81
CA PRO A 239 -41.14 -17.05 -9.67
C PRO A 239 -41.23 -18.38 -8.91
N PRO A 240 -42.18 -19.24 -9.30
CA PRO A 240 -42.51 -20.43 -8.51
C PRO A 240 -41.30 -21.30 -8.19
N ASN A 241 -40.35 -21.37 -9.12
CA ASN A 241 -39.19 -22.25 -8.97
C ASN A 241 -37.88 -21.57 -8.55
N ALA A 242 -37.96 -20.37 -7.98
CA ALA A 242 -36.75 -19.59 -7.67
C ALA A 242 -35.82 -20.22 -6.64
N PHE A 243 -36.40 -20.81 -5.61
CA PHE A 243 -35.62 -21.37 -4.52
C PHE A 243 -35.79 -22.86 -4.57
N SER A 244 -36.10 -23.33 -5.76
CA SER A 244 -36.27 -24.74 -5.97
C SER A 244 -34.97 -25.46 -5.70
N TYR A 245 -35.06 -26.56 -4.95
CA TYR A 245 -33.95 -27.50 -4.79
C TYR A 245 -32.77 -26.96 -3.99
N LEU A 246 -32.93 -25.81 -3.37
CA LEU A 246 -31.92 -25.24 -2.51
C LEU A 246 -31.90 -25.86 -1.13
N ARG A 247 -31.67 -27.16 -1.07
CA ARG A 247 -31.85 -27.85 0.19
C ARG A 247 -30.73 -27.56 1.16
N GLN A 248 -29.65 -26.94 0.67
CA GLN A 248 -28.48 -26.66 1.49
C GLN A 248 -28.36 -25.19 1.88
N LEU A 249 -29.24 -24.36 1.35
CA LEU A 249 -29.17 -22.94 1.63
C LEU A 249 -29.50 -22.62 3.08
N TYR A 250 -28.56 -21.97 3.78
CA TYR A 250 -28.81 -21.55 5.14
C TYR A 250 -28.98 -20.04 5.26
N ARG A 251 -28.54 -19.31 4.24
CA ARG A 251 -28.69 -17.86 4.29
C ARG A 251 -29.30 -17.29 3.00
N LEU A 252 -30.26 -16.37 3.15
CA LEU A 252 -30.93 -15.73 2.02
C LEU A 252 -31.35 -14.32 2.38
N ASP A 253 -30.87 -13.35 1.61
CA ASP A 253 -31.16 -11.96 1.91
C ASP A 253 -31.75 -11.24 0.70
N MET A 254 -32.94 -10.68 0.91
CA MET A 254 -33.63 -9.93 -0.12
C MET A 254 -34.05 -8.58 0.41
N SER A 255 -33.28 -8.06 1.36
CA SER A 255 -33.54 -6.72 1.92
C SER A 255 -33.50 -5.65 0.85
N ASN A 256 -34.03 -4.48 1.17
CA ASN A 256 -34.03 -3.37 0.23
C ASN A 256 -34.44 -3.80 -1.17
N ASN A 257 -35.68 -4.30 -1.28
CA ASN A 257 -36.25 -4.67 -2.56
C ASN A 257 -37.71 -4.25 -2.67
N ASN A 258 -38.44 -4.88 -3.56
CA ASN A 258 -39.78 -4.39 -3.81
C ASN A 258 -40.85 -5.47 -3.73
N LEU A 259 -40.73 -6.34 -2.74
CA LEU A 259 -41.66 -7.44 -2.61
C LEU A 259 -42.81 -7.04 -1.70
N SER A 260 -44.03 -7.37 -2.13
CA SER A 260 -45.22 -7.16 -1.31
C SER A 260 -45.96 -8.47 -1.03
N ASN A 261 -45.70 -9.49 -1.84
CA ASN A 261 -46.37 -10.76 -1.70
C ASN A 261 -45.50 -11.93 -2.15
N LEU A 262 -45.73 -13.08 -1.51
CA LEU A 262 -45.02 -14.31 -1.79
C LEU A 262 -45.94 -15.40 -2.28
N PRO A 263 -45.55 -16.11 -3.34
CA PRO A 263 -46.32 -17.27 -3.79
C PRO A 263 -46.33 -18.34 -2.71
N GLN A 264 -47.32 -19.24 -2.74
CA GLN A 264 -47.49 -20.24 -1.70
C GLN A 264 -46.44 -21.35 -1.79
N GLY A 265 -45.70 -21.54 -0.70
CA GLY A 265 -44.71 -22.58 -0.62
C GLY A 265 -43.46 -22.38 -1.47
N ILE A 266 -43.02 -21.15 -1.62
CA ILE A 266 -41.78 -20.88 -2.34
C ILE A 266 -40.57 -21.29 -1.51
N PHE A 267 -40.78 -21.35 -0.20
CA PHE A 267 -39.74 -21.67 0.75
C PHE A 267 -39.75 -23.13 1.18
N ASP A 268 -40.37 -23.99 0.38
CA ASP A 268 -40.60 -25.39 0.76
C ASP A 268 -39.37 -26.32 0.65
N ASP A 269 -38.37 -25.89 -0.09
CA ASP A 269 -37.20 -26.73 -0.32
C ASP A 269 -36.04 -26.26 0.55
N LEU A 270 -36.28 -25.19 1.27
CA LEU A 270 -35.27 -24.57 2.09
C LEU A 270 -34.97 -25.38 3.35
N ASP A 271 -34.62 -26.65 3.20
CA ASP A 271 -34.46 -27.54 4.36
C ASP A 271 -33.47 -27.04 5.41
N ASN A 272 -32.49 -26.25 5.00
CA ASN A 272 -31.43 -25.80 5.91
C ASN A 272 -31.44 -24.32 6.21
N ILE A 273 -32.53 -23.66 5.87
CA ILE A 273 -32.60 -22.23 6.06
C ILE A 273 -32.43 -21.90 7.55
N THR A 274 -31.67 -20.85 7.83
CA THR A 274 -31.30 -20.48 9.18
C THR A 274 -31.38 -18.98 9.33
N GLN A 275 -30.96 -18.26 8.29
CA GLN A 275 -31.02 -16.81 8.30
C GLN A 275 -31.79 -16.28 7.09
N LEU A 276 -32.93 -15.67 7.35
CA LEU A 276 -33.77 -15.12 6.31
C LEU A 276 -34.01 -13.63 6.57
N ILE A 277 -33.44 -12.79 5.73
CA ILE A 277 -33.46 -11.36 5.97
C ILE A 277 -34.27 -10.65 4.91
N LEU A 278 -35.34 -9.99 5.33
CA LEU A 278 -36.21 -9.31 4.39
C LEU A 278 -36.60 -7.95 4.91
N ARG A 279 -35.65 -7.28 5.56
CA ARG A 279 -35.88 -5.92 6.03
C ARG A 279 -36.20 -5.03 4.84
N ASN A 280 -36.94 -3.97 5.10
CA ASN A 280 -37.32 -3.00 4.09
C ASN A 280 -37.89 -3.63 2.82
N ASN A 281 -38.99 -4.35 2.94
CA ASN A 281 -39.79 -4.69 1.79
C ASN A 281 -41.16 -4.16 2.06
N PRO A 282 -41.88 -3.80 1.00
CA PRO A 282 -43.24 -3.29 1.18
C PRO A 282 -44.27 -4.43 1.34
N TRP A 283 -44.17 -5.19 2.42
CA TRP A 283 -45.03 -6.36 2.61
C TRP A 283 -46.50 -5.98 2.73
N TYR A 284 -47.32 -6.61 1.92
CA TYR A 284 -48.74 -6.37 1.99
C TYR A 284 -49.45 -7.57 2.59
N CYS A 285 -50.05 -7.33 3.75
CA CYS A 285 -50.69 -8.40 4.49
C CYS A 285 -52.17 -8.51 4.16
N GLY A 286 -52.46 -9.22 3.07
CA GLY A 286 -53.83 -9.51 2.69
C GLY A 286 -54.08 -10.99 2.82
N CYS A 287 -55.09 -11.49 2.11
CA CYS A 287 -55.43 -12.90 2.12
C CYS A 287 -54.38 -13.70 1.34
N LYS A 288 -53.42 -13.01 0.76
CA LYS A 288 -52.41 -13.68 -0.05
C LYS A 288 -51.21 -13.99 0.84
N MET A 289 -51.20 -13.35 2.01
CA MET A 289 -50.09 -13.40 2.95
C MET A 289 -50.40 -14.36 4.09
N LYS A 290 -51.56 -15.01 4.05
CA LYS A 290 -51.97 -15.86 5.15
C LYS A 290 -51.12 -17.11 5.28
N TRP A 291 -50.69 -17.66 4.16
CA TRP A 291 -49.90 -18.88 4.22
C TRP A 291 -48.56 -18.60 4.94
N VAL A 292 -48.05 -17.40 4.73
CA VAL A 292 -46.78 -16.98 5.31
C VAL A 292 -46.84 -17.00 6.83
N ARG A 293 -47.96 -16.54 7.38
CA ARG A 293 -48.17 -16.54 8.82
C ARG A 293 -48.09 -17.96 9.36
N ASP A 294 -48.72 -18.89 8.66
CA ASP A 294 -48.65 -20.30 9.02
C ASP A 294 -47.25 -20.81 8.95
N TRP A 295 -46.62 -20.54 7.81
CA TRP A 295 -45.30 -21.10 7.56
C TRP A 295 -44.33 -20.60 8.63
N LEU A 296 -44.50 -19.35 9.02
CA LEU A 296 -43.70 -18.81 10.10
C LEU A 296 -43.89 -19.57 11.41
N GLN A 297 -45.12 -19.95 11.71
CA GLN A 297 -45.40 -20.63 12.98
C GLN A 297 -44.93 -22.07 12.93
N SER A 298 -44.93 -22.64 11.74
CA SER A 298 -44.43 -23.99 11.58
C SER A 298 -42.89 -24.03 11.56
N LEU A 299 -42.26 -22.87 11.44
CA LEU A 299 -40.79 -22.76 11.35
C LEU A 299 -40.07 -22.97 12.69
N PRO A 300 -39.00 -23.77 12.68
CA PRO A 300 -38.19 -24.06 13.87
C PRO A 300 -37.58 -22.84 14.54
N VAL A 301 -37.55 -22.83 15.87
CA VAL A 301 -37.03 -21.72 16.66
C VAL A 301 -35.64 -21.29 16.20
N LYS A 302 -34.86 -22.28 15.81
CA LYS A 302 -33.52 -22.13 15.27
C LYS A 302 -33.45 -21.00 14.25
N VAL A 303 -34.44 -21.00 13.34
CA VAL A 303 -34.47 -20.10 12.20
C VAL A 303 -34.75 -18.65 12.51
N ASN A 304 -33.89 -17.78 11.99
CA ASN A 304 -33.93 -16.36 12.28
C ASN A 304 -34.58 -15.56 11.13
N VAL A 305 -35.73 -14.96 11.39
CA VAL A 305 -36.44 -14.23 10.36
C VAL A 305 -36.46 -12.76 10.70
N ARG A 306 -36.12 -11.90 9.75
CA ARG A 306 -36.09 -10.47 10.03
C ARG A 306 -36.82 -9.69 8.96
N GLY A 307 -37.43 -8.59 9.37
CA GLY A 307 -38.13 -7.68 8.46
C GLY A 307 -39.50 -8.12 7.94
N LEU A 308 -39.88 -9.37 8.19
CA LEU A 308 -41.15 -9.88 7.68
C LEU A 308 -42.30 -9.30 8.48
N MET A 309 -42.56 -8.01 8.25
CA MET A 309 -43.59 -7.25 8.95
C MET A 309 -44.43 -6.42 7.99
N CYS A 310 -45.70 -6.21 8.30
CA CYS A 310 -46.58 -5.49 7.40
C CYS A 310 -46.20 -4.04 7.23
N GLN A 311 -46.22 -3.58 5.99
CA GLN A 311 -46.19 -2.15 5.72
C GLN A 311 -47.57 -1.69 5.29
N ALA A 312 -48.30 -2.58 4.61
CA ALA A 312 -49.66 -2.28 4.18
C ALA A 312 -50.61 -3.40 4.56
N PRO A 313 -51.81 -3.04 5.03
CA PRO A 313 -52.40 -1.72 5.26
C PRO A 313 -51.84 -0.98 6.47
N GLU A 314 -51.86 0.35 6.45
CA GLU A 314 -51.37 1.16 7.58
C GLU A 314 -51.92 0.67 8.88
N LYS A 315 -53.17 0.25 8.81
CA LYS A 315 -53.91 -0.33 9.91
C LYS A 315 -53.03 -1.30 10.70
N VAL A 316 -52.37 -2.19 9.99
CA VAL A 316 -51.58 -3.22 10.63
C VAL A 316 -50.08 -3.05 10.38
N ARG A 317 -49.67 -1.83 10.05
CA ARG A 317 -48.30 -1.59 9.67
C ARG A 317 -47.32 -1.75 10.82
N GLY A 318 -46.29 -2.55 10.60
CA GLY A 318 -45.22 -2.70 11.57
C GLY A 318 -45.43 -3.89 12.45
N MET A 319 -46.53 -4.59 12.24
CA MET A 319 -46.82 -5.78 13.03
C MET A 319 -46.20 -7.00 12.36
N ALA A 320 -45.69 -7.92 13.17
CA ALA A 320 -45.08 -9.13 12.65
C ALA A 320 -46.09 -10.05 11.98
N ILE A 321 -45.77 -10.45 10.75
CA ILE A 321 -46.61 -11.33 9.99
C ILE A 321 -46.85 -12.64 10.74
N LYS A 322 -45.93 -13.04 11.60
CA LYS A 322 -46.12 -14.28 12.35
C LYS A 322 -47.18 -14.13 13.42
N ASP A 323 -47.42 -12.89 13.86
CA ASP A 323 -48.34 -12.65 14.95
C ASP A 323 -49.75 -12.20 14.55
N LEU A 324 -50.02 -12.06 13.25
CA LEU A 324 -51.36 -11.61 12.87
C LEU A 324 -52.39 -12.72 12.97
N ASN A 325 -53.59 -12.32 13.35
CA ASN A 325 -54.77 -13.18 13.39
C ASN A 325 -55.71 -12.93 12.22
N ALA A 326 -56.02 -11.66 11.98
CA ALA A 326 -57.00 -11.27 10.97
C ALA A 326 -56.50 -10.13 10.09
N GLU A 327 -56.52 -10.37 8.79
CA GLU A 327 -56.07 -9.41 7.79
C GLU A 327 -56.88 -9.60 6.52
N LEU A 328 -57.12 -8.51 5.79
CA LEU A 328 -57.86 -8.54 4.53
C LEU A 328 -57.97 -7.13 3.96
N SER B 6 65.38 24.48 12.43
CA SER B 6 65.42 25.85 11.95
C SER B 6 64.01 26.37 11.72
N CYS B 7 63.66 27.42 12.44
CA CYS B 7 62.35 28.04 12.33
C CYS B 7 62.49 29.49 11.90
N PRO B 8 61.67 29.93 10.93
CA PRO B 8 61.74 31.31 10.43
C PRO B 8 61.61 32.33 11.56
N SER B 9 62.37 33.42 11.46
CA SER B 9 62.46 34.41 12.52
C SER B 9 61.09 34.94 12.95
N VAL B 10 60.25 35.23 11.98
CA VAL B 10 58.93 35.78 12.27
C VAL B 10 58.10 34.78 13.08
N CYS B 11 58.22 33.50 12.73
CA CYS B 11 57.44 32.46 13.37
C CYS B 11 58.13 31.92 14.61
N ARG B 12 57.42 31.05 15.33
CA ARG B 12 58.03 30.29 16.39
C ARG B 12 57.63 28.85 16.23
N CYS B 13 58.59 27.96 16.40
CA CYS B 13 58.38 26.54 16.14
C CYS B 13 58.51 25.73 17.41
N ASP B 14 57.59 24.81 17.60
CA ASP B 14 57.60 23.94 18.75
C ASP B 14 57.15 22.56 18.36
N ALA B 15 58.10 21.65 18.21
CA ALA B 15 57.79 20.23 18.01
C ALA B 15 56.81 19.93 16.87
N GLY B 16 57.01 20.56 15.72
CA GLY B 16 56.16 20.28 14.58
C GLY B 16 55.00 21.27 14.49
N PHE B 17 54.74 21.95 15.60
CA PHE B 17 53.75 23.01 15.68
C PHE B 17 54.37 24.35 15.34
N ILE B 18 53.91 24.93 14.24
CA ILE B 18 54.47 26.16 13.72
C ILE B 18 53.53 27.34 13.85
N TYR B 19 53.90 28.27 14.72
CA TYR B 19 53.07 29.43 15.04
C TYR B 19 53.50 30.64 14.23
N CYS B 20 52.77 30.88 13.15
CA CYS B 20 53.02 32.05 12.31
C CYS B 20 51.80 32.93 12.23
N ASN B 21 50.91 32.82 13.22
CA ASN B 21 49.66 33.57 13.22
C ASN B 21 49.76 34.99 13.77
N ASP B 22 48.83 35.84 13.35
CA ASP B 22 48.74 37.20 13.85
C ASP B 22 50.03 37.99 13.72
N ARG B 23 50.65 37.92 12.55
CA ARG B 23 51.95 38.56 12.36
C ARG B 23 52.00 39.40 11.11
N PHE B 24 50.84 39.76 10.58
CA PHE B 24 50.78 40.63 9.42
C PHE B 24 51.54 40.08 8.22
N LEU B 25 51.67 38.77 8.13
CA LEU B 25 52.38 38.21 7.00
C LEU B 25 51.55 38.45 5.77
N THR B 26 52.21 38.79 4.68
CA THR B 26 51.56 38.92 3.39
C THR B 26 51.96 37.73 2.57
N SER B 27 52.86 36.93 3.14
CA SER B 27 53.34 35.73 2.47
C SER B 27 53.67 34.69 3.52
N ILE B 28 53.64 33.41 3.14
CA ILE B 28 54.01 32.35 4.07
C ILE B 28 55.53 32.14 4.08
N PRO B 29 56.15 32.18 5.27
CA PRO B 29 57.61 32.07 5.39
C PRO B 29 58.13 30.83 4.70
N THR B 30 59.27 30.97 4.03
CA THR B 30 59.82 29.90 3.20
C THR B 30 60.54 28.78 3.95
N GLY B 31 61.14 29.10 5.09
CA GLY B 31 62.00 28.14 5.77
C GLY B 31 61.26 27.28 6.78
N ILE B 32 60.17 26.66 6.33
CA ILE B 32 59.36 25.86 7.23
C ILE B 32 59.93 24.46 7.35
N PRO B 33 60.08 23.98 8.59
CA PRO B 33 60.67 22.68 8.95
C PRO B 33 60.05 21.53 8.19
N GLU B 34 60.90 20.57 7.82
CA GLU B 34 60.49 19.44 7.02
C GLU B 34 59.53 18.54 7.79
N ASP B 35 59.55 18.67 9.11
CA ASP B 35 58.74 17.84 9.98
C ASP B 35 57.47 18.56 10.42
N ALA B 36 57.08 19.56 9.67
CA ALA B 36 55.90 20.35 10.01
C ALA B 36 54.67 19.47 10.14
N THR B 37 53.81 19.78 11.11
CA THR B 37 52.59 19.01 11.32
C THR B 37 51.33 19.88 11.31
N THR B 38 51.38 20.97 12.05
CA THR B 38 50.27 21.89 12.14
C THR B 38 50.73 23.30 11.79
N LEU B 39 50.04 23.93 10.84
CA LEU B 39 50.46 25.24 10.36
C LEU B 39 49.51 26.30 10.89
N TYR B 40 50.01 27.14 11.79
CA TYR B 40 49.22 28.24 12.32
C TYR B 40 49.52 29.49 11.54
N LEU B 41 48.67 29.78 10.57
CA LEU B 41 48.91 30.87 9.66
C LEU B 41 47.76 31.85 9.71
N GLN B 42 46.88 31.67 10.70
CA GLN B 42 45.68 32.48 10.79
C GLN B 42 45.95 33.94 11.11
N ASN B 43 44.98 34.79 10.80
CA ASN B 43 45.04 36.21 11.13
C ASN B 43 46.22 36.98 10.55
N ASN B 44 46.52 36.72 9.29
CA ASN B 44 47.51 37.46 8.54
C ASN B 44 46.87 38.07 7.30
N GLN B 45 47.62 38.92 6.62
CA GLN B 45 47.15 39.48 5.37
C GLN B 45 47.66 38.67 4.21
N ILE B 46 47.46 37.36 4.28
CA ILE B 46 48.01 36.45 3.28
C ILE B 46 47.11 36.27 2.08
N ASN B 47 47.68 36.51 0.91
CA ASN B 47 46.99 36.35 -0.35
C ASN B 47 47.62 35.24 -1.17
N ASN B 48 46.99 34.94 -2.30
CA ASN B 48 47.37 33.82 -3.14
C ASN B 48 48.78 33.85 -3.69
N ALA B 49 49.36 35.04 -3.80
CA ALA B 49 50.70 35.14 -4.35
C ALA B 49 51.75 34.95 -3.26
N GLY B 50 51.30 34.66 -2.05
CA GLY B 50 52.17 34.52 -0.91
C GLY B 50 52.43 33.08 -0.51
N ILE B 51 52.29 32.17 -1.47
CA ILE B 51 52.51 30.75 -1.23
C ILE B 51 53.82 30.24 -1.86
N PRO B 52 54.79 29.92 -1.01
CA PRO B 52 56.09 29.47 -1.48
C PRO B 52 56.03 28.16 -2.23
N SER B 53 56.99 27.96 -3.12
CA SER B 53 57.06 26.77 -3.95
C SER B 53 57.40 25.54 -3.12
N ASP B 54 58.08 25.75 -2.01
CA ASP B 54 58.53 24.65 -1.15
C ASP B 54 57.44 24.15 -0.22
N LEU B 55 56.34 24.89 -0.12
CA LEU B 55 55.22 24.49 0.72
C LEU B 55 54.70 23.13 0.30
N LYS B 56 54.65 22.91 -1.00
CA LYS B 56 54.24 21.63 -1.58
C LYS B 56 54.97 20.46 -0.96
N ASN B 57 56.23 20.70 -0.61
CA ASN B 57 57.13 19.67 -0.11
C ASN B 57 56.97 19.31 1.37
N LEU B 58 56.13 20.01 2.11
CA LEU B 58 55.96 19.71 3.53
C LEU B 58 55.05 18.49 3.75
N LEU B 59 55.64 17.32 3.56
CA LEU B 59 54.92 16.06 3.45
C LEU B 59 54.31 15.52 4.76
N LYS B 60 54.54 16.20 5.88
CA LYS B 60 53.99 15.75 7.16
C LYS B 60 52.94 16.69 7.71
N VAL B 61 52.54 17.65 6.90
CA VAL B 61 51.55 18.62 7.32
C VAL B 61 50.17 18.03 7.27
N GLU B 62 49.45 18.08 8.38
CA GLU B 62 48.11 17.52 8.40
C GLU B 62 47.06 18.58 8.64
N ARG B 63 47.43 19.63 9.36
CA ARG B 63 46.50 20.69 9.69
C ARG B 63 47.06 22.07 9.34
N ILE B 64 46.30 22.83 8.57
CA ILE B 64 46.66 24.19 8.24
C ILE B 64 45.53 25.10 8.64
N TYR B 65 45.82 26.10 9.47
CA TYR B 65 44.83 27.07 9.84
C TYR B 65 45.17 28.37 9.12
N LEU B 66 44.49 28.58 7.99
CA LEU B 66 44.69 29.74 7.14
C LEU B 66 43.49 30.65 7.16
N TYR B 67 42.71 30.57 8.23
CA TYR B 67 41.49 31.36 8.32
C TYR B 67 41.82 32.81 8.63
N HIS B 68 40.92 33.71 8.22
CA HIS B 68 41.06 35.15 8.46
C HIS B 68 42.29 35.74 7.77
N ASN B 69 42.52 35.32 6.54
CA ASN B 69 43.59 35.87 5.73
C ASN B 69 42.96 36.58 4.55
N SER B 70 43.77 37.04 3.59
CA SER B 70 43.25 37.83 2.47
C SER B 70 43.26 37.13 1.11
N LEU B 71 43.11 35.82 1.09
CA LEU B 71 43.09 35.03 -0.14
C LEU B 71 41.86 35.27 -0.98
N ASP B 72 42.02 35.57 -2.26
CA ASP B 72 40.84 35.78 -3.06
C ASP B 72 40.55 34.62 -4.01
N GLU B 73 41.35 33.56 -3.95
CA GLU B 73 40.97 32.35 -4.68
C GLU B 73 41.61 31.11 -4.05
N PHE B 74 41.19 29.92 -4.47
CA PHE B 74 41.59 28.71 -3.75
C PHE B 74 43.07 28.37 -3.90
N PRO B 75 43.77 28.20 -2.77
CA PRO B 75 45.21 28.00 -2.71
C PRO B 75 45.68 26.73 -3.38
N THR B 76 46.55 26.85 -4.38
CA THR B 76 47.20 25.69 -4.97
C THR B 76 48.56 25.54 -4.34
N ASN B 77 49.30 24.50 -4.72
CA ASN B 77 50.66 24.26 -4.22
C ASN B 77 50.76 24.08 -2.71
N LEU B 78 49.68 23.56 -2.13
CA LEU B 78 49.60 23.26 -0.71
C LEU B 78 50.20 21.89 -0.43
N PRO B 79 50.68 21.67 0.80
CA PRO B 79 51.33 20.42 1.17
C PRO B 79 50.55 19.21 0.69
N LYS B 80 51.19 18.32 -0.06
CA LYS B 80 50.48 17.28 -0.79
C LYS B 80 49.53 16.47 0.09
N TYR B 81 49.85 16.33 1.36
CA TYR B 81 49.10 15.43 2.24
C TYR B 81 48.21 16.11 3.29
N VAL B 82 47.72 17.33 3.03
CA VAL B 82 46.84 17.99 4.00
C VAL B 82 45.60 17.16 4.22
N LYS B 83 45.08 17.18 5.44
CA LYS B 83 43.84 16.50 5.77
C LYS B 83 42.82 17.46 6.39
N GLU B 84 43.31 18.42 7.17
CA GLU B 84 42.47 19.46 7.78
C GLU B 84 42.85 20.82 7.23
N LEU B 85 41.89 21.53 6.65
CA LEU B 85 42.17 22.80 6.01
C LEU B 85 41.12 23.86 6.34
N HIS B 86 41.57 24.96 6.92
CA HIS B 86 40.67 26.00 7.38
C HIS B 86 40.85 27.33 6.63
N LEU B 87 39.94 27.63 5.72
CA LEU B 87 40.08 28.80 4.88
C LEU B 87 39.03 29.86 5.18
N GLN B 88 38.37 29.74 6.32
CA GLN B 88 37.25 30.64 6.58
C GLN B 88 37.71 32.07 6.69
N GLU B 89 36.77 32.99 6.47
CA GLU B 89 37.05 34.42 6.51
C GLU B 89 38.20 34.85 5.58
N ASN B 90 38.19 34.29 4.38
CA ASN B 90 39.01 34.74 3.26
C ASN B 90 38.07 35.23 2.14
N ASN B 91 38.61 35.63 0.99
CA ASN B 91 37.77 36.04 -0.14
C ASN B 91 37.81 35.10 -1.30
N ILE B 92 37.66 33.82 -1.08
CA ILE B 92 37.80 32.94 -2.21
C ILE B 92 36.54 33.00 -3.07
N ARG B 93 36.73 33.18 -4.36
CA ARG B 93 35.63 33.07 -5.29
C ARG B 93 35.88 31.81 -6.09
N THR B 94 37.00 31.78 -6.78
CA THR B 94 37.32 30.65 -7.63
C THR B 94 37.84 29.48 -6.83
N ILE B 95 37.44 28.28 -7.23
CA ILE B 95 38.02 27.05 -6.78
C ILE B 95 38.23 26.18 -8.00
N THR B 96 39.47 25.79 -8.21
CA THR B 96 39.84 25.06 -9.41
C THR B 96 40.26 23.65 -9.13
N TYR B 97 40.10 22.80 -10.13
CA TYR B 97 40.47 21.41 -9.99
C TYR B 97 41.92 21.31 -9.63
N ASP B 98 42.74 22.12 -10.31
CA ASP B 98 44.16 22.08 -10.10
C ASP B 98 44.50 22.30 -8.64
N SER B 99 43.90 23.32 -8.03
CA SER B 99 44.10 23.60 -6.62
C SER B 99 43.75 22.40 -5.74
N LEU B 100 42.60 21.77 -5.98
CA LEU B 100 42.17 20.66 -5.15
C LEU B 100 42.88 19.37 -5.51
N SER B 101 43.34 19.24 -6.75
CA SER B 101 44.08 18.05 -7.16
C SER B 101 45.34 17.90 -6.36
N LYS B 102 45.88 19.04 -5.94
CA LYS B 102 47.15 19.07 -5.26
C LYS B 102 47.08 18.41 -3.89
N ILE B 103 45.89 18.39 -3.30
CA ILE B 103 45.71 17.83 -1.97
C ILE B 103 44.59 16.79 -1.91
N PRO B 104 44.72 15.71 -2.69
CA PRO B 104 43.65 14.74 -2.91
C PRO B 104 43.27 13.95 -1.67
N TYR B 105 44.06 14.07 -0.60
CA TYR B 105 43.78 13.30 0.60
C TYR B 105 43.06 14.17 1.59
N LEU B 106 42.56 15.30 1.12
CA LEU B 106 41.93 16.25 2.01
C LEU B 106 40.67 15.61 2.56
N GLU B 107 40.45 15.78 3.85
CA GLU B 107 39.37 15.10 4.53
C GLU B 107 38.29 16.04 5.03
N GLU B 108 38.69 17.19 5.55
CA GLU B 108 37.71 18.18 5.94
C GLU B 108 38.17 19.58 5.53
N LEU B 109 37.23 20.37 5.03
CA LEU B 109 37.51 21.64 4.40
C LEU B 109 36.56 22.72 4.88
N HIS B 110 37.10 23.77 5.49
CA HIS B 110 36.26 24.82 6.04
C HIS B 110 36.36 26.07 5.20
N LEU B 111 35.29 26.39 4.48
CA LEU B 111 35.29 27.57 3.63
C LEU B 111 34.29 28.62 4.10
N ASP B 112 33.92 28.56 5.37
CA ASP B 112 32.96 29.52 5.92
C ASP B 112 33.37 30.98 5.66
N ASP B 113 32.38 31.85 5.47
CA ASP B 113 32.64 33.28 5.28
C ASP B 113 33.58 33.57 4.12
N ASN B 114 33.25 33.06 2.94
CA ASN B 114 33.98 33.43 1.74
C ASN B 114 33.02 33.96 0.65
N SER B 115 33.45 33.93 -0.61
CA SER B 115 32.64 34.49 -1.68
C SER B 115 32.45 33.50 -2.82
N VAL B 116 32.26 32.24 -2.48
CA VAL B 116 32.08 31.21 -3.49
C VAL B 116 30.67 31.22 -4.05
N SER B 117 30.59 31.08 -5.37
CA SER B 117 29.32 30.86 -6.04
C SER B 117 29.44 29.57 -6.79
N ALA B 118 28.32 29.05 -7.27
CA ALA B 118 28.32 27.78 -7.99
C ALA B 118 29.13 27.88 -9.28
N VAL B 119 29.07 29.03 -9.91
CA VAL B 119 29.77 29.24 -11.17
C VAL B 119 31.25 29.48 -10.92
N SER B 120 31.57 29.98 -9.74
CA SER B 120 32.96 30.26 -9.39
C SER B 120 33.70 28.98 -9.05
N ILE B 121 33.01 27.84 -9.05
CA ILE B 121 33.65 26.56 -8.79
C ILE B 121 33.88 25.77 -10.07
N GLU B 122 35.13 25.51 -10.41
CA GLU B 122 35.43 24.78 -11.63
C GLU B 122 34.69 23.47 -11.66
N GLU B 123 34.16 23.12 -12.83
CA GLU B 123 33.40 21.90 -12.96
C GLU B 123 34.27 20.69 -12.71
N GLY B 124 33.98 19.99 -11.63
CA GLY B 124 34.73 18.80 -11.30
C GLY B 124 35.92 19.16 -10.43
N ALA B 125 35.81 20.29 -9.73
CA ALA B 125 36.88 20.74 -8.86
C ALA B 125 37.26 19.65 -7.86
N PHE B 126 36.27 18.90 -7.39
CA PHE B 126 36.48 17.90 -6.34
C PHE B 126 36.76 16.48 -6.82
N ARG B 127 36.88 16.28 -8.13
CA ARG B 127 36.95 14.92 -8.68
C ARG B 127 37.99 14.07 -8.00
N ASP B 128 39.06 14.68 -7.51
CA ASP B 128 40.09 13.87 -6.85
C ASP B 128 39.96 13.84 -5.34
N SER B 129 39.10 14.69 -4.80
CA SER B 129 38.96 14.74 -3.36
C SER B 129 38.24 13.50 -2.84
N ASN B 130 38.85 12.33 -3.03
CA ASN B 130 38.14 11.09 -2.78
C ASN B 130 38.12 10.76 -1.30
N TYR B 131 38.44 11.73 -0.46
CA TYR B 131 38.48 11.47 0.97
C TYR B 131 37.79 12.59 1.72
N LEU B 132 37.16 13.48 0.98
CA LEU B 132 36.54 14.61 1.63
C LEU B 132 35.30 14.13 2.41
N ARG B 133 35.25 14.47 3.70
CA ARG B 133 34.18 14.04 4.57
C ARG B 133 33.38 15.21 5.10
N LEU B 134 34.06 16.31 5.39
CA LEU B 134 33.40 17.51 5.89
C LEU B 134 33.58 18.67 4.93
N LEU B 135 32.48 19.22 4.42
CA LEU B 135 32.56 20.36 3.52
C LEU B 135 31.67 21.49 3.99
N PHE B 136 32.29 22.58 4.43
CA PHE B 136 31.53 23.69 4.99
C PHE B 136 31.54 24.90 4.08
N LEU B 137 30.39 25.24 3.52
CA LEU B 137 30.27 26.42 2.67
C LEU B 137 29.30 27.40 3.28
N SER B 138 29.25 27.39 4.61
CA SER B 138 28.43 28.33 5.31
C SER B 138 28.76 29.77 4.89
N ARG B 139 27.72 30.56 4.65
CA ARG B 139 27.87 31.99 4.37
C ARG B 139 28.74 32.37 3.17
N ASN B 140 28.45 31.78 2.03
CA ASN B 140 29.06 32.18 0.78
C ASN B 140 28.04 32.77 -0.15
N HIS B 141 28.37 32.84 -1.44
CA HIS B 141 27.47 33.44 -2.41
C HIS B 141 26.80 32.40 -3.29
N LEU B 142 26.59 31.20 -2.78
CA LEU B 142 25.95 30.16 -3.56
C LEU B 142 24.47 30.46 -3.80
N SER B 143 24.01 30.24 -5.03
CA SER B 143 22.58 30.40 -5.26
C SER B 143 21.99 29.06 -5.61
N THR B 144 22.85 28.06 -5.76
CA THR B 144 22.38 26.70 -5.94
C THR B 144 23.42 25.70 -5.46
N ILE B 145 23.12 24.43 -5.61
CA ILE B 145 24.06 23.43 -5.15
C ILE B 145 24.89 22.92 -6.34
N PRO B 146 26.22 23.00 -6.22
CA PRO B 146 27.20 22.57 -7.23
C PRO B 146 27.06 21.10 -7.55
N TRP B 147 27.06 20.76 -8.82
CA TRP B 147 26.79 19.38 -9.22
C TRP B 147 27.89 18.34 -8.88
N GLY B 148 29.16 18.67 -9.07
CA GLY B 148 30.18 17.65 -8.87
C GLY B 148 30.82 17.59 -7.48
N LEU B 149 30.20 16.82 -6.60
CA LEU B 149 30.67 16.68 -5.22
C LEU B 149 30.99 15.22 -4.95
N PRO B 150 32.02 14.97 -4.13
CA PRO B 150 32.45 13.59 -3.83
C PRO B 150 31.44 12.80 -2.98
N ARG B 151 31.25 11.51 -3.30
CA ARG B 151 30.32 10.66 -2.57
C ARG B 151 30.63 10.56 -1.07
N THR B 152 31.89 10.78 -0.71
CA THR B 152 32.33 10.57 0.66
C THR B 152 31.85 11.62 1.63
N ILE B 153 31.24 12.68 1.14
CA ILE B 153 30.80 13.74 2.03
C ILE B 153 29.83 13.17 3.08
N GLU B 154 30.03 13.57 4.34
CA GLU B 154 29.17 13.12 5.41
C GLU B 154 28.50 14.32 6.06
N GLU B 155 29.16 15.48 5.97
CA GLU B 155 28.55 16.70 6.47
C GLU B 155 28.69 17.83 5.45
N LEU B 156 27.59 18.54 5.24
CA LEU B 156 27.52 19.55 4.21
C LEU B 156 26.81 20.77 4.71
N ARG B 157 27.56 21.79 5.11
CA ARG B 157 26.96 22.99 5.63
C ARG B 157 26.82 24.05 4.53
N LEU B 158 25.59 24.40 4.22
CA LEU B 158 25.30 25.37 3.18
C LEU B 158 24.48 26.49 3.77
N ASP B 159 24.60 26.72 5.06
CA ASP B 159 23.71 27.68 5.67
C ASP B 159 24.01 29.09 5.20
N ASP B 160 22.96 29.88 5.19
CA ASP B 160 23.00 31.30 4.93
C ASP B 160 23.80 31.70 3.70
N ASN B 161 23.37 31.15 2.58
CA ASN B 161 23.85 31.50 1.26
C ASN B 161 22.67 32.11 0.57
N ARG B 162 22.68 32.17 -0.75
CA ARG B 162 21.51 32.66 -1.45
C ARG B 162 20.92 31.52 -2.28
N ILE B 163 20.82 30.33 -1.71
CA ILE B 163 20.37 29.20 -2.50
C ILE B 163 18.85 29.26 -2.71
N SER B 164 18.44 29.14 -3.96
CA SER B 164 17.05 29.23 -4.32
C SER B 164 16.64 27.99 -5.09
N THR B 165 17.63 27.19 -5.44
CA THR B 165 17.36 25.97 -6.18
C THR B 165 18.25 24.79 -5.79
N ILE B 166 17.68 23.59 -5.92
CA ILE B 166 18.37 22.35 -5.63
C ILE B 166 18.02 21.25 -6.64
N SER B 167 18.90 21.03 -7.61
CA SER B 167 18.75 19.97 -8.61
C SER B 167 18.95 18.60 -7.99
N SER B 168 18.39 17.58 -8.62
CA SER B 168 18.56 16.23 -8.10
C SER B 168 20.02 15.76 -8.05
N PRO B 169 20.78 15.95 -9.15
CA PRO B 169 22.13 15.36 -9.12
C PRO B 169 23.03 16.00 -8.08
N SER B 170 22.70 17.21 -7.67
CA SER B 170 23.52 17.88 -6.68
C SER B 170 23.55 17.11 -5.37
N LEU B 171 22.42 16.56 -4.96
CA LEU B 171 22.40 15.80 -3.71
C LEU B 171 22.33 14.33 -3.94
N GLN B 172 21.85 13.93 -5.10
CA GLN B 172 21.86 12.50 -5.41
C GLN B 172 23.31 12.07 -5.57
N GLY B 173 23.59 10.84 -5.18
CA GLY B 173 24.95 10.33 -5.21
C GLY B 173 25.61 10.48 -3.86
N LEU B 174 25.12 11.43 -3.06
CA LEU B 174 25.69 11.67 -1.75
C LEU B 174 25.20 10.68 -0.71
N THR B 175 25.32 9.39 -1.01
CA THR B 175 24.73 8.33 -0.19
C THR B 175 25.38 8.12 1.16
N SER B 176 26.33 8.98 1.53
CA SER B 176 26.98 8.85 2.81
C SER B 176 26.72 10.07 3.63
N LEU B 177 26.02 11.02 3.02
CA LEU B 177 25.71 12.27 3.69
C LEU B 177 24.87 11.95 4.90
N LYS B 178 25.27 12.48 6.05
CA LYS B 178 24.57 12.22 7.28
C LYS B 178 23.90 13.47 7.83
N ARG B 179 24.54 14.61 7.63
CA ARG B 179 24.02 15.88 8.15
C ARG B 179 23.96 16.91 7.03
N LEU B 180 22.82 17.54 6.85
CA LEU B 180 22.66 18.54 5.78
C LEU B 180 22.02 19.82 6.33
N VAL B 181 22.77 20.93 6.26
CA VAL B 181 22.34 22.20 6.84
C VAL B 181 22.06 23.23 5.77
N LEU B 182 20.80 23.62 5.64
CA LEU B 182 20.40 24.58 4.64
C LEU B 182 19.67 25.77 5.24
N ASP B 183 20.04 26.14 6.46
CA ASP B 183 19.43 27.30 7.11
C ASP B 183 19.68 28.57 6.31
N GLY B 184 18.86 29.58 6.56
CA GLY B 184 19.07 30.92 6.02
C GLY B 184 19.25 31.08 4.51
N ASN B 185 18.47 30.35 3.74
CA ASN B 185 18.58 30.49 2.29
C ASN B 185 17.28 31.04 1.75
N LEU B 186 17.15 31.10 0.43
CA LEU B 186 15.91 31.55 -0.21
C LEU B 186 15.15 30.39 -0.87
N LEU B 187 15.01 29.28 -0.17
CA LEU B 187 14.37 28.11 -0.78
C LEU B 187 12.85 28.06 -0.61
N ASN B 188 12.16 27.66 -1.68
CA ASN B 188 10.75 27.35 -1.57
C ASN B 188 10.56 26.05 -2.33
N ASN B 189 9.41 25.43 -2.16
CA ASN B 189 9.22 24.08 -2.68
C ASN B 189 9.36 24.00 -4.18
N HIS B 190 9.17 25.11 -4.86
CA HIS B 190 9.35 25.15 -6.31
C HIS B 190 10.82 24.92 -6.65
N GLY B 191 11.70 25.40 -5.78
CA GLY B 191 13.14 25.25 -5.97
C GLY B 191 13.68 23.85 -5.74
N LEU B 192 12.86 23.00 -5.13
CA LEU B 192 13.25 21.64 -4.81
C LEU B 192 13.06 20.69 -5.98
N GLY B 193 14.04 19.85 -6.24
CA GLY B 193 13.92 18.85 -7.29
C GLY B 193 13.06 17.71 -6.81
N ASP B 194 12.72 16.80 -7.72
CA ASP B 194 11.73 15.78 -7.44
C ASP B 194 12.11 14.88 -6.26
N LYS B 195 13.30 14.31 -6.31
CA LYS B 195 13.73 13.33 -5.31
C LYS B 195 15.10 13.68 -4.78
N VAL B 196 15.30 14.96 -4.51
CA VAL B 196 16.62 15.44 -4.13
C VAL B 196 17.12 14.80 -2.86
N PHE B 197 16.20 14.53 -1.92
CA PHE B 197 16.60 13.98 -0.63
C PHE B 197 16.38 12.48 -0.58
N PHE B 198 15.70 11.97 -1.58
CA PHE B 198 15.20 10.60 -1.55
C PHE B 198 16.32 9.57 -1.38
N ASN B 199 17.50 9.85 -1.93
CA ASN B 199 18.60 8.89 -1.89
C ASN B 199 19.53 9.05 -0.70
N LEU B 200 19.27 10.03 0.15
CA LEU B 200 20.15 10.23 1.27
C LEU B 200 19.90 9.20 2.37
N VAL B 201 20.25 7.95 2.10
CA VAL B 201 20.01 6.83 3.02
C VAL B 201 20.64 7.04 4.39
N ASN B 202 21.82 7.64 4.40
CA ASN B 202 22.61 7.86 5.61
C ASN B 202 22.25 9.15 6.32
N LEU B 203 21.28 9.88 5.79
CA LEU B 203 20.95 11.19 6.36
C LEU B 203 20.37 11.08 7.76
N THR B 204 20.89 11.91 8.66
CA THR B 204 20.54 11.87 10.08
C THR B 204 19.95 13.21 10.52
N GLU B 205 20.48 14.29 9.98
CA GLU B 205 19.95 15.62 10.24
C GLU B 205 19.58 16.34 8.95
N LEU B 206 18.37 16.87 8.87
CA LEU B 206 18.05 17.83 7.82
C LEU B 206 17.57 19.11 8.47
N SER B 207 18.22 20.21 8.14
CA SER B 207 17.88 21.48 8.75
C SER B 207 17.58 22.50 7.66
N LEU B 208 16.31 22.87 7.54
CA LEU B 208 15.85 23.79 6.53
C LEU B 208 15.24 24.99 7.21
N VAL B 209 15.79 25.32 8.36
CA VAL B 209 15.36 26.49 9.10
C VAL B 209 15.52 27.75 8.24
N ARG B 210 14.64 28.72 8.46
CA ARG B 210 14.79 30.04 7.89
C ARG B 210 14.87 30.01 6.37
N ASN B 211 13.89 29.37 5.75
CA ASN B 211 13.73 29.46 4.31
C ASN B 211 12.32 29.98 3.95
N SER B 212 11.84 29.64 2.75
CA SER B 212 10.51 30.07 2.33
C SER B 212 9.66 28.91 1.86
N LEU B 213 9.81 27.77 2.54
CA LEU B 213 8.97 26.62 2.26
C LEU B 213 7.50 26.92 2.60
N THR B 214 6.60 26.42 1.78
CA THR B 214 5.17 26.61 2.03
C THR B 214 4.51 25.29 2.32
N ALA B 215 5.29 24.23 2.22
CA ALA B 215 4.80 22.89 2.49
C ALA B 215 5.93 22.04 3.06
N ALA B 216 5.60 21.18 4.00
CA ALA B 216 6.56 20.22 4.49
C ALA B 216 7.07 19.41 3.29
N PRO B 217 8.39 19.32 3.14
CA PRO B 217 8.95 18.64 1.98
C PRO B 217 8.61 17.16 1.96
N VAL B 218 8.49 16.59 0.78
CA VAL B 218 8.15 15.18 0.68
C VAL B 218 9.32 14.37 0.17
N ASN B 219 9.11 13.06 0.13
CA ASN B 219 10.07 12.10 -0.39
C ASN B 219 11.38 12.14 0.39
N LEU B 220 11.28 12.46 1.67
CA LEU B 220 12.43 12.45 2.57
C LEU B 220 12.90 11.02 2.78
N PRO B 221 14.18 10.85 3.13
CA PRO B 221 14.70 9.50 3.40
C PRO B 221 14.35 9.07 4.81
N GLY B 222 13.89 7.85 4.99
CA GLY B 222 13.44 7.46 6.31
C GLY B 222 14.33 6.42 6.96
N THR B 223 15.44 6.11 6.31
CA THR B 223 16.29 5.04 6.79
C THR B 223 17.04 5.46 8.05
N ASN B 224 17.50 6.70 8.10
CA ASN B 224 18.27 7.15 9.26
C ASN B 224 17.79 8.48 9.79
N LEU B 225 16.86 9.11 9.09
CA LEU B 225 16.46 10.47 9.43
C LEU B 225 15.99 10.53 10.84
N ARG B 226 16.65 11.37 11.62
CA ARG B 226 16.51 11.36 13.04
C ARG B 226 16.07 12.73 13.52
N LYS B 227 16.57 13.75 12.84
CA LYS B 227 16.23 15.14 13.16
C LYS B 227 15.75 15.87 11.93
N LEU B 228 14.69 16.65 12.09
CA LEU B 228 14.09 17.37 10.99
C LEU B 228 13.62 18.73 11.44
N TYR B 229 14.34 19.76 11.02
CA TYR B 229 14.10 21.12 11.50
C TYR B 229 13.49 22.00 10.42
N LEU B 230 12.24 22.40 10.63
CA LEU B 230 11.53 23.18 9.63
C LEU B 230 11.01 24.50 10.15
N GLN B 231 11.60 25.00 11.22
CA GLN B 231 11.14 26.25 11.78
C GLN B 231 11.28 27.37 10.77
N ASP B 232 10.66 28.51 11.07
CA ASP B 232 10.89 29.77 10.40
C ASP B 232 10.85 29.70 8.87
N ASN B 233 9.83 29.02 8.38
CA ASN B 233 9.49 29.02 6.98
C ASN B 233 8.12 29.64 6.86
N HIS B 234 7.36 29.24 5.86
CA HIS B 234 5.94 29.61 5.77
C HIS B 234 5.08 28.41 5.37
N ILE B 235 5.19 27.33 6.14
CA ILE B 235 4.57 26.06 5.80
C ILE B 235 3.06 26.07 6.00
N ASN B 236 2.35 25.84 4.90
CA ASN B 236 0.89 25.84 4.90
C ASN B 236 0.32 24.49 5.16
N ARG B 237 1.03 23.48 4.68
CA ARG B 237 0.43 22.16 4.50
C ARG B 237 1.37 21.07 4.92
N VAL B 238 0.81 19.95 5.36
CA VAL B 238 1.59 18.75 5.56
C VAL B 238 1.00 17.71 4.65
N PRO B 239 1.55 17.60 3.45
CA PRO B 239 1.13 16.64 2.43
C PRO B 239 1.04 15.26 3.02
N PRO B 240 0.10 14.44 2.53
CA PRO B 240 -0.28 13.18 3.17
C PRO B 240 0.91 12.27 3.47
N ASN B 241 1.91 12.32 2.60
CA ASN B 241 3.08 11.46 2.71
C ASN B 241 4.34 12.15 3.25
N ALA B 242 4.17 13.29 3.92
CA ALA B 242 5.29 14.09 4.37
C ALA B 242 6.16 13.38 5.40
N PHE B 243 5.53 12.70 6.33
CA PHE B 243 6.28 12.05 7.38
C PHE B 243 6.11 10.55 7.28
N SER B 244 5.84 10.11 6.07
CA SER B 244 5.76 8.70 5.78
C SER B 244 7.11 8.04 5.99
N TYR B 245 7.11 6.89 6.65
CA TYR B 245 8.28 6.01 6.70
C TYR B 245 9.45 6.60 7.49
N LEU B 246 9.23 7.71 8.17
CA LEU B 246 10.23 8.30 9.05
C LEU B 246 10.27 7.59 10.39
N ARG B 247 10.54 6.29 10.37
CA ARG B 247 10.41 5.49 11.57
C ARG B 247 11.51 5.73 12.60
N GLN B 248 12.58 6.42 12.20
CA GLN B 248 13.67 6.67 13.13
C GLN B 248 13.63 8.11 13.61
N LEU B 249 12.72 8.89 13.06
CA LEU B 249 12.62 10.30 13.42
C LEU B 249 12.23 10.46 14.87
N TYR B 250 13.10 11.08 15.66
CA TYR B 250 12.79 11.32 17.05
C TYR B 250 12.59 12.80 17.31
N ARG B 251 13.06 13.63 16.38
CA ARG B 251 12.86 15.06 16.51
C ARG B 251 12.32 15.71 15.25
N LEU B 252 11.33 16.58 15.44
CA LEU B 252 10.68 17.29 14.35
C LEU B 252 10.27 18.63 14.88
N ASP B 253 10.69 19.70 14.20
CA ASP B 253 10.39 21.05 14.65
C ASP B 253 9.79 21.87 13.52
N MET B 254 8.60 22.41 13.76
CA MET B 254 7.96 23.24 12.76
C MET B 254 7.47 24.53 13.37
N SER B 255 8.14 24.99 14.42
CA SER B 255 7.79 26.28 15.04
C SER B 255 7.89 27.43 14.04
N ASN B 256 7.25 28.55 14.37
CA ASN B 256 7.21 29.70 13.47
C ASN B 256 6.91 29.33 12.03
N ASN B 257 5.71 28.81 11.82
CA ASN B 257 5.25 28.51 10.49
C ASN B 257 3.78 28.90 10.35
N ASN B 258 3.11 28.33 9.36
CA ASN B 258 1.76 28.76 9.04
C ASN B 258 0.74 27.63 8.95
N LEU B 259 0.80 26.72 9.90
CA LEU B 259 -0.09 25.58 9.87
C LEU B 259 -1.33 25.91 10.70
N SER B 260 -2.51 25.53 10.21
CA SER B 260 -3.72 25.71 11.00
C SER B 260 -4.38 24.37 11.27
N ASN B 261 -4.03 23.39 10.44
CA ASN B 261 -4.59 22.06 10.53
C ASN B 261 -3.59 21.01 10.07
N LEU B 262 -3.74 19.81 10.62
CA LEU B 262 -2.94 18.65 10.27
C LEU B 262 -3.84 17.56 9.71
N PRO B 263 -3.43 16.93 8.60
CA PRO B 263 -4.19 15.81 8.06
C PRO B 263 -4.26 14.66 9.07
N GLN B 264 -5.22 13.77 8.91
CA GLN B 264 -5.39 12.70 9.88
C GLN B 264 -4.31 11.65 9.69
N GLY B 265 -3.55 11.39 10.74
CA GLY B 265 -2.53 10.35 10.73
C GLY B 265 -1.29 10.61 9.89
N ILE B 266 -0.84 11.86 9.82
CA ILE B 266 0.44 12.17 9.18
C ILE B 266 1.57 11.68 10.05
N PHE B 267 1.26 11.52 11.33
CA PHE B 267 2.26 11.13 12.30
C PHE B 267 2.26 9.63 12.58
N ASP B 268 1.67 8.83 11.71
CA ASP B 268 1.46 7.42 12.02
C ASP B 268 2.69 6.53 11.88
N ASP B 269 3.73 7.01 11.23
CA ASP B 269 4.90 6.18 11.04
C ASP B 269 6.05 6.61 11.97
N LEU B 270 5.84 7.69 12.71
CA LEU B 270 6.87 8.24 13.55
C LEU B 270 7.15 7.42 14.78
N ASP B 271 7.50 6.16 14.59
CA ASP B 271 7.66 5.23 15.71
C ASP B 271 8.60 5.72 16.79
N ASN B 272 9.51 6.62 16.45
CA ASN B 272 10.50 7.02 17.43
C ASN B 272 10.39 8.46 17.85
N ILE B 273 9.29 9.10 17.48
CA ILE B 273 9.11 10.52 17.76
C ILE B 273 9.19 10.73 19.25
N THR B 274 9.86 11.80 19.66
CA THR B 274 10.13 12.02 21.07
C THR B 274 10.00 13.49 21.39
N GLN B 275 10.41 14.31 20.44
CA GLN B 275 10.28 15.74 20.57
C GLN B 275 9.58 16.36 19.39
N LEU B 276 8.41 16.91 19.65
CA LEU B 276 7.59 17.52 18.62
C LEU B 276 7.28 18.97 18.99
N ILE B 277 7.92 19.89 18.28
CA ILE B 277 7.80 21.29 18.61
C ILE B 277 7.06 22.01 17.50
N LEU B 278 5.94 22.60 17.87
CA LEU B 278 5.07 23.31 16.95
C LEU B 278 4.63 24.61 17.56
N ARG B 279 5.54 25.28 18.26
CA ARG B 279 5.26 26.59 18.82
C ARG B 279 4.94 27.57 17.71
N ASN B 280 4.15 28.58 18.03
CA ASN B 280 3.80 29.65 17.09
C ASN B 280 3.36 29.19 15.71
N ASN B 281 2.30 28.38 15.67
CA ASN B 281 1.56 28.13 14.43
C ASN B 281 0.13 28.52 14.71
N PRO B 282 -0.56 28.99 13.67
CA PRO B 282 -1.95 29.43 13.85
C PRO B 282 -2.93 28.27 13.85
N TRP B 283 -2.88 27.45 14.89
CA TRP B 283 -3.74 26.28 14.98
C TRP B 283 -5.20 26.66 15.09
N TYR B 284 -6.03 26.11 14.20
CA TYR B 284 -7.46 26.38 14.22
C TYR B 284 -8.19 25.14 14.72
N CYS B 285 -8.85 25.29 15.85
CA CYS B 285 -9.45 24.16 16.51
C CYS B 285 -10.89 23.95 16.05
N GLY B 286 -11.04 23.30 14.90
CA GLY B 286 -12.34 22.97 14.35
C GLY B 286 -12.60 21.47 14.36
N CYS B 287 -13.47 20.99 13.50
CA CYS B 287 -13.75 19.57 13.47
C CYS B 287 -12.60 18.73 12.90
N LYS B 288 -11.58 19.39 12.37
CA LYS B 288 -10.44 18.69 11.78
C LYS B 288 -9.27 18.58 12.74
N MET B 289 -9.40 19.27 13.87
CA MET B 289 -8.34 19.33 14.85
C MET B 289 -8.68 18.33 15.93
N LYS B 290 -9.84 17.70 15.79
CA LYS B 290 -10.36 16.76 16.78
C LYS B 290 -9.57 15.46 16.86
N TRP B 291 -9.07 14.97 15.72
CA TRP B 291 -8.31 13.73 15.70
C TRP B 291 -7.03 13.91 16.51
N VAL B 292 -6.45 15.10 16.44
CA VAL B 292 -5.20 15.41 17.11
C VAL B 292 -5.35 15.27 18.62
N ARG B 293 -6.49 15.72 19.14
CA ARG B 293 -6.77 15.63 20.56
C ARG B 293 -6.77 14.17 21.02
N ASP B 294 -7.40 13.30 20.25
CA ASP B 294 -7.40 11.88 20.55
C ASP B 294 -5.99 11.37 20.52
N TRP B 295 -5.31 11.70 19.44
CA TRP B 295 -3.96 11.23 19.23
C TRP B 295 -3.01 11.73 20.30
N LEU B 296 -3.16 12.99 20.69
CA LEU B 296 -2.32 13.51 21.76
C LEU B 296 -2.50 12.72 23.03
N GLN B 297 -3.71 12.27 23.28
CA GLN B 297 -4.00 11.56 24.53
C GLN B 297 -3.43 10.15 24.51
N SER B 298 -3.36 9.53 23.33
CA SER B 298 -2.79 8.20 23.21
C SER B 298 -1.28 8.23 23.24
N LEU B 299 -0.70 9.42 23.10
CA LEU B 299 0.76 9.55 23.01
C LEU B 299 1.42 9.30 24.36
N PRO B 300 2.46 8.48 24.38
CA PRO B 300 3.20 8.16 25.59
C PRO B 300 3.75 9.39 26.29
N VAL B 301 3.75 9.39 27.61
CA VAL B 301 4.22 10.52 28.40
C VAL B 301 5.58 10.96 27.92
N LYS B 302 6.38 9.97 27.55
CA LYS B 302 7.71 10.16 27.00
C LYS B 302 7.77 11.24 25.94
N VAL B 303 6.85 11.15 24.98
CA VAL B 303 6.88 12.04 23.83
C VAL B 303 6.46 13.42 24.24
N ASN B 304 7.32 14.38 23.92
CA ASN B 304 7.16 15.74 24.38
C ASN B 304 6.69 16.68 23.29
N VAL B 305 5.49 17.21 23.45
CA VAL B 305 4.90 18.08 22.44
C VAL B 305 4.75 19.48 22.99
N ARG B 306 5.12 20.49 22.18
CA ARG B 306 5.04 21.88 22.60
C ARG B 306 4.34 22.72 21.53
N GLY B 307 3.66 23.78 21.97
CA GLY B 307 2.99 24.72 21.07
C GLY B 307 1.66 24.35 20.42
N LEU B 308 1.22 23.12 20.62
CA LEU B 308 -0.02 22.63 20.02
C LEU B 308 -1.24 23.19 20.75
N MET B 309 -1.51 24.47 20.53
CA MET B 309 -2.57 25.20 21.20
C MET B 309 -3.41 26.00 20.21
N CYS B 310 -4.69 26.17 20.50
CA CYS B 310 -5.58 26.86 19.58
C CYS B 310 -5.16 28.32 19.44
N GLN B 311 -5.17 28.87 18.22
CA GLN B 311 -5.09 30.31 18.10
C GLN B 311 -6.47 30.83 17.66
N ALA B 312 -7.17 30.00 16.89
CA ALA B 312 -8.52 30.35 16.45
C ALA B 312 -9.46 29.16 16.75
N PRO B 313 -10.68 29.46 17.23
CA PRO B 313 -11.30 30.74 17.54
C PRO B 313 -10.75 31.41 18.79
N GLU B 314 -10.82 32.75 18.83
CA GLU B 314 -10.39 33.52 19.99
C GLU B 314 -10.97 32.94 21.26
N LYS B 315 -12.21 32.47 21.15
CA LYS B 315 -12.91 31.78 22.23
C LYS B 315 -12.03 30.77 22.95
N VAL B 316 -11.33 29.94 22.20
CA VAL B 316 -10.55 28.88 22.80
C VAL B 316 -9.08 29.09 22.59
N ARG B 317 -8.72 30.34 22.32
CA ARG B 317 -7.34 30.66 22.02
C ARG B 317 -6.48 30.48 23.26
N GLY B 318 -5.42 29.70 23.12
CA GLY B 318 -4.48 29.55 24.21
C GLY B 318 -4.74 28.30 24.98
N MET B 319 -5.77 27.57 24.59
CA MET B 319 -6.07 26.32 25.26
C MET B 319 -5.33 25.18 24.59
N ALA B 320 -4.84 24.23 25.38
CA ALA B 320 -4.15 23.07 24.85
C ALA B 320 -5.12 22.17 24.13
N ILE B 321 -4.80 21.85 22.89
CA ILE B 321 -5.61 21.02 22.06
C ILE B 321 -5.89 19.66 22.69
N LYS B 322 -4.99 19.18 23.53
CA LYS B 322 -5.20 17.87 24.12
C LYS B 322 -6.30 17.97 25.16
N ASP B 323 -6.53 19.20 25.64
CA ASP B 323 -7.48 19.44 26.71
C ASP B 323 -8.88 19.93 26.29
N LEU B 324 -9.11 20.14 24.99
CA LEU B 324 -10.46 20.56 24.57
C LEU B 324 -11.45 19.40 24.53
N ASN B 325 -12.69 19.64 24.92
CA ASN B 325 -13.73 18.62 24.86
C ASN B 325 -14.70 18.74 23.69
N ALA B 326 -15.34 19.90 23.57
CA ALA B 326 -16.30 20.11 22.50
C ALA B 326 -16.07 21.49 21.88
N GLU B 327 -15.68 21.47 20.61
CA GLU B 327 -15.31 22.65 19.82
C GLU B 327 -15.49 22.39 18.34
N LEU B 328 -15.79 23.42 17.55
CA LEU B 328 -15.92 23.26 16.09
C LEU B 328 -16.25 24.60 15.44
N LYS C 5 -23.96 -20.19 9.66
CA LYS C 5 -23.22 -19.24 10.47
C LYS C 5 -23.55 -19.43 11.96
N SER C 6 -22.86 -20.38 12.58
CA SER C 6 -22.99 -20.62 14.02
C SER C 6 -21.63 -20.57 14.70
N CYS C 7 -21.45 -19.65 15.64
CA CYS C 7 -20.18 -19.57 16.32
C CYS C 7 -20.42 -19.84 17.80
N PRO C 8 -19.53 -20.65 18.42
CA PRO C 8 -19.66 -20.97 19.85
C PRO C 8 -19.66 -19.67 20.63
N SER C 9 -20.47 -19.59 21.68
CA SER C 9 -20.67 -18.36 22.43
C SER C 9 -19.35 -17.80 22.89
N VAL C 10 -18.47 -18.69 23.33
CA VAL C 10 -17.17 -18.31 23.85
C VAL C 10 -16.27 -17.62 22.81
N CYS C 11 -16.30 -18.12 21.58
CA CYS C 11 -15.45 -17.61 20.52
C CYS C 11 -16.12 -16.48 19.76
N ARG C 12 -15.41 -15.89 18.80
CA ARG C 12 -16.05 -15.00 17.86
C ARG C 12 -15.67 -15.41 16.45
N CYS C 13 -16.66 -15.41 15.57
CA CYS C 13 -16.47 -15.91 14.22
C CYS C 13 -16.69 -14.83 13.15
N ASP C 14 -15.75 -14.74 12.20
CA ASP C 14 -15.82 -13.78 11.10
C ASP C 14 -15.24 -14.35 9.81
N ALA C 15 -16.08 -14.71 8.87
CA ALA C 15 -15.65 -15.09 7.52
C ALA C 15 -14.58 -16.18 7.48
N GLY C 16 -14.76 -17.22 8.28
CA GLY C 16 -13.85 -18.35 8.27
C GLY C 16 -12.77 -18.23 9.33
N PHE C 17 -12.60 -17.02 9.84
CA PHE C 17 -11.65 -16.74 10.91
C PHE C 17 -12.32 -16.89 12.27
N ILE C 18 -11.89 -17.88 13.03
CA ILE C 18 -12.53 -18.16 14.30
C ILE C 18 -11.66 -17.81 15.47
N TYR C 19 -12.06 -16.80 16.23
CA TYR C 19 -11.23 -16.31 17.30
C TYR C 19 -11.68 -16.94 18.61
N CYS C 20 -11.00 -18.01 18.99
CA CYS C 20 -11.27 -18.69 20.24
C CYS C 20 -10.02 -18.71 21.10
N ASN C 21 -9.12 -17.75 20.86
CA ASN C 21 -7.85 -17.65 21.57
C ASN C 21 -7.92 -16.87 22.88
N ASP C 22 -6.98 -17.13 23.79
CA ASP C 22 -6.87 -16.39 25.06
C ASP C 22 -8.16 -16.36 25.85
N ARG C 23 -8.80 -17.51 25.98
CA ARG C 23 -10.09 -17.58 26.60
C ARG C 23 -10.15 -18.67 27.66
N PHE C 24 -8.98 -19.08 28.14
CA PHE C 24 -8.89 -20.07 29.20
C PHE C 24 -9.60 -21.36 28.86
N LEU C 25 -9.67 -21.67 27.58
CA LEU C 25 -10.34 -22.89 27.17
C LEU C 25 -9.53 -24.07 27.68
N THR C 26 -10.22 -25.08 28.19
CA THR C 26 -9.58 -26.33 28.54
C THR C 26 -9.97 -27.33 27.48
N SER C 27 -10.84 -26.90 26.58
CA SER C 27 -11.32 -27.74 25.48
C SER C 27 -11.62 -26.90 24.25
N ILE C 28 -11.56 -27.52 23.08
CA ILE C 28 -11.91 -26.81 21.85
C ILE C 28 -13.41 -26.79 21.68
N PRO C 29 -13.99 -25.58 21.55
CA PRO C 29 -15.44 -25.40 21.49
C PRO C 29 -16.07 -26.25 20.43
N THR C 30 -17.26 -26.76 20.76
CA THR C 30 -17.96 -27.71 19.94
C THR C 30 -18.63 -27.09 18.72
N GLY C 31 -19.09 -25.86 18.84
CA GLY C 31 -19.93 -25.29 17.80
C GLY C 31 -19.19 -24.57 16.70
N ILE C 32 -18.19 -25.21 16.14
CA ILE C 32 -17.39 -24.54 15.14
C ILE C 32 -18.06 -24.61 13.77
N PRO C 33 -18.16 -23.46 13.09
CA PRO C 33 -18.74 -23.34 11.75
C PRO C 33 -18.10 -24.28 10.76
N GLU C 34 -18.90 -24.87 9.89
CA GLU C 34 -18.40 -25.78 8.87
C GLU C 34 -17.59 -25.06 7.80
N ASP C 35 -17.70 -23.73 7.75
CA ASP C 35 -17.01 -22.98 6.70
C ASP C 35 -15.71 -22.38 7.21
N ALA C 36 -15.23 -22.94 8.30
CA ALA C 36 -14.00 -22.48 8.94
C ALA C 36 -12.84 -22.58 7.99
N THR C 37 -11.94 -21.60 8.06
CA THR C 37 -10.74 -21.54 7.25
C THR C 37 -9.52 -21.41 8.15
N THR C 38 -9.62 -20.52 9.13
CA THR C 38 -8.55 -20.30 10.08
C THR C 38 -9.04 -20.39 11.54
N LEU C 39 -8.39 -21.24 12.33
CA LEU C 39 -8.78 -21.52 13.71
C LEU C 39 -7.82 -20.89 14.71
N TYR C 40 -8.26 -19.89 15.48
CA TYR C 40 -7.39 -19.29 16.47
C TYR C 40 -7.62 -19.83 17.86
N LEU C 41 -6.78 -20.78 18.26
CA LEU C 41 -6.96 -21.48 19.53
C LEU C 41 -5.78 -21.29 20.48
N GLN C 42 -4.90 -20.36 20.17
CA GLN C 42 -3.71 -20.17 20.98
C GLN C 42 -4.06 -19.64 22.36
N ASN C 43 -3.11 -19.76 23.29
CA ASN C 43 -3.19 -19.19 24.63
C ASN C 43 -4.40 -19.63 25.46
N ASN C 44 -4.68 -20.92 25.43
CA ASN C 44 -5.68 -21.52 26.28
C ASN C 44 -5.04 -22.62 27.08
N GLN C 45 -5.74 -23.16 28.06
CA GLN C 45 -5.21 -24.27 28.82
C GLN C 45 -5.77 -25.59 28.27
N ILE C 46 -5.65 -25.76 26.97
CA ILE C 46 -6.22 -26.89 26.26
C ILE C 46 -5.32 -28.10 26.18
N ASN C 47 -5.86 -29.25 26.54
CA ASN C 47 -5.13 -30.52 26.49
C ASN C 47 -5.71 -31.45 25.42
N ASN C 48 -5.11 -32.62 25.26
CA ASN C 48 -5.46 -33.56 24.19
C ASN C 48 -6.88 -34.07 24.25
N ALA C 49 -7.44 -34.10 25.45
CA ALA C 49 -8.79 -34.61 25.65
C ALA C 49 -9.82 -33.51 25.39
N GLY C 50 -9.33 -32.35 24.96
CA GLY C 50 -10.16 -31.20 24.69
C GLY C 50 -10.39 -31.02 23.20
N ILE C 51 -10.21 -32.10 22.44
CA ILE C 51 -10.44 -32.08 21.00
C ILE C 51 -11.71 -32.82 20.61
N PRO C 52 -12.74 -32.06 20.19
CA PRO C 52 -14.01 -32.69 19.81
C PRO C 52 -13.90 -33.58 18.59
N SER C 53 -14.78 -34.58 18.51
CA SER C 53 -14.80 -35.54 17.41
C SER C 53 -15.23 -34.91 16.08
N ASP C 54 -15.94 -33.78 16.17
CA ASP C 54 -16.45 -33.12 14.97
C ASP C 54 -15.37 -32.25 14.32
N LEU C 55 -14.29 -31.99 15.05
CA LEU C 55 -13.20 -31.17 14.53
C LEU C 55 -12.65 -31.80 13.27
N LYS C 56 -12.59 -33.12 13.30
CA LYS C 56 -12.18 -33.92 12.17
C LYS C 56 -12.91 -33.51 10.90
N ASN C 57 -14.17 -33.15 11.05
CA ASN C 57 -15.06 -32.84 9.92
C ASN C 57 -14.98 -31.43 9.35
N LEU C 58 -14.15 -30.57 9.91
CA LEU C 58 -14.05 -29.22 9.40
C LEU C 58 -13.21 -29.15 8.12
N LEU C 59 -13.82 -29.55 7.01
CA LEU C 59 -13.08 -29.82 5.78
C LEU C 59 -12.57 -28.58 5.05
N LYS C 60 -12.85 -27.39 5.56
CA LYS C 60 -12.37 -26.18 4.89
C LYS C 60 -11.27 -25.52 5.72
N VAL C 61 -10.83 -26.19 6.77
CA VAL C 61 -9.81 -25.66 7.65
C VAL C 61 -8.41 -25.79 7.07
N GLU C 62 -7.70 -24.68 6.96
CA GLU C 62 -6.35 -24.74 6.41
C GLU C 62 -5.25 -24.29 7.37
N ARG C 63 -5.56 -23.40 8.30
CA ARG C 63 -4.55 -22.92 9.21
C ARG C 63 -5.01 -23.00 10.66
N ILE C 64 -4.23 -23.65 11.52
CA ILE C 64 -4.59 -23.79 12.94
C ILE C 64 -3.52 -23.25 13.88
N TYR C 65 -3.88 -22.31 14.74
CA TYR C 65 -2.95 -21.74 15.68
C TYR C 65 -3.24 -22.25 17.08
N LEU C 66 -2.51 -23.30 17.47
CA LEU C 66 -2.73 -23.95 18.75
C LEU C 66 -1.57 -23.80 19.72
N TYR C 67 -0.73 -22.80 19.54
CA TYR C 67 0.43 -22.67 20.41
C TYR C 67 0.04 -22.18 21.81
N HIS C 68 0.88 -22.55 22.77
CA HIS C 68 0.73 -22.19 24.18
C HIS C 68 -0.52 -22.78 24.82
N ASN C 69 -0.76 -24.06 24.56
CA ASN C 69 -1.84 -24.77 25.23
C ASN C 69 -1.22 -25.84 26.09
N SER C 70 -2.04 -26.75 26.61
CA SER C 70 -1.57 -27.79 27.51
C SER C 70 -1.53 -29.14 26.83
N LEU C 71 -1.34 -29.16 25.52
CA LEU C 71 -1.30 -30.43 24.84
C LEU C 71 -0.03 -31.16 25.23
N ASP C 72 -0.14 -32.38 25.73
CA ASP C 72 1.07 -33.09 26.13
C ASP C 72 1.45 -34.18 25.14
N GLU C 73 0.69 -34.31 24.06
CA GLU C 73 1.10 -35.16 22.95
C GLU C 73 0.43 -34.72 21.65
N PHE C 74 0.83 -35.32 20.53
CA PHE C 74 0.41 -34.78 19.26
C PHE C 74 -1.09 -34.93 19.04
N PRO C 75 -1.76 -33.82 18.73
CA PRO C 75 -3.20 -33.78 18.57
C PRO C 75 -3.65 -34.65 17.40
N THR C 76 -4.51 -35.63 17.63
CA THR C 76 -5.06 -36.36 16.50
C THR C 76 -6.43 -35.81 16.16
N ASN C 77 -7.06 -36.38 15.15
CA ASN C 77 -8.41 -35.98 14.76
C ASN C 77 -8.54 -34.52 14.37
N LEU C 78 -7.47 -33.97 13.80
CA LEU C 78 -7.51 -32.59 13.36
C LEU C 78 -8.16 -32.57 11.99
N PRO C 79 -8.80 -31.44 11.64
CA PRO C 79 -9.53 -31.32 10.38
C PRO C 79 -8.72 -31.88 9.23
N LYS C 80 -9.29 -32.82 8.50
CA LYS C 80 -8.53 -33.66 7.60
C LYS C 80 -7.60 -32.87 6.68
N TYR C 81 -7.98 -31.64 6.38
CA TYR C 81 -7.26 -30.88 5.37
C TYR C 81 -6.39 -29.72 5.85
N VAL C 82 -5.88 -29.78 7.08
CA VAL C 82 -5.00 -28.71 7.56
C VAL C 82 -3.76 -28.62 6.69
N LYS C 83 -3.22 -27.40 6.56
CA LYS C 83 -1.98 -27.20 5.84
C LYS C 83 -0.91 -26.51 6.69
N GLU C 84 -1.36 -25.58 7.55
CA GLU C 84 -0.50 -24.84 8.45
C GLU C 84 -0.87 -25.20 9.87
N LEU C 85 0.09 -25.69 10.64
CA LEU C 85 -0.21 -26.12 12.00
C LEU C 85 0.87 -25.65 12.97
N HIS C 86 0.44 -24.91 13.99
CA HIS C 86 1.35 -24.31 14.94
C HIS C 86 1.18 -24.86 16.36
N LEU C 87 2.08 -25.73 16.78
CA LEU C 87 1.96 -26.37 18.09
C LEU C 87 3.06 -25.98 19.06
N GLN C 88 3.72 -24.86 18.79
CA GLN C 88 4.84 -24.46 19.63
C GLN C 88 4.42 -24.12 21.06
N GLU C 89 5.39 -24.16 21.97
CA GLU C 89 5.17 -23.91 23.38
C GLU C 89 4.01 -24.71 23.92
N ASN C 90 3.95 -25.96 23.50
CA ASN C 90 3.14 -26.94 24.16
C ASN C 90 4.15 -27.90 24.69
N ASN C 91 3.76 -28.91 25.44
CA ASN C 91 4.75 -29.90 25.81
C ASN C 91 4.43 -31.25 25.25
N ILE C 92 4.44 -31.28 23.92
CA ILE C 92 4.19 -32.47 23.17
C ILE C 92 5.41 -33.34 23.37
N ARG C 93 5.18 -34.59 23.74
CA ARG C 93 6.26 -35.52 23.91
C ARG C 93 6.15 -36.47 22.73
N THR C 94 5.01 -37.15 22.68
CA THR C 94 4.72 -38.17 21.69
C THR C 94 4.29 -37.63 20.33
N ILE C 95 4.71 -38.32 19.29
CA ILE C 95 4.13 -38.10 17.98
C ILE C 95 3.83 -39.46 17.39
N THR C 96 2.58 -39.70 17.06
CA THR C 96 2.18 -41.02 16.55
C THR C 96 1.75 -40.98 15.11
N TYR C 97 1.90 -42.12 14.46
CA TYR C 97 1.54 -42.26 13.07
C TYR C 97 0.09 -41.88 12.89
N ASP C 98 -0.73 -42.35 13.82
CA ASP C 98 -2.15 -42.13 13.76
C ASP C 98 -2.46 -40.64 13.73
N SER C 99 -1.81 -39.89 14.60
CA SER C 99 -2.02 -38.44 14.67
C SER C 99 -1.76 -37.77 13.33
N LEU C 100 -0.64 -38.14 12.70
CA LEU C 100 -0.28 -37.51 11.44
C LEU C 100 -1.06 -38.09 10.27
N SER C 101 -1.51 -39.33 10.40
CA SER C 101 -2.28 -39.95 9.31
C SER C 101 -3.52 -39.14 9.04
N LYS C 102 -4.06 -38.56 10.11
CA LYS C 102 -5.31 -37.85 10.05
C LYS C 102 -5.21 -36.59 9.23
N ILE C 103 -4.00 -36.07 9.11
CA ILE C 103 -3.82 -34.82 8.39
C ILE C 103 -2.79 -34.92 7.30
N PRO C 104 -2.98 -35.83 6.35
CA PRO C 104 -1.97 -36.18 5.36
C PRO C 104 -1.65 -35.04 4.41
N TYR C 105 -2.39 -33.95 4.49
CA TYR C 105 -2.14 -32.83 3.58
C TYR C 105 -1.38 -31.67 4.22
N LEU C 106 -0.80 -31.91 5.39
CA LEU C 106 -0.12 -30.85 6.12
C LEU C 106 1.13 -30.41 5.37
N GLU C 107 1.38 -29.10 5.31
CA GLU C 107 2.50 -28.57 4.54
C GLU C 107 3.54 -27.94 5.45
N GLU C 108 3.11 -27.30 6.51
CA GLU C 108 4.08 -26.82 7.47
C GLU C 108 3.64 -26.99 8.92
N LEU C 109 4.62 -27.33 9.75
CA LEU C 109 4.40 -27.78 11.11
C LEU C 109 5.37 -27.10 12.08
N HIS C 110 4.82 -26.39 13.05
CA HIS C 110 5.63 -25.70 14.03
C HIS C 110 5.54 -26.37 15.39
N LEU C 111 6.61 -27.06 15.79
CA LEU C 111 6.63 -27.76 17.07
C LEU C 111 7.67 -27.22 18.05
N ASP C 112 8.11 -25.99 17.83
CA ASP C 112 9.11 -25.35 18.67
C ASP C 112 8.73 -25.38 20.14
N ASP C 113 9.74 -25.41 21.01
CA ASP C 113 9.55 -25.33 22.45
C ASP C 113 8.65 -26.40 23.02
N ASN C 114 8.94 -27.64 22.66
CA ASN C 114 8.19 -28.74 23.20
C ASN C 114 9.19 -29.68 23.89
N SER C 115 8.81 -30.94 24.05
CA SER C 115 9.66 -31.92 24.68
C SER C 115 9.74 -33.15 23.79
N VAL C 116 9.80 -32.92 22.48
CA VAL C 116 9.87 -34.02 21.53
C VAL C 116 11.27 -34.58 21.50
N SER C 117 11.37 -35.89 21.48
CA SER C 117 12.65 -36.53 21.26
C SER C 117 12.58 -37.47 20.09
N ALA C 118 13.73 -38.01 19.68
CA ALA C 118 13.79 -38.97 18.59
C ALA C 118 13.06 -40.26 18.94
N VAL C 119 13.10 -40.64 20.20
CA VAL C 119 12.43 -41.87 20.64
C VAL C 119 10.92 -41.68 20.82
N SER C 120 10.49 -40.47 21.14
CA SER C 120 9.07 -40.21 21.39
C SER C 120 8.28 -40.15 20.08
N ILE C 121 8.98 -40.31 18.97
CA ILE C 121 8.35 -40.31 17.66
C ILE C 121 8.21 -41.71 17.16
N GLU C 122 6.97 -42.14 16.96
CA GLU C 122 6.69 -43.49 16.50
C GLU C 122 7.42 -43.79 15.22
N GLU C 123 7.96 -44.98 15.10
CA GLU C 123 8.70 -45.31 13.91
C GLU C 123 7.75 -45.30 12.72
N GLY C 124 8.01 -44.37 11.82
CA GLY C 124 7.23 -44.21 10.61
C GLY C 124 6.08 -43.24 10.79
N ALA C 125 6.18 -42.40 11.79
CA ALA C 125 5.12 -41.44 12.06
C ALA C 125 4.80 -40.58 10.84
N PHE C 126 5.84 -40.27 10.06
CA PHE C 126 5.71 -39.34 8.94
C PHE C 126 5.45 -40.05 7.62
N ARG C 127 5.30 -41.37 7.65
CA ARG C 127 5.22 -42.17 6.41
C ARG C 127 4.20 -41.68 5.39
N ASP C 128 3.11 -41.11 5.87
CA ASP C 128 2.08 -40.62 4.96
C ASP C 128 2.12 -39.11 4.77
N SER C 129 2.90 -38.42 5.59
CA SER C 129 2.98 -36.95 5.51
C SER C 129 3.70 -36.54 4.22
N ASN C 130 3.07 -36.85 3.10
CA ASN C 130 3.65 -36.68 1.78
C ASN C 130 3.50 -35.28 1.20
N TYR C 131 3.18 -34.31 2.03
CA TYR C 131 3.06 -32.93 1.58
C TYR C 131 3.79 -32.00 2.52
N LEU C 132 4.47 -32.55 3.50
CA LEU C 132 5.17 -31.74 4.48
C LEU C 132 6.42 -31.10 3.92
N ARG C 133 6.52 -29.78 4.03
CA ARG C 133 7.67 -29.06 3.51
C ARG C 133 8.46 -28.32 4.59
N LEU C 134 7.77 -27.78 5.58
CA LEU C 134 8.43 -27.04 6.66
C LEU C 134 8.23 -27.72 8.00
N LEU C 135 9.32 -28.10 8.64
CA LEU C 135 9.26 -28.78 9.94
C LEU C 135 10.16 -28.11 10.96
N PHE C 136 9.55 -27.50 11.97
CA PHE C 136 10.31 -26.73 12.94
C PHE C 136 10.31 -27.46 14.28
N LEU C 137 11.47 -27.98 14.65
CA LEU C 137 11.62 -28.71 15.90
C LEU C 137 12.63 -28.02 16.79
N SER C 138 12.69 -26.70 16.64
CA SER C 138 13.55 -25.87 17.44
C SER C 138 13.30 -26.04 18.93
N ARG C 139 14.38 -26.14 19.70
CA ARG C 139 14.30 -26.22 21.15
C ARG C 139 13.43 -27.35 21.68
N ASN C 140 13.67 -28.57 21.21
CA ASN C 140 13.05 -29.74 21.80
C ASN C 140 14.08 -30.61 22.52
N HIS C 141 13.73 -31.86 22.76
CA HIS C 141 14.64 -32.75 23.46
C HIS C 141 15.33 -33.70 22.50
N LEU C 142 15.54 -33.30 21.25
CA LEU C 142 16.22 -34.21 20.32
C LEU C 142 17.69 -34.40 20.68
N SER C 143 18.17 -35.62 20.64
CA SER C 143 19.58 -35.90 20.86
C SER C 143 20.13 -36.44 19.57
N THR C 144 19.24 -36.63 18.61
CA THR C 144 19.65 -36.97 17.25
C THR C 144 18.59 -36.57 16.24
N ILE C 145 18.85 -36.88 14.98
CA ILE C 145 17.90 -36.58 13.91
C ILE C 145 17.08 -37.81 13.58
N PRO C 146 15.75 -37.66 13.64
CA PRO C 146 14.80 -38.75 13.42
C PRO C 146 15.00 -39.43 12.07
N TRP C 147 14.98 -40.76 12.07
CA TRP C 147 15.32 -41.51 10.86
C TRP C 147 14.30 -41.41 9.75
N GLY C 148 13.03 -41.54 10.08
CA GLY C 148 11.99 -41.60 9.05
C GLY C 148 11.38 -40.24 8.79
N LEU C 149 11.96 -39.52 7.85
CA LEU C 149 11.48 -38.18 7.52
C LEU C 149 11.06 -38.15 6.08
N PRO C 150 9.98 -37.41 5.79
CA PRO C 150 9.40 -37.42 4.45
C PRO C 150 10.31 -36.72 3.44
N ARG C 151 10.39 -37.28 2.24
CA ARG C 151 11.20 -36.73 1.18
C ARG C 151 10.84 -35.28 0.81
N THR C 152 9.60 -34.87 1.08
CA THR C 152 9.14 -33.56 0.65
C THR C 152 9.70 -32.41 1.49
N ILE C 153 10.33 -32.72 2.61
CA ILE C 153 10.82 -31.66 3.50
C ILE C 153 11.77 -30.71 2.80
N GLU C 154 11.59 -29.41 2.99
CA GLU C 154 12.48 -28.46 2.37
C GLU C 154 13.19 -27.54 3.35
N GLU C 155 12.59 -27.34 4.52
CA GLU C 155 13.27 -26.60 5.58
C GLU C 155 13.14 -27.38 6.87
N LEU C 156 14.24 -27.52 7.59
CA LEU C 156 14.28 -28.36 8.77
C LEU C 156 15.03 -27.68 9.90
N ARG C 157 14.32 -27.08 10.83
CA ARG C 157 14.98 -26.36 11.92
C ARG C 157 15.12 -27.20 13.16
N LEU C 158 16.36 -27.52 13.52
CA LEU C 158 16.61 -28.36 14.67
C LEU C 158 17.45 -27.64 15.69
N ASP C 159 17.42 -26.32 15.68
CA ASP C 159 18.28 -25.57 16.58
C ASP C 159 17.93 -25.77 18.05
N ASP C 160 18.96 -25.61 18.87
CA ASP C 160 18.88 -25.67 20.32
C ASP C 160 18.15 -26.90 20.81
N ASN C 161 18.59 -28.04 20.32
CA ASN C 161 18.14 -29.31 20.82
C ASN C 161 19.38 -29.82 21.50
N ARG C 162 19.45 -31.10 21.80
CA ARG C 162 20.66 -31.66 22.38
C ARG C 162 21.28 -32.64 21.40
N ILE C 163 21.37 -32.25 20.13
CA ILE C 163 21.82 -33.19 19.11
C ILE C 163 23.32 -33.38 19.19
N SER C 164 23.72 -34.64 19.26
CA SER C 164 25.11 -35.02 19.42
C SER C 164 25.56 -36.01 18.38
N THR C 165 24.63 -36.52 17.59
CA THR C 165 24.96 -37.51 16.59
C THR C 165 24.06 -37.38 15.35
N ILE C 166 24.56 -37.80 14.18
CA ILE C 166 23.79 -37.73 12.94
C ILE C 166 24.02 -38.96 12.08
N SER C 167 23.11 -39.92 12.13
CA SER C 167 23.24 -41.12 11.32
C SER C 167 23.06 -40.79 9.86
N SER C 168 23.65 -41.60 9.02
CA SER C 168 23.55 -41.40 7.59
C SER C 168 22.09 -41.48 7.11
N PRO C 169 21.34 -42.51 7.55
CA PRO C 169 20.00 -42.62 6.97
C PRO C 169 19.06 -41.48 7.36
N SER C 170 19.35 -40.76 8.44
CA SER C 170 18.48 -39.68 8.84
C SER C 170 18.42 -38.59 7.77
N LEU C 171 19.53 -38.30 7.11
CA LEU C 171 19.51 -37.21 6.13
C LEU C 171 19.50 -37.70 4.69
N GLN C 172 19.93 -38.94 4.45
CA GLN C 172 19.85 -39.48 3.11
C GLN C 172 18.38 -39.68 2.75
N GLY C 173 18.05 -39.46 1.50
CA GLY C 173 16.66 -39.52 1.07
C GLY C 173 16.00 -38.15 1.08
N LEU C 174 16.54 -37.21 1.86
CA LEU C 174 15.95 -35.87 1.93
C LEU C 174 16.34 -35.02 0.74
N THR C 175 16.10 -35.55 -0.44
CA THR C 175 16.60 -34.95 -1.67
C THR C 175 15.93 -33.65 -2.08
N SER C 176 15.07 -33.09 -1.25
CA SER C 176 14.42 -31.84 -1.59
C SER C 176 14.76 -30.78 -0.58
N LEU C 177 15.45 -31.21 0.46
CA LEU C 177 15.83 -30.33 1.54
C LEU C 177 16.77 -29.23 1.05
N LYS C 178 16.45 -28.00 1.41
CA LYS C 178 17.19 -26.85 0.96
C LYS C 178 17.88 -26.20 2.12
N ARG C 179 17.17 -26.17 3.23
CA ARG C 179 17.66 -25.50 4.41
C ARG C 179 17.67 -26.39 5.64
N LEU C 180 18.84 -26.51 6.24
CA LEU C 180 19.06 -27.34 7.40
C LEU C 180 19.78 -26.56 8.49
N VAL C 181 19.09 -26.35 9.60
CA VAL C 181 19.59 -25.54 10.70
C VAL C 181 19.88 -26.36 11.95
N LEU C 182 21.15 -26.45 12.33
CA LEU C 182 21.57 -27.24 13.46
C LEU C 182 22.27 -26.39 14.51
N ASP C 183 21.88 -25.14 14.61
CA ASP C 183 22.50 -24.24 15.57
C ASP C 183 22.27 -24.73 17.00
N GLY C 184 23.11 -24.29 17.93
CA GLY C 184 22.93 -24.52 19.35
C GLY C 184 22.74 -25.94 19.85
N ASN C 185 23.44 -26.88 19.24
CA ASN C 185 23.38 -28.27 19.68
C ASN C 185 24.73 -28.72 20.26
N LEU C 186 24.88 -30.00 20.55
CA LEU C 186 26.13 -30.54 21.09
C LEU C 186 26.95 -31.36 20.08
N LEU C 187 27.08 -30.86 18.87
CA LEU C 187 27.73 -31.61 17.80
C LEU C 187 29.24 -31.39 17.71
N ASN C 188 29.97 -32.46 17.44
CA ASN C 188 31.37 -32.38 17.07
C ASN C 188 31.56 -33.38 15.95
N ASN C 189 32.70 -33.36 15.32
CA ASN C 189 32.89 -34.17 14.13
C ASN C 189 32.73 -35.67 14.28
N HIS C 190 32.88 -36.18 15.50
CA HIS C 190 32.67 -37.61 15.76
C HIS C 190 31.20 -38.01 15.60
N GLY C 191 30.30 -37.12 15.97
CA GLY C 191 28.88 -37.38 15.87
C GLY C 191 28.37 -37.36 14.44
N LEU C 192 29.15 -36.83 13.51
CA LEU C 192 28.72 -36.78 12.12
C LEU C 192 29.11 -38.07 11.40
N GLY C 193 28.15 -38.68 10.73
CA GLY C 193 28.42 -39.91 10.01
C GLY C 193 29.14 -39.59 8.72
N ASP C 194 29.59 -40.63 8.03
CA ASP C 194 30.46 -40.47 6.89
C ASP C 194 29.88 -39.59 5.80
N LYS C 195 28.70 -39.88 5.32
CA LYS C 195 28.18 -39.12 4.18
C LYS C 195 26.80 -38.62 4.49
N VAL C 196 26.64 -38.10 5.69
CA VAL C 196 25.33 -37.72 6.16
C VAL C 196 24.70 -36.66 5.28
N PHE C 197 25.51 -35.73 4.80
CA PHE C 197 25.02 -34.62 3.99
C PHE C 197 25.15 -34.85 2.51
N PHE C 198 25.90 -35.89 2.14
CA PHE C 198 26.36 -36.02 0.78
C PHE C 198 25.25 -36.05 -0.24
N ASN C 199 24.10 -36.61 0.13
CA ASN C 199 23.03 -36.76 -0.83
C ASN C 199 22.04 -35.60 -0.88
N LEU C 200 22.25 -34.57 -0.08
CA LEU C 200 21.33 -33.44 -0.10
C LEU C 200 21.52 -32.54 -1.32
N VAL C 201 21.19 -33.06 -2.51
CA VAL C 201 21.42 -32.34 -3.76
C VAL C 201 20.79 -30.97 -3.76
N ASN C 202 19.61 -30.89 -3.17
CA ASN C 202 18.84 -29.67 -3.19
C ASN C 202 19.20 -28.72 -2.06
N LEU C 203 20.18 -29.09 -1.25
CA LEU C 203 20.54 -28.29 -0.08
C LEU C 203 21.11 -26.93 -0.48
N THR C 204 20.66 -25.89 0.20
CA THR C 204 21.04 -24.52 -0.12
C THR C 204 21.72 -23.81 1.07
N GLU C 205 21.19 -24.03 2.26
CA GLU C 205 21.80 -23.50 3.46
C GLU C 205 22.17 -24.61 4.42
N LEU C 206 23.40 -24.62 4.90
CA LEU C 206 23.72 -25.48 6.02
C LEU C 206 24.24 -24.59 7.13
N SER C 207 23.61 -24.70 8.29
CA SER C 207 23.97 -23.83 9.38
C SER C 207 24.28 -24.61 10.66
N LEU C 208 25.55 -24.60 11.04
CA LEU C 208 26.00 -25.32 12.22
C LEU C 208 26.58 -24.37 13.25
N VAL C 209 26.08 -23.15 13.29
CA VAL C 209 26.54 -22.16 14.25
C VAL C 209 26.39 -22.69 15.68
N ARG C 210 27.26 -22.25 16.58
CA ARG C 210 27.16 -22.56 18.01
C ARG C 210 27.11 -24.06 18.31
N ASN C 211 28.05 -24.82 17.78
CA ASN C 211 28.21 -26.20 18.18
C ASN C 211 29.61 -26.40 18.72
N SER C 212 30.15 -27.61 18.60
CA SER C 212 31.49 -27.87 19.09
C SER C 212 32.39 -28.55 18.07
N LEU C 213 32.24 -28.16 16.82
CA LEU C 213 33.09 -28.69 15.76
C LEU C 213 34.55 -28.34 15.97
N THR C 214 35.41 -29.27 15.60
CA THR C 214 36.83 -29.02 15.71
C THR C 214 37.45 -28.99 14.32
N ALA C 215 36.63 -29.30 13.32
CA ALA C 215 37.09 -29.29 11.95
C ALA C 215 35.97 -29.00 10.96
N ALA C 216 36.30 -28.30 9.88
CA ALA C 216 35.36 -28.07 8.79
C ALA C 216 34.86 -29.42 8.31
N PRO C 217 33.55 -29.55 8.20
CA PRO C 217 32.97 -30.82 7.76
C PRO C 217 33.25 -31.11 6.31
N VAL C 218 33.36 -32.38 5.98
CA VAL C 218 33.65 -32.83 4.63
C VAL C 218 32.43 -33.52 4.02
N ASN C 219 32.56 -33.92 2.76
CA ASN C 219 31.49 -34.59 2.02
C ASN C 219 30.21 -33.79 1.91
N LEU C 220 30.32 -32.48 1.91
CA LEU C 220 29.15 -31.63 1.72
C LEU C 220 28.62 -31.77 0.31
N PRO C 221 27.34 -31.44 0.13
CA PRO C 221 26.81 -31.50 -1.22
C PRO C 221 27.15 -30.23 -1.97
N GLY C 222 27.59 -30.36 -3.22
CA GLY C 222 28.06 -29.19 -3.93
C GLY C 222 27.21 -28.74 -5.09
N THR C 223 26.08 -29.40 -5.29
CA THR C 223 25.22 -29.13 -6.44
C THR C 223 24.49 -27.81 -6.28
N ASN C 224 24.03 -27.54 -5.08
CA ASN C 224 23.25 -26.35 -4.85
C ASN C 224 23.65 -25.55 -3.64
N LEU C 225 24.63 -26.04 -2.89
CA LEU C 225 24.96 -25.41 -1.62
C LEU C 225 25.37 -23.96 -1.83
N ARG C 226 24.69 -23.07 -1.11
CA ARG C 226 24.76 -21.63 -1.31
C ARG C 226 25.34 -20.89 -0.12
N LYS C 227 24.97 -21.34 1.08
CA LYS C 227 25.41 -20.71 2.31
C LYS C 227 25.97 -21.76 3.27
N LEU C 228 27.06 -21.41 3.95
CA LEU C 228 27.71 -22.35 4.85
C LEU C 228 28.14 -21.61 6.08
N TYR C 229 27.46 -21.88 7.20
CA TYR C 229 27.68 -21.16 8.45
C TYR C 229 28.34 -22.05 9.52
N LEU C 230 29.59 -21.74 9.86
CA LEU C 230 30.30 -22.57 10.81
C LEU C 230 30.82 -21.76 11.99
N GLN C 231 30.22 -20.62 12.25
CA GLN C 231 30.69 -19.76 13.33
C GLN C 231 30.59 -20.46 14.66
N ASP C 232 31.23 -19.87 15.65
CA ASP C 232 31.06 -20.26 17.04
C ASP C 232 31.20 -21.76 17.27
N ASN C 233 32.21 -22.34 16.66
CA ASN C 233 32.57 -23.69 16.99
C ASN C 233 33.95 -23.55 17.52
N HIS C 234 34.75 -24.60 17.39
CA HIS C 234 36.17 -24.51 17.70
C HIS C 234 36.99 -25.23 16.64
N ILE C 235 36.85 -24.78 15.40
CA ILE C 235 37.47 -25.46 14.26
C ILE C 235 38.99 -25.22 14.21
N ASN C 236 39.75 -26.31 14.26
CA ASN C 236 41.22 -26.32 14.23
C ASN C 236 41.79 -26.35 12.83
N ARG C 237 41.12 -27.08 11.95
CA ARG C 237 41.72 -27.49 10.71
C ARG C 237 40.68 -27.43 9.62
N VAL C 238 41.14 -27.26 8.40
CA VAL C 238 40.27 -27.42 7.25
C VAL C 238 40.81 -28.53 6.38
N PRO C 239 40.33 -29.75 6.59
CA PRO C 239 40.74 -30.91 5.80
C PRO C 239 40.63 -30.62 4.32
N PRO C 240 41.51 -31.23 3.50
CA PRO C 240 41.71 -30.86 2.11
C PRO C 240 40.43 -30.80 1.29
N ASN C 241 39.50 -31.70 1.58
CA ASN C 241 38.27 -31.79 0.83
C ASN C 241 37.09 -31.16 1.54
N ALA C 242 37.34 -30.30 2.52
CA ALA C 242 36.24 -29.73 3.28
C ALA C 242 35.36 -28.86 2.39
N PHE C 243 36.00 -28.09 1.52
CA PHE C 243 35.28 -27.19 0.62
C PHE C 243 35.48 -27.60 -0.81
N SER C 244 35.80 -28.88 -1.03
CA SER C 244 35.97 -29.39 -2.38
C SER C 244 34.67 -29.31 -3.16
N TYR C 245 34.75 -28.83 -4.39
CA TYR C 245 33.65 -28.94 -5.33
C TYR C 245 32.41 -28.12 -4.96
N LEU C 246 32.57 -27.22 -3.99
CA LEU C 246 31.51 -26.29 -3.61
C LEU C 246 31.38 -25.07 -4.52
N ARG C 247 31.10 -25.31 -5.80
CA ARG C 247 31.15 -24.28 -6.86
C ARG C 247 30.02 -23.25 -6.86
N GLN C 248 28.98 -23.49 -6.07
CA GLN C 248 27.86 -22.56 -6.04
C GLN C 248 27.88 -21.78 -4.74
N LEU C 249 28.81 -22.12 -3.87
CA LEU C 249 28.90 -21.47 -2.58
C LEU C 249 29.28 -19.99 -2.72
N TYR C 250 28.40 -19.10 -2.30
CA TYR C 250 28.73 -17.68 -2.32
C TYR C 250 28.96 -17.13 -0.93
N ARG C 251 28.50 -17.83 0.10
CA ARG C 251 28.71 -17.36 1.47
C ARG C 251 29.31 -18.45 2.34
N LEU C 252 30.33 -18.08 3.11
CA LEU C 252 31.03 -19.00 4.03
C LEU C 252 31.56 -18.21 5.21
N ASP C 253 31.14 -18.60 6.40
CA ASP C 253 31.52 -17.90 7.60
C ASP C 253 32.15 -18.88 8.56
N MET C 254 33.39 -18.62 8.96
CA MET C 254 34.03 -19.45 9.95
C MET C 254 34.54 -18.56 11.05
N SER C 255 33.89 -17.42 11.25
CA SER C 255 34.24 -16.53 12.33
C SER C 255 34.13 -17.26 13.66
N ASN C 256 34.70 -16.67 14.70
CA ASN C 256 34.70 -17.25 16.03
C ASN C 256 35.09 -18.71 16.05
N ASN C 257 36.31 -18.99 15.62
CA ASN C 257 36.81 -20.34 15.62
C ASN C 257 38.24 -20.41 16.12
N ASN C 258 38.94 -21.49 15.78
CA ASN C 258 40.27 -21.75 16.34
C ASN C 258 41.29 -21.98 15.24
N LEU C 259 41.15 -21.23 14.16
CA LEU C 259 42.01 -21.43 12.99
C LEU C 259 43.22 -20.51 12.99
N SER C 260 44.37 -21.07 12.64
CA SER C 260 45.60 -20.32 12.53
C SER C 260 46.23 -20.45 11.14
N ASN C 261 45.81 -21.45 10.38
CA ASN C 261 46.33 -21.73 9.05
C ASN C 261 45.34 -22.32 8.07
N LEU C 262 45.51 -22.02 6.79
CA LEU C 262 44.71 -22.65 5.77
C LEU C 262 45.64 -23.40 4.84
N PRO C 263 45.34 -24.67 4.59
CA PRO C 263 46.14 -25.50 3.68
C PRO C 263 46.14 -24.90 2.28
N GLN C 264 47.11 -25.28 1.46
CA GLN C 264 47.22 -24.68 0.15
C GLN C 264 46.07 -25.14 -0.74
N GLY C 265 45.31 -24.17 -1.26
CA GLY C 265 44.24 -24.42 -2.21
C GLY C 265 42.95 -25.09 -1.74
N ILE C 266 42.51 -24.82 -0.52
CA ILE C 266 41.24 -25.34 -0.09
C ILE C 266 40.11 -24.61 -0.76
N PHE C 267 40.38 -23.37 -1.15
CA PHE C 267 39.36 -22.52 -1.74
C PHE C 267 39.42 -22.51 -3.25
N ASP C 268 40.07 -23.48 -3.83
CA ASP C 268 40.33 -23.49 -5.25
C ASP C 268 39.09 -23.85 -6.07
N ASP C 269 38.07 -24.38 -5.41
CA ASP C 269 36.87 -24.80 -6.11
C ASP C 269 35.71 -23.83 -5.90
N LEU C 270 35.90 -22.85 -5.04
CA LEU C 270 34.85 -21.91 -4.68
C LEU C 270 34.54 -20.88 -5.77
N ASP C 271 34.15 -21.36 -6.95
CA ASP C 271 33.96 -20.51 -8.11
C ASP C 271 33.04 -19.31 -7.91
N ASN C 272 32.15 -19.37 -6.91
CA ASN C 272 31.15 -18.32 -6.76
C ASN C 272 31.28 -17.52 -5.48
N ILE C 273 32.42 -17.63 -4.80
CA ILE C 273 32.57 -16.99 -3.51
C ILE C 273 32.46 -15.47 -3.57
N THR C 274 31.73 -14.90 -2.63
CA THR C 274 31.39 -13.49 -2.68
C THR C 274 31.47 -12.88 -1.31
N GLN C 275 31.07 -13.67 -0.32
CA GLN C 275 31.11 -13.23 1.05
C GLN C 275 31.90 -14.25 1.86
N LEU C 276 33.06 -13.83 2.32
CA LEU C 276 33.93 -14.71 3.10
C LEU C 276 34.26 -14.07 4.43
N ILE C 277 33.68 -14.59 5.49
CA ILE C 277 33.79 -13.96 6.81
C ILE C 277 34.63 -14.86 7.74
N LEU C 278 35.78 -14.36 8.19
CA LEU C 278 36.66 -15.10 9.08
C LEU C 278 37.13 -14.22 10.21
N ARG C 279 36.25 -13.36 10.71
CA ARG C 279 36.59 -12.50 11.83
C ARG C 279 36.92 -13.32 13.05
N ASN C 280 37.78 -12.76 13.90
CA ASN C 280 38.14 -13.33 15.18
C ASN C 280 38.56 -14.81 15.10
N ASN C 281 39.61 -15.05 14.31
CA ASN C 281 40.37 -16.28 14.32
C ASN C 281 41.83 -15.89 14.59
N PRO C 282 42.61 -16.80 15.21
CA PRO C 282 44.01 -16.51 15.51
C PRO C 282 44.92 -16.75 14.33
N TRP C 283 44.77 -15.95 13.28
CA TRP C 283 45.55 -16.15 12.07
C TRP C 283 47.02 -15.94 12.34
N TYR C 284 47.82 -16.94 12.00
CA TYR C 284 49.26 -16.87 12.17
C TYR C 284 49.92 -16.73 10.83
N CYS C 285 50.59 -15.61 10.63
CA CYS C 285 51.14 -15.28 9.33
C CYS C 285 52.59 -15.68 9.14
N GLY C 286 52.83 -16.96 8.81
CA GLY C 286 54.17 -17.41 8.51
C GLY C 286 54.27 -17.75 7.03
N CYS C 287 55.28 -18.51 6.65
CA CYS C 287 55.43 -18.87 5.24
C CYS C 287 54.37 -19.87 4.85
N LYS C 288 53.58 -20.29 5.82
CA LYS C 288 52.59 -21.31 5.58
C LYS C 288 51.32 -20.57 5.20
N MET C 289 51.34 -19.27 5.46
CA MET C 289 50.21 -18.37 5.25
C MET C 289 50.43 -17.49 4.02
N LYS C 290 51.59 -17.65 3.38
CA LYS C 290 51.93 -16.76 2.30
C LYS C 290 51.08 -16.99 1.06
N TRP C 291 50.65 -18.22 0.81
CA TRP C 291 49.86 -18.50 -0.38
C TRP C 291 48.55 -17.71 -0.33
N VAL C 292 48.02 -17.54 0.87
CA VAL C 292 46.76 -16.84 1.08
C VAL C 292 46.87 -15.40 0.59
N ARG C 293 47.99 -14.76 0.87
CA ARG C 293 48.22 -13.41 0.39
C ARG C 293 48.16 -13.32 -1.12
N ASP C 294 48.80 -14.25 -1.80
CA ASP C 294 48.74 -14.28 -3.25
C ASP C 294 47.33 -14.50 -3.73
N TRP C 295 46.67 -15.50 -3.16
CA TRP C 295 45.34 -15.88 -3.58
C TRP C 295 44.37 -14.72 -3.42
N LEU C 296 44.53 -13.95 -2.34
CA LEU C 296 43.73 -12.75 -2.13
C LEU C 296 43.92 -11.71 -3.22
N GLN C 297 45.13 -11.60 -3.75
CA GLN C 297 45.41 -10.56 -4.73
C GLN C 297 44.80 -10.93 -6.07
N SER C 298 44.70 -12.23 -6.34
CA SER C 298 44.04 -12.71 -7.56
C SER C 298 42.51 -12.64 -7.42
N LEU C 299 42.04 -12.36 -6.22
CA LEU C 299 40.61 -12.36 -5.94
C LEU C 299 39.93 -11.14 -6.51
N PRO C 300 38.80 -11.36 -7.16
CA PRO C 300 37.97 -10.29 -7.72
C PRO C 300 37.50 -9.30 -6.68
N VAL C 301 37.46 -8.04 -7.07
CA VAL C 301 37.04 -6.93 -6.23
C VAL C 301 35.71 -7.23 -5.59
N LYS C 302 34.86 -7.85 -6.39
CA LYS C 302 33.53 -8.32 -6.02
C LYS C 302 33.55 -9.06 -4.70
N VAL C 303 34.53 -9.93 -4.56
CA VAL C 303 34.60 -10.82 -3.42
C VAL C 303 34.86 -10.03 -2.14
N ASN C 304 34.01 -10.26 -1.16
CA ASN C 304 34.07 -9.55 0.13
C ASN C 304 34.68 -10.43 1.21
N VAL C 305 35.88 -10.09 1.64
CA VAL C 305 36.60 -10.89 2.61
C VAL C 305 36.77 -10.12 3.91
N ARG C 306 36.50 -10.78 5.03
CA ARG C 306 36.56 -10.13 6.32
C ARG C 306 37.33 -10.94 7.36
N GLY C 307 37.95 -10.25 8.32
CA GLY C 307 38.60 -10.91 9.45
C GLY C 307 39.93 -11.60 9.19
N LEU C 308 40.32 -11.68 7.93
CA LEU C 308 41.57 -12.32 7.58
C LEU C 308 42.75 -11.40 7.92
N MET C 309 43.06 -11.28 9.21
CA MET C 309 44.15 -10.42 9.66
C MET C 309 45.04 -11.10 10.68
N CYS C 310 46.34 -10.80 10.63
CA CYS C 310 47.34 -11.44 11.49
C CYS C 310 47.21 -11.11 12.96
N GLN C 311 47.34 -12.15 13.79
CA GLN C 311 47.48 -11.99 15.23
C GLN C 311 48.91 -12.23 15.67
N ALA C 312 49.57 -13.12 14.95
CA ALA C 312 50.93 -13.54 15.26
C ALA C 312 51.78 -13.55 14.01
N PRO C 313 53.06 -13.16 14.13
CA PRO C 313 53.72 -12.74 15.37
C PRO C 313 53.28 -11.36 15.80
N GLU C 314 53.27 -11.08 17.11
CA GLU C 314 52.91 -9.75 17.63
C GLU C 314 53.60 -8.69 16.79
N LYS C 315 54.79 -9.06 16.32
CA LYS C 315 55.56 -8.30 15.35
C LYS C 315 54.76 -7.73 14.19
N VAL C 316 53.91 -8.52 13.56
CA VAL C 316 53.17 -8.00 12.41
C VAL C 316 51.67 -8.04 12.68
N ARG C 317 51.33 -8.03 13.96
CA ARG C 317 49.96 -8.23 14.39
C ARG C 317 49.02 -7.13 13.96
N GLY C 318 47.88 -7.49 13.39
CA GLY C 318 46.86 -6.52 13.06
C GLY C 318 46.89 -6.16 11.60
N MET C 319 47.82 -6.76 10.87
CA MET C 319 47.95 -6.46 9.46
C MET C 319 47.04 -7.34 8.64
N ALA C 320 46.46 -6.77 7.60
CA ALA C 320 45.67 -7.55 6.68
C ALA C 320 46.62 -8.46 5.93
N ILE C 321 46.31 -9.75 5.93
CA ILE C 321 47.11 -10.75 5.26
C ILE C 321 47.34 -10.41 3.78
N LYS C 322 46.43 -9.64 3.19
CA LYS C 322 46.56 -9.28 1.79
C LYS C 322 47.67 -8.27 1.55
N ASP C 323 48.04 -7.55 2.61
CA ASP C 323 48.97 -6.43 2.51
C ASP C 323 50.43 -6.78 2.80
N LEU C 324 50.70 -8.02 3.17
CA LEU C 324 52.08 -8.42 3.48
C LEU C 324 52.94 -8.68 2.24
N ASN C 325 54.26 -8.47 2.33
CA ASN C 325 55.15 -8.81 1.22
C ASN C 325 55.82 -10.16 1.41
N ALA C 326 56.50 -10.32 2.54
CA ALA C 326 57.24 -11.54 2.86
C ALA C 326 57.05 -11.94 4.32
N CYS D 7 3.06 25.40 -36.76
CA CYS D 7 2.32 24.18 -36.42
C CYS D 7 3.19 22.94 -36.39
N PRO D 8 3.06 22.12 -35.34
CA PRO D 8 3.82 20.88 -35.18
C PRO D 8 3.60 19.94 -36.36
N SER D 9 4.65 19.24 -36.77
CA SER D 9 4.60 18.40 -37.96
C SER D 9 3.49 17.37 -37.92
N VAL D 10 3.38 16.68 -36.78
CA VAL D 10 2.38 15.64 -36.58
C VAL D 10 0.94 16.18 -36.62
N CYS D 11 0.74 17.33 -36.03
CA CYS D 11 -0.58 17.92 -35.89
C CYS D 11 -0.97 18.77 -37.09
N ARG D 12 -2.18 19.30 -37.06
CA ARG D 12 -2.61 20.28 -38.05
C ARG D 12 -3.19 21.50 -37.34
N CYS D 13 -2.81 22.69 -37.79
CA CYS D 13 -3.14 23.91 -37.08
C CYS D 13 -4.07 24.80 -37.90
N ASP D 14 -5.13 25.29 -37.26
CA ASP D 14 -6.06 26.17 -37.95
C ASP D 14 -6.67 27.24 -37.04
N ALA D 15 -6.18 28.47 -37.19
CA ALA D 15 -6.80 29.64 -36.53
C ALA D 15 -6.99 29.49 -35.03
N GLY D 16 -5.99 28.98 -34.33
CA GLY D 16 -6.07 28.87 -32.89
C GLY D 16 -6.59 27.51 -32.50
N PHE D 17 -7.20 26.83 -33.47
CA PHE D 17 -7.65 25.47 -33.26
C PHE D 17 -6.56 24.50 -33.67
N ILE D 18 -6.01 23.80 -32.69
CA ILE D 18 -4.87 22.93 -32.92
C ILE D 18 -5.22 21.47 -32.83
N TYR D 19 -5.16 20.78 -33.95
CA TYR D 19 -5.58 19.39 -34.00
C TYR D 19 -4.37 18.48 -33.90
N CYS D 20 -4.07 18.03 -32.69
CA CYS D 20 -2.98 17.09 -32.45
C CYS D 20 -3.52 15.82 -31.83
N ASN D 21 -4.81 15.60 -32.04
CA ASN D 21 -5.52 14.45 -31.50
C ASN D 21 -5.43 13.22 -32.40
N ASP D 22 -5.62 12.05 -31.79
CA ASP D 22 -5.64 10.78 -32.52
C ASP D 22 -4.35 10.55 -33.29
N ARG D 23 -3.21 10.78 -32.64
CA ARG D 23 -1.93 10.72 -33.34
C ARG D 23 -0.85 9.90 -32.63
N PHE D 24 -1.27 9.04 -31.72
CA PHE D 24 -0.38 8.13 -31.00
C PHE D 24 0.68 8.87 -30.18
N LEU D 25 0.38 10.11 -29.83
CA LEU D 25 1.31 10.92 -29.06
C LEU D 25 1.46 10.41 -27.64
N THR D 26 2.69 10.38 -27.14
CA THR D 26 2.92 10.10 -25.73
C THR D 26 3.36 11.39 -25.06
N SER D 27 3.52 12.43 -25.88
CA SER D 27 3.93 13.75 -25.43
C SER D 27 3.28 14.84 -26.28
N ILE D 28 3.15 16.04 -25.73
CA ILE D 28 2.61 17.16 -26.49
C ILE D 28 3.72 17.82 -27.29
N PRO D 29 3.50 17.96 -28.61
CA PRO D 29 4.47 18.53 -29.55
C PRO D 29 4.96 19.88 -29.11
N THR D 30 6.24 20.15 -29.35
CA THR D 30 6.86 21.37 -28.84
C THR D 30 6.45 22.61 -29.62
N GLY D 31 6.21 22.48 -30.92
CA GLY D 31 6.08 23.65 -31.76
C GLY D 31 4.69 24.24 -31.90
N ILE D 32 4.05 24.47 -30.77
CA ILE D 32 2.68 24.99 -30.76
C ILE D 32 2.68 26.51 -30.88
N PRO D 33 1.84 27.04 -31.79
CA PRO D 33 1.71 28.47 -32.06
C PRO D 33 1.45 29.32 -30.82
N GLU D 34 2.07 30.49 -30.74
CA GLU D 34 1.91 31.36 -29.57
C GLU D 34 0.49 31.93 -29.48
N ASP D 35 -0.21 31.91 -30.61
CA ASP D 35 -1.56 32.47 -30.69
C ASP D 35 -2.63 31.38 -30.60
N ALA D 36 -2.26 30.25 -30.02
CA ALA D 36 -3.15 29.11 -29.83
C ALA D 36 -4.38 29.49 -29.01
N THR D 37 -5.52 28.90 -29.35
CA THR D 37 -6.77 29.13 -28.61
C THR D 37 -7.45 27.85 -28.11
N THR D 38 -7.62 26.89 -29.00
CA THR D 38 -8.27 25.64 -28.62
C THR D 38 -7.41 24.45 -28.98
N LEU D 39 -7.10 23.63 -27.97
CA LEU D 39 -6.16 22.53 -28.12
C LEU D 39 -6.81 21.16 -28.13
N TYR D 40 -6.75 20.49 -29.27
CA TYR D 40 -7.29 19.14 -29.39
C TYR D 40 -6.20 18.08 -29.22
N LEU D 41 -6.11 17.51 -28.02
CA LEU D 41 -5.06 16.55 -27.70
C LEU D 41 -5.63 15.20 -27.31
N GLN D 42 -6.92 15.01 -27.55
CA GLN D 42 -7.59 13.79 -27.16
C GLN D 42 -7.09 12.60 -27.97
N ASN D 43 -7.38 11.41 -27.46
CA ASN D 43 -7.10 10.17 -28.16
C ASN D 43 -5.62 9.98 -28.49
N ASN D 44 -4.75 10.36 -27.56
CA ASN D 44 -3.35 10.08 -27.71
C ASN D 44 -2.90 9.31 -26.49
N GLN D 45 -1.70 8.74 -26.53
CA GLN D 45 -1.21 8.00 -25.39
C GLN D 45 -0.30 8.87 -24.54
N ILE D 46 -0.78 10.05 -24.19
CA ILE D 46 0.05 11.04 -23.51
C ILE D 46 0.01 10.85 -22.00
N ASN D 47 1.19 10.81 -21.40
CA ASN D 47 1.32 10.67 -19.96
C ASN D 47 1.86 11.96 -19.36
N ASN D 48 2.00 11.97 -18.03
CA ASN D 48 2.38 13.16 -17.30
C ASN D 48 3.76 13.73 -17.63
N ALA D 49 4.66 12.87 -18.10
CA ALA D 49 6.02 13.31 -18.42
C ALA D 49 6.13 13.88 -19.83
N GLY D 50 5.02 13.91 -20.55
CA GLY D 50 5.04 14.36 -21.92
C GLY D 50 4.53 15.77 -22.09
N ILE D 51 4.55 16.55 -21.03
CA ILE D 51 4.08 17.93 -21.10
C ILE D 51 5.24 18.89 -21.09
N PRO D 52 5.49 19.54 -22.24
CA PRO D 52 6.64 20.45 -22.41
C PRO D 52 6.58 21.68 -21.50
N SER D 53 7.75 22.17 -21.15
CA SER D 53 7.89 23.31 -20.26
C SER D 53 7.33 24.59 -20.87
N ASP D 54 7.33 24.65 -22.20
CA ASP D 54 6.91 25.85 -22.92
C ASP D 54 5.39 25.93 -23.07
N LEU D 55 4.69 24.86 -22.77
CA LEU D 55 3.22 24.85 -22.87
C LEU D 55 2.60 25.91 -21.99
N LYS D 56 3.16 26.05 -20.78
CA LYS D 56 2.75 27.06 -19.82
C LYS D 56 2.68 28.43 -20.49
N ASN D 57 3.54 28.64 -21.48
CA ASN D 57 3.69 29.92 -22.15
C ASN D 57 2.61 30.21 -23.20
N LEU D 58 1.71 29.26 -23.45
CA LEU D 58 0.62 29.49 -24.41
C LEU D 58 -0.50 30.30 -23.81
N LEU D 59 -0.28 31.61 -23.72
CA LEU D 59 -1.16 32.46 -22.92
C LEU D 59 -2.53 32.72 -23.50
N LYS D 60 -2.82 32.21 -24.69
CA LYS D 60 -4.14 32.50 -25.27
C LYS D 60 -5.05 31.26 -25.34
N VAL D 61 -4.58 30.15 -24.78
CA VAL D 61 -5.34 28.91 -24.82
C VAL D 61 -6.44 28.90 -23.79
N GLU D 62 -7.68 28.64 -24.23
CA GLU D 62 -8.80 28.64 -23.30
C GLU D 62 -9.49 27.28 -23.18
N ARG D 63 -9.40 26.43 -24.19
CA ARG D 63 -10.02 25.11 -24.12
C ARG D 63 -9.04 24.01 -24.46
N ILE D 64 -8.90 23.04 -23.57
CA ILE D 64 -7.99 21.93 -23.78
C ILE D 64 -8.70 20.60 -23.66
N TYR D 65 -8.61 19.79 -24.70
CA TYR D 65 -9.21 18.47 -24.71
C TYR D 65 -8.15 17.40 -24.56
N LEU D 66 -7.96 16.91 -23.34
CA LEU D 66 -6.95 15.89 -23.07
C LEU D 66 -7.57 14.54 -22.72
N TYR D 67 -8.81 14.33 -23.13
CA TYR D 67 -9.48 13.07 -22.79
C TYR D 67 -8.95 11.90 -23.62
N HIS D 68 -9.10 10.70 -23.07
CA HIS D 68 -8.66 9.46 -23.70
C HIS D 68 -7.13 9.46 -23.85
N ASN D 69 -6.44 9.93 -22.82
CA ASN D 69 -4.98 9.87 -22.77
C ASN D 69 -4.47 9.04 -21.59
N SER D 70 -3.16 9.04 -21.38
CA SER D 70 -2.55 8.18 -20.37
C SER D 70 -2.05 8.93 -19.15
N LEU D 71 -2.68 10.05 -18.81
CA LEU D 71 -2.24 10.82 -17.66
C LEU D 71 -2.55 10.09 -16.38
N ASP D 72 -1.55 9.91 -15.52
CA ASP D 72 -1.79 9.20 -14.27
C ASP D 72 -1.85 10.14 -13.06
N GLU D 73 -1.74 11.43 -13.28
CA GLU D 73 -2.04 12.40 -12.24
C GLU D 73 -2.34 13.77 -12.87
N PHE D 74 -2.75 14.74 -12.05
CA PHE D 74 -3.19 16.02 -12.58
C PHE D 74 -2.07 16.81 -13.25
N PRO D 75 -2.28 17.21 -14.51
CA PRO D 75 -1.32 17.91 -15.37
C PRO D 75 -0.94 19.29 -14.86
N THR D 76 0.35 19.52 -14.62
CA THR D 76 0.82 20.85 -14.29
C THR D 76 1.44 21.54 -15.51
N ASN D 77 1.92 22.76 -15.32
CA ASN D 77 2.59 23.53 -16.36
C ASN D 77 1.65 23.77 -17.54
N LEU D 78 0.36 23.81 -17.22
CA LEU D 78 -0.67 24.02 -18.23
C LEU D 78 -0.81 25.49 -18.53
N PRO D 79 -1.29 25.83 -19.74
CA PRO D 79 -1.45 27.23 -20.14
C PRO D 79 -2.10 28.06 -19.05
N LYS D 80 -1.42 29.09 -18.60
CA LYS D 80 -1.78 29.79 -17.37
C LYS D 80 -3.25 30.24 -17.39
N TYR D 81 -3.78 30.45 -18.59
CA TYR D 81 -5.10 31.03 -18.78
C TYR D 81 -6.17 30.06 -19.28
N VAL D 82 -6.06 28.76 -19.00
CA VAL D 82 -7.13 27.82 -19.39
C VAL D 82 -8.44 28.12 -18.69
N LYS D 83 -9.55 27.90 -19.38
CA LYS D 83 -10.87 28.07 -18.79
C LYS D 83 -11.70 26.78 -18.87
N GLU D 84 -11.53 26.05 -19.98
CA GLU D 84 -12.20 24.78 -20.21
C GLU D 84 -11.17 23.66 -20.33
N LEU D 85 -11.29 22.65 -19.47
CA LEU D 85 -10.32 21.57 -19.42
C LEU D 85 -10.97 20.20 -19.28
N HIS D 86 -10.70 19.33 -20.24
CA HIS D 86 -11.32 18.01 -20.29
C HIS D 86 -10.32 16.88 -20.06
N LEU D 87 -10.35 16.31 -18.87
CA LEU D 87 -9.39 15.27 -18.49
C LEU D 87 -10.06 13.90 -18.27
N GLN D 88 -11.28 13.74 -18.79
CA GLN D 88 -12.03 12.50 -18.60
C GLN D 88 -11.36 11.34 -19.30
N GLU D 89 -11.71 10.13 -18.89
CA GLU D 89 -11.17 8.91 -19.48
C GLU D 89 -9.65 8.96 -19.52
N ASN D 90 -9.09 9.52 -18.44
CA ASN D 90 -7.67 9.46 -18.18
C ASN D 90 -7.53 8.64 -16.92
N ASN D 91 -6.31 8.41 -16.49
CA ASN D 91 -6.10 7.56 -15.32
C ASN D 91 -5.51 8.29 -14.12
N ILE D 92 -6.06 9.47 -13.85
CA ILE D 92 -5.55 10.38 -12.83
C ILE D 92 -5.86 9.93 -11.41
N ARG D 93 -4.83 9.91 -10.59
CA ARG D 93 -5.02 9.61 -9.18
C ARG D 93 -4.77 10.83 -8.29
N THR D 94 -3.55 11.33 -8.30
CA THR D 94 -3.17 12.45 -7.45
C THR D 94 -3.60 13.81 -8.01
N ILE D 95 -4.02 14.72 -7.14
CA ILE D 95 -4.19 16.12 -7.51
C ILE D 95 -3.58 17.04 -6.47
N THR D 96 -2.65 17.89 -6.90
CA THR D 96 -1.97 18.76 -5.96
C THR D 96 -2.32 20.22 -6.16
N TYR D 97 -2.17 20.97 -5.08
CA TYR D 97 -2.47 22.38 -5.06
C TYR D 97 -1.64 23.08 -6.11
N ASP D 98 -0.38 22.68 -6.18
CA ASP D 98 0.56 23.25 -7.13
C ASP D 98 0.00 23.08 -8.54
N SER D 99 -0.48 21.88 -8.82
CA SER D 99 -1.06 21.55 -10.12
C SER D 99 -2.20 22.50 -10.47
N LEU D 100 -3.10 22.73 -9.52
CA LEU D 100 -4.25 23.58 -9.78
C LEU D 100 -3.94 25.06 -9.68
N SER D 101 -2.96 25.41 -8.86
CA SER D 101 -2.57 26.81 -8.68
C SER D 101 -2.11 27.38 -10.00
N LYS D 102 -1.53 26.51 -10.82
CA LYS D 102 -0.92 26.91 -12.08
C LYS D 102 -1.97 27.47 -13.06
N ILE D 103 -3.22 27.05 -12.89
CA ILE D 103 -4.27 27.46 -13.81
C ILE D 103 -5.46 28.10 -13.10
N PRO D 104 -5.21 29.20 -12.36
CA PRO D 104 -6.19 29.77 -11.42
C PRO D 104 -7.45 30.32 -12.08
N TYR D 105 -7.47 30.38 -13.40
CA TYR D 105 -8.63 30.96 -14.09
C TYR D 105 -9.55 29.88 -14.65
N LEU D 106 -9.34 28.65 -14.23
CA LEU D 106 -10.14 27.54 -14.73
C LEU D 106 -11.59 27.68 -14.27
N GLU D 107 -12.53 27.42 -15.17
CA GLU D 107 -13.94 27.59 -14.82
C GLU D 107 -14.68 26.27 -14.79
N GLU D 108 -14.33 25.37 -15.70
CA GLU D 108 -14.95 24.06 -15.66
C GLU D 108 -13.97 22.94 -15.93
N LEU D 109 -14.13 21.87 -15.17
CA LEU D 109 -13.16 20.80 -15.10
C LEU D 109 -13.85 19.46 -15.15
N HIS D 110 -13.52 18.67 -16.16
CA HIS D 110 -14.10 17.35 -16.33
C HIS D 110 -13.07 16.30 -15.98
N LEU D 111 -13.27 15.61 -14.86
CA LEU D 111 -12.40 14.53 -14.44
C LEU D 111 -13.14 13.19 -14.46
N ASP D 112 -14.21 13.13 -15.24
CA ASP D 112 -15.02 11.91 -15.34
C ASP D 112 -14.16 10.71 -15.68
N ASP D 113 -14.55 9.54 -15.20
CA ASP D 113 -13.87 8.30 -15.55
C ASP D 113 -12.39 8.32 -15.25
N ASN D 114 -12.03 8.67 -14.03
CA ASN D 114 -10.63 8.60 -13.66
C ASN D 114 -10.53 7.71 -12.44
N SER D 115 -9.46 7.86 -11.66
CA SER D 115 -9.28 7.01 -10.51
C SER D 115 -9.03 7.86 -9.29
N VAL D 116 -9.71 9.00 -9.24
CA VAL D 116 -9.56 9.92 -8.14
C VAL D 116 -10.39 9.43 -6.97
N SER D 117 -9.81 9.49 -5.78
CA SER D 117 -10.56 9.26 -4.55
C SER D 117 -10.35 10.50 -3.70
N ALA D 118 -11.07 10.60 -2.60
CA ALA D 118 -10.98 11.78 -1.74
C ALA D 118 -9.59 11.97 -1.17
N VAL D 119 -8.91 10.87 -0.83
CA VAL D 119 -7.58 10.96 -0.24
C VAL D 119 -6.56 11.29 -1.32
N SER D 120 -6.87 10.91 -2.55
CA SER D 120 -5.97 11.12 -3.69
C SER D 120 -5.95 12.58 -4.05
N ILE D 121 -6.77 13.32 -3.33
CA ILE D 121 -6.91 14.75 -3.47
C ILE D 121 -6.19 15.45 -2.35
N GLU D 122 -5.19 16.26 -2.68
CA GLU D 122 -4.50 17.01 -1.64
C GLU D 122 -5.55 17.87 -0.97
N GLU D 123 -5.52 17.93 0.37
CA GLU D 123 -6.49 18.74 1.09
C GLU D 123 -6.30 20.23 0.79
N GLY D 124 -7.29 20.83 0.14
CA GLY D 124 -7.26 22.26 -0.14
C GLY D 124 -6.60 22.65 -1.44
N ALA D 125 -6.53 21.69 -2.36
CA ALA D 125 -5.95 21.91 -3.68
C ALA D 125 -6.62 23.07 -4.44
N PHE D 126 -7.90 23.31 -4.17
CA PHE D 126 -8.67 24.24 -4.98
C PHE D 126 -8.66 25.68 -4.49
N ARG D 127 -7.88 25.96 -3.47
CA ARG D 127 -7.87 27.26 -2.80
C ARG D 127 -7.68 28.49 -3.70
N ASP D 128 -6.97 28.32 -4.81
CA ASP D 128 -6.75 29.43 -5.74
C ASP D 128 -7.75 29.41 -6.87
N SER D 129 -8.46 28.30 -7.01
CA SER D 129 -9.42 28.14 -8.09
C SER D 129 -10.68 28.98 -7.87
N ASN D 130 -10.52 30.29 -7.83
CA ASN D 130 -11.62 31.16 -7.48
C ASN D 130 -12.50 31.51 -8.66
N TYR D 131 -12.40 30.73 -9.73
CA TYR D 131 -13.25 30.91 -10.91
C TYR D 131 -13.85 29.60 -11.38
N LEU D 132 -13.61 28.53 -10.64
CA LEU D 132 -14.12 27.21 -10.99
C LEU D 132 -15.62 27.12 -10.71
N ARG D 133 -16.41 26.75 -11.71
CA ARG D 133 -17.88 26.69 -11.54
C ARG D 133 -18.45 25.31 -11.78
N LEU D 134 -17.88 24.59 -12.73
CA LEU D 134 -18.34 23.25 -13.06
C LEU D 134 -17.26 22.24 -12.79
N LEU D 135 -17.55 21.30 -11.91
CA LEU D 135 -16.60 20.26 -11.56
C LEU D 135 -17.24 18.90 -11.70
N PHE D 136 -16.78 18.13 -12.67
CA PHE D 136 -17.39 16.85 -12.97
C PHE D 136 -16.47 15.71 -12.59
N LEU D 137 -16.84 14.98 -11.54
CA LEU D 137 -16.04 13.88 -11.04
C LEU D 137 -16.84 12.60 -11.17
N SER D 138 -17.69 12.58 -12.19
CA SER D 138 -18.51 11.43 -12.48
C SER D 138 -17.63 10.18 -12.63
N ARG D 139 -18.09 9.07 -12.04
CA ARG D 139 -17.46 7.77 -12.22
C ARG D 139 -15.99 7.73 -11.79
N ASN D 140 -15.74 8.20 -10.59
CA ASN D 140 -14.44 8.06 -10.01
C ASN D 140 -14.47 7.15 -8.80
N HIS D 141 -13.43 7.24 -7.98
CA HIS D 141 -13.33 6.38 -6.80
C HIS D 141 -13.59 7.12 -5.49
N LEU D 142 -14.46 8.12 -5.52
CA LEU D 142 -14.81 8.85 -4.32
C LEU D 142 -15.71 7.99 -3.41
N SER D 143 -15.43 7.99 -2.11
CA SER D 143 -16.29 7.31 -1.14
C SER D 143 -16.90 8.33 -0.21
N THR D 144 -16.48 9.58 -0.36
CA THR D 144 -17.10 10.67 0.35
C THR D 144 -16.86 11.95 -0.40
N ILE D 145 -17.34 13.06 0.16
CA ILE D 145 -17.21 14.35 -0.49
C ILE D 145 -16.05 15.16 0.08
N PRO D 146 -15.12 15.56 -0.81
CA PRO D 146 -13.92 16.31 -0.44
C PRO D 146 -14.27 17.58 0.32
N TRP D 147 -13.54 17.86 1.39
CA TRP D 147 -13.90 18.95 2.30
C TRP D 147 -13.68 20.33 1.72
N GLY D 148 -12.55 20.53 1.05
CA GLY D 148 -12.21 21.84 0.55
C GLY D 148 -12.58 22.04 -0.91
N LEU D 149 -13.77 22.53 -1.16
CA LEU D 149 -14.19 22.75 -2.53
C LEU D 149 -14.40 24.22 -2.68
N PRO D 150 -14.07 24.76 -3.85
CA PRO D 150 -14.18 26.20 -3.97
C PRO D 150 -15.64 26.65 -3.89
N ARG D 151 -15.89 27.75 -3.21
CA ARG D 151 -17.24 28.30 -3.11
C ARG D 151 -17.86 28.59 -4.46
N THR D 152 -17.03 28.82 -5.45
CA THR D 152 -17.53 29.25 -6.74
C THR D 152 -18.23 28.14 -7.51
N ILE D 153 -18.09 26.90 -7.06
CA ILE D 153 -18.74 25.76 -7.71
C ILE D 153 -20.26 25.93 -7.74
N GLU D 154 -20.87 25.65 -8.89
CA GLU D 154 -22.30 25.82 -9.05
C GLU D 154 -22.98 24.52 -9.46
N GLU D 155 -22.21 23.67 -10.11
CA GLU D 155 -22.66 22.34 -10.49
C GLU D 155 -21.61 21.33 -10.09
N LEU D 156 -22.02 20.27 -9.44
CA LEU D 156 -21.09 19.30 -8.88
C LEU D 156 -21.55 17.90 -9.18
N ARG D 157 -20.98 17.27 -10.19
CA ARG D 157 -21.44 15.95 -10.57
C ARG D 157 -20.61 14.85 -9.92
N LEU D 158 -21.25 14.08 -9.07
CA LEU D 158 -20.61 13.01 -8.32
C LEU D 158 -21.28 11.68 -8.60
N ASP D 159 -21.89 11.55 -9.77
CA ASP D 159 -22.63 10.35 -10.09
C ASP D 159 -21.73 9.14 -10.22
N ASP D 160 -22.30 7.98 -9.91
CA ASP D 160 -21.64 6.69 -10.04
C ASP D 160 -20.24 6.66 -9.47
N ASN D 161 -20.11 7.10 -8.23
CA ASN D 161 -18.86 6.95 -7.51
C ASN D 161 -19.20 5.95 -6.42
N ARG D 162 -18.37 5.82 -5.40
CA ARG D 162 -18.70 4.92 -4.31
C ARG D 162 -18.94 5.62 -2.98
N ILE D 163 -19.72 6.70 -3.03
CA ILE D 163 -19.98 7.53 -1.85
C ILE D 163 -21.00 6.89 -0.92
N SER D 164 -20.62 6.80 0.36
CA SER D 164 -21.47 6.17 1.35
C SER D 164 -21.68 7.09 2.52
N THR D 165 -20.95 8.18 2.59
CA THR D 165 -21.12 9.13 3.68
C THR D 165 -20.86 10.56 3.19
N ILE D 166 -21.52 11.53 3.82
CA ILE D 166 -21.38 12.93 3.43
C ILE D 166 -21.33 13.85 4.65
N SER D 167 -20.13 14.30 5.02
CA SER D 167 -19.97 15.20 6.15
C SER D 167 -20.49 16.61 5.88
N SER D 168 -20.96 17.26 6.93
CA SER D 168 -21.53 18.60 6.81
C SER D 168 -20.55 19.66 6.32
N PRO D 169 -19.33 19.72 6.89
CA PRO D 169 -18.45 20.81 6.46
C PRO D 169 -18.02 20.66 5.01
N SER D 170 -18.18 19.46 4.46
CA SER D 170 -17.83 19.22 3.08
C SER D 170 -18.66 20.07 2.12
N LEU D 171 -19.94 20.21 2.42
CA LEU D 171 -20.84 20.94 1.53
C LEU D 171 -21.17 22.34 2.00
N GLN D 172 -21.01 22.60 3.28
CA GLN D 172 -21.26 23.94 3.79
C GLN D 172 -20.23 24.86 3.16
N GLY D 173 -20.64 26.07 2.86
CA GLY D 173 -19.77 26.98 2.18
C GLY D 173 -20.00 26.98 0.69
N LEU D 174 -20.55 25.89 0.16
CA LEU D 174 -20.82 25.87 -1.26
C LEU D 174 -22.11 26.61 -1.53
N THR D 175 -22.15 27.85 -1.05
CA THR D 175 -23.35 28.68 -1.08
C THR D 175 -23.68 29.19 -2.47
N SER D 176 -22.97 28.68 -3.47
CA SER D 176 -23.25 29.05 -4.85
C SER D 176 -23.60 27.82 -5.66
N LEU D 177 -23.47 26.67 -5.03
CA LEU D 177 -23.77 25.41 -5.70
C LEU D 177 -25.25 25.38 -6.04
N LYS D 178 -25.58 25.06 -7.28
CA LYS D 178 -26.97 25.02 -7.71
C LYS D 178 -27.40 23.60 -8.05
N ARG D 179 -26.52 22.85 -8.68
CA ARG D 179 -26.86 21.50 -9.07
C ARG D 179 -25.88 20.52 -8.47
N LEU D 180 -26.41 19.52 -7.78
CA LEU D 180 -25.63 18.52 -7.09
C LEU D 180 -26.13 17.14 -7.49
N VAL D 181 -25.29 16.36 -8.15
CA VAL D 181 -25.71 15.07 -8.66
C VAL D 181 -24.94 13.95 -7.96
N LEU D 182 -25.64 13.16 -7.17
CA LEU D 182 -25.02 12.10 -6.40
C LEU D 182 -25.61 10.74 -6.79
N ASP D 183 -25.99 10.59 -8.05
CA ASP D 183 -26.56 9.32 -8.50
C ASP D 183 -25.58 8.15 -8.38
N GLY D 184 -26.14 6.94 -8.34
CA GLY D 184 -25.40 5.69 -8.37
C GLY D 184 -24.32 5.50 -7.32
N ASN D 185 -24.59 5.93 -6.10
CA ASN D 185 -23.62 5.80 -5.03
C ASN D 185 -24.15 4.83 -3.96
N LEU D 186 -23.47 4.70 -2.83
CA LEU D 186 -23.93 3.79 -1.77
C LEU D 186 -24.52 4.52 -0.57
N LEU D 187 -25.37 5.50 -0.84
CA LEU D 187 -25.91 6.35 0.22
C LEU D 187 -27.22 5.85 0.86
N ASN D 188 -27.32 6.02 2.17
CA ASN D 188 -28.57 5.86 2.90
C ASN D 188 -28.71 7.01 3.87
N ASN D 189 -29.86 7.13 4.51
CA ASN D 189 -30.09 8.27 5.38
C ASN D 189 -29.12 8.35 6.54
N HIS D 190 -28.51 7.22 6.89
CA HIS D 190 -27.46 7.24 7.91
C HIS D 190 -26.24 7.97 7.37
N GLY D 191 -26.03 7.86 6.07
CA GLY D 191 -24.92 8.51 5.42
C GLY D 191 -25.05 10.01 5.30
N LEU D 192 -26.23 10.56 5.52
CA LEU D 192 -26.39 12.01 5.45
C LEU D 192 -26.14 12.68 6.79
N GLY D 193 -25.31 13.73 6.78
CA GLY D 193 -25.05 14.47 8.00
C GLY D 193 -26.25 15.33 8.28
N ASP D 194 -26.27 15.93 9.46
CA ASP D 194 -27.47 16.57 9.99
C ASP D 194 -28.07 17.57 9.05
N LYS D 195 -27.25 18.51 8.62
CA LYS D 195 -27.74 19.59 7.82
C LYS D 195 -26.82 19.77 6.63
N VAL D 196 -26.40 18.66 6.03
CA VAL D 196 -25.42 18.72 4.97
C VAL D 196 -25.90 19.57 3.80
N PHE D 197 -27.20 19.50 3.52
CA PHE D 197 -27.76 20.21 2.39
C PHE D 197 -28.37 21.54 2.82
N PHE D 198 -28.55 21.71 4.11
CA PHE D 198 -29.39 22.78 4.66
C PHE D 198 -28.98 24.17 4.24
N ASN D 199 -27.67 24.39 4.08
CA ASN D 199 -27.15 25.71 3.75
C ASN D 199 -26.91 26.01 2.28
N LEU D 200 -27.20 25.05 1.41
CA LEU D 200 -26.99 25.29 0.00
C LEU D 200 -28.07 26.22 -0.57
N VAL D 201 -28.03 27.47 -0.14
CA VAL D 201 -29.06 28.44 -0.47
C VAL D 201 -29.35 28.52 -1.97
N ASN D 202 -28.31 28.36 -2.77
CA ASN D 202 -28.48 28.45 -4.21
C ASN D 202 -28.87 27.12 -4.80
N LEU D 203 -29.03 26.09 -3.96
CA LEU D 203 -29.27 24.76 -4.49
C LEU D 203 -30.61 24.71 -5.22
N THR D 204 -30.56 24.15 -6.41
CA THR D 204 -31.70 24.16 -7.30
C THR D 204 -32.13 22.77 -7.72
N GLU D 205 -31.13 21.94 -8.02
CA GLU D 205 -31.35 20.54 -8.32
C GLU D 205 -30.55 19.68 -7.36
N LEU D 206 -31.23 18.73 -6.71
CA LEU D 206 -30.56 17.69 -5.97
C LEU D 206 -31.03 16.35 -6.52
N SER D 207 -30.09 15.50 -6.91
CA SER D 207 -30.43 14.24 -7.55
C SER D 207 -29.82 13.06 -6.84
N LEU D 208 -30.65 12.28 -6.16
CA LEU D 208 -30.18 11.16 -5.36
C LEU D 208 -30.72 9.86 -5.93
N VAL D 209 -30.86 9.85 -7.24
CA VAL D 209 -31.29 8.68 -7.98
C VAL D 209 -30.37 7.49 -7.69
N ARG D 210 -30.92 6.28 -7.71
CA ARG D 210 -30.12 5.06 -7.65
C ARG D 210 -29.17 4.99 -6.47
N ASN D 211 -29.70 5.21 -5.27
CA ASN D 211 -28.93 4.98 -4.06
C ASN D 211 -29.65 3.96 -3.19
N SER D 212 -29.51 4.08 -1.89
CA SER D 212 -30.21 3.16 -0.99
C SER D 212 -30.97 3.91 0.09
N LEU D 213 -31.60 5.00 -0.29
CA LEU D 213 -32.44 5.76 0.64
C LEU D 213 -33.63 4.93 1.10
N THR D 214 -34.01 5.10 2.36
CA THR D 214 -35.20 4.42 2.86
C THR D 214 -36.21 5.46 3.28
N ALA D 215 -35.80 6.71 3.24
CA ALA D 215 -36.68 7.78 3.64
C ALA D 215 -36.40 9.09 2.88
N ALA D 216 -37.45 9.85 2.64
CA ALA D 216 -37.28 11.17 2.07
C ALA D 216 -36.34 11.90 2.98
N PRO D 217 -35.32 12.51 2.40
CA PRO D 217 -34.30 13.23 3.17
C PRO D 217 -34.89 14.46 3.79
N VAL D 218 -34.37 14.84 4.94
CA VAL D 218 -34.85 16.00 5.68
C VAL D 218 -33.83 17.12 5.68
N ASN D 219 -34.23 18.25 6.27
CA ASN D 219 -33.36 19.42 6.36
C ASN D 219 -32.92 19.93 5.00
N LEU D 220 -33.73 19.73 3.97
CA LEU D 220 -33.39 20.29 2.66
C LEU D 220 -33.51 21.80 2.66
N PRO D 221 -32.80 22.46 1.73
CA PRO D 221 -32.92 23.92 1.62
C PRO D 221 -34.14 24.32 0.80
N GLY D 222 -34.89 25.30 1.25
CA GLY D 222 -36.12 25.61 0.56
C GLY D 222 -36.12 26.94 -0.16
N THR D 223 -34.98 27.60 -0.19
CA THR D 223 -34.93 28.93 -0.78
C THR D 223 -35.02 28.89 -2.29
N ASN D 224 -34.33 27.94 -2.89
CA ASN D 224 -34.30 27.83 -4.34
C ASN D 224 -34.55 26.44 -4.85
N LEU D 225 -34.68 25.46 -3.95
CA LEU D 225 -34.79 24.09 -4.41
C LEU D 225 -35.97 23.99 -5.33
N ARG D 226 -35.70 23.52 -6.54
CA ARG D 226 -36.71 23.54 -7.59
C ARG D 226 -36.93 22.12 -8.11
N LYS D 227 -35.87 21.32 -8.11
CA LYS D 227 -35.94 19.94 -8.57
C LYS D 227 -35.37 18.97 -7.54
N LEU D 228 -36.03 17.83 -7.41
CA LEU D 228 -35.64 16.83 -6.41
C LEU D 228 -35.82 15.43 -6.97
N TYR D 229 -34.70 14.74 -7.23
CA TYR D 229 -34.77 13.44 -7.89
C TYR D 229 -34.46 12.30 -6.94
N LEU D 230 -35.48 11.50 -6.62
CA LEU D 230 -35.31 10.45 -5.65
C LEU D 230 -35.67 9.08 -6.19
N GLN D 231 -35.65 8.91 -7.50
CA GLN D 231 -35.99 7.63 -8.11
C GLN D 231 -35.07 6.52 -7.65
N ASP D 232 -35.46 5.29 -7.92
CA ASP D 232 -34.61 4.11 -7.74
C ASP D 232 -33.96 4.03 -6.38
N ASN D 233 -34.73 4.26 -5.32
CA ASN D 233 -34.24 3.94 -4.00
C ASN D 233 -35.13 2.91 -3.38
N HIS D 234 -35.20 2.95 -2.06
CA HIS D 234 -36.18 2.13 -1.37
C HIS D 234 -36.83 2.93 -0.26
N ILE D 235 -37.42 4.06 -0.62
CA ILE D 235 -37.99 4.98 0.35
C ILE D 235 -39.31 4.44 0.87
N ASN D 236 -39.36 4.21 2.18
CA ASN D 236 -40.51 3.67 2.89
C ASN D 236 -41.44 4.76 3.35
N ARG D 237 -40.85 5.91 3.60
CA ARG D 237 -41.47 6.94 4.40
C ARG D 237 -41.23 8.34 3.94
N VAL D 238 -42.19 9.19 4.28
CA VAL D 238 -41.98 10.61 4.15
C VAL D 238 -42.14 11.25 5.51
N PRO D 239 -41.02 11.43 6.21
CA PRO D 239 -41.01 12.07 7.52
C PRO D 239 -41.73 13.40 7.43
N PRO D 240 -42.46 13.78 8.48
CA PRO D 240 -43.41 14.90 8.47
C PRO D 240 -42.81 16.21 7.96
N ASN D 241 -41.54 16.47 8.25
CA ASN D 241 -40.93 17.72 7.82
C ASN D 241 -40.03 17.56 6.60
N ALA D 242 -40.19 16.46 5.87
CA ALA D 242 -39.31 16.19 4.73
C ALA D 242 -39.47 17.24 3.64
N PHE D 243 -40.70 17.68 3.41
CA PHE D 243 -40.95 18.62 2.33
C PHE D 243 -41.41 19.96 2.82
N SER D 244 -41.13 20.26 4.07
CA SER D 244 -41.46 21.57 4.61
C SER D 244 -40.71 22.66 3.89
N TYR D 245 -41.43 23.73 3.54
CA TYR D 245 -40.81 24.96 3.06
C TYR D 245 -40.11 24.88 1.72
N LEU D 246 -40.29 23.77 1.01
CA LEU D 246 -39.76 23.65 -0.33
C LEU D 246 -40.66 24.40 -1.32
N ARG D 247 -40.86 25.70 -1.06
CA ARG D 247 -41.87 26.48 -1.74
C ARG D 247 -41.59 26.80 -3.20
N GLN D 248 -40.37 26.53 -3.65
CA GLN D 248 -40.01 26.82 -5.01
C GLN D 248 -39.95 25.53 -5.81
N LEU D 249 -40.10 24.42 -5.12
CA LEU D 249 -39.98 23.11 -5.76
C LEU D 249 -41.10 22.90 -6.77
N TYR D 250 -40.72 22.73 -8.05
CA TYR D 250 -41.73 22.46 -9.06
C TYR D 250 -41.65 21.01 -9.49
N ARG D 251 -40.54 20.36 -9.21
CA ARG D 251 -40.41 18.98 -9.60
C ARG D 251 -39.97 18.08 -8.47
N LEU D 252 -40.62 16.94 -8.36
CA LEU D 252 -40.32 15.96 -7.34
C LEU D 252 -40.61 14.59 -7.90
N ASP D 253 -39.62 13.71 -7.88
CA ASP D 253 -39.80 12.37 -8.40
C ASP D 253 -39.42 11.36 -7.33
N MET D 254 -40.37 10.51 -6.97
CA MET D 254 -40.11 9.45 -5.99
C MET D 254 -40.51 8.13 -6.61
N SER D 255 -40.40 8.07 -7.93
CA SER D 255 -40.63 6.82 -8.67
C SER D 255 -39.67 5.71 -8.25
N ASN D 256 -40.01 4.48 -8.63
CA ASN D 256 -39.20 3.31 -8.31
C ASN D 256 -38.76 3.32 -6.87
N ASN D 257 -39.73 3.26 -5.97
CA ASN D 257 -39.40 3.22 -4.56
C ASN D 257 -40.33 2.23 -3.83
N ASN D 258 -40.47 2.41 -2.52
CA ASN D 258 -41.16 1.44 -1.68
C ASN D 258 -42.23 2.12 -0.82
N LEU D 259 -42.93 3.09 -1.39
CA LEU D 259 -43.93 3.88 -0.67
C LEU D 259 -45.34 3.34 -0.82
N SER D 260 -46.11 3.35 0.26
CA SER D 260 -47.50 2.91 0.23
C SER D 260 -48.49 3.97 0.66
N ASN D 261 -47.99 4.98 1.37
CA ASN D 261 -48.84 6.01 1.95
C ASN D 261 -48.20 7.36 2.10
N LEU D 262 -49.01 8.39 2.12
CA LEU D 262 -48.52 9.72 2.40
C LEU D 262 -49.20 10.29 3.63
N PRO D 263 -48.40 10.80 4.58
CA PRO D 263 -48.94 11.46 5.78
C PRO D 263 -49.75 12.69 5.41
N GLN D 264 -50.63 13.12 6.29
CA GLN D 264 -51.50 14.25 5.98
C GLN D 264 -50.70 15.55 5.91
N GLY D 265 -50.79 16.22 4.76
CA GLY D 265 -50.19 17.52 4.57
C GLY D 265 -48.68 17.58 4.50
N ILE D 266 -48.07 16.54 3.93
CA ILE D 266 -46.65 16.58 3.69
C ILE D 266 -46.40 17.51 2.52
N PHE D 267 -47.42 17.65 1.69
CA PHE D 267 -47.31 18.46 0.51
C PHE D 267 -47.91 19.83 0.65
N ASP D 268 -48.10 20.28 1.88
CA ASP D 268 -48.83 21.51 2.09
C ASP D 268 -48.06 22.79 1.83
N ASP D 269 -46.74 22.68 1.76
CA ASP D 269 -45.92 23.87 1.56
C ASP D 269 -45.43 23.97 0.13
N LEU D 270 -45.68 22.94 -0.67
CA LEU D 270 -45.18 22.89 -2.04
C LEU D 270 -45.91 23.83 -2.98
N ASP D 271 -45.91 25.11 -2.64
CA ASP D 271 -46.66 26.12 -3.33
C ASP D 271 -46.43 26.11 -4.85
N ASN D 272 -45.32 25.53 -5.30
CA ASN D 272 -45.01 25.58 -6.70
C ASN D 272 -44.97 24.26 -7.43
N ILE D 273 -45.41 23.18 -6.78
CA ILE D 273 -45.27 21.88 -7.40
C ILE D 273 -46.05 21.79 -8.70
N THR D 274 -45.45 21.21 -9.72
CA THR D 274 -46.00 21.25 -11.06
C THR D 274 -45.86 19.91 -11.76
N GLN D 275 -44.74 19.26 -11.50
CA GLN D 275 -44.51 17.92 -11.99
C GLN D 275 -44.23 17.03 -10.79
N LEU D 276 -45.14 16.09 -10.51
CA LEU D 276 -44.99 15.19 -9.39
C LEU D 276 -45.05 13.76 -9.89
N ILE D 277 -43.92 13.07 -9.86
CA ILE D 277 -43.86 11.74 -10.47
C ILE D 277 -43.66 10.67 -9.42
N LEU D 278 -44.62 9.74 -9.35
CA LEU D 278 -44.61 8.71 -8.35
C LEU D 278 -44.95 7.34 -8.93
N ARG D 279 -44.53 7.08 -10.15
CA ARG D 279 -44.77 5.78 -10.78
C ARG D 279 -44.13 4.66 -9.98
N ASN D 280 -44.65 3.45 -10.13
CA ASN D 280 -44.04 2.27 -9.55
C ASN D 280 -43.76 2.41 -8.06
N ASN D 281 -44.81 2.70 -7.31
CA ASN D 281 -44.82 2.57 -5.87
C ASN D 281 -45.99 1.67 -5.48
N PRO D 282 -45.86 0.94 -4.37
CA PRO D 282 -46.96 0.06 -3.93
C PRO D 282 -48.03 0.81 -3.13
N TRP D 283 -48.73 1.72 -3.80
CA TRP D 283 -49.73 2.53 -3.14
C TRP D 283 -50.87 1.67 -2.61
N TYR D 284 -51.21 1.86 -1.34
CA TYR D 284 -52.33 1.18 -0.68
C TYR D 284 -53.45 2.15 -0.36
N CYS D 285 -54.64 1.88 -0.87
CA CYS D 285 -55.77 2.79 -0.68
C CYS D 285 -56.65 2.49 0.53
N GLY D 286 -56.28 2.98 1.71
CA GLY D 286 -57.14 2.81 2.87
C GLY D 286 -57.68 4.12 3.39
N CYS D 287 -58.15 4.13 4.64
CA CYS D 287 -58.65 5.37 5.22
C CYS D 287 -57.52 6.34 5.49
N LYS D 288 -56.28 5.92 5.26
CA LYS D 288 -55.13 6.77 5.53
C LYS D 288 -54.82 7.52 4.23
N MET D 289 -55.38 7.01 3.14
CA MET D 289 -55.12 7.46 1.78
C MET D 289 -56.27 8.35 1.26
N LYS D 290 -57.26 8.59 2.11
CA LYS D 290 -58.45 9.33 1.68
C LYS D 290 -58.10 10.78 1.41
N TRP D 291 -57.19 11.31 2.22
CA TRP D 291 -56.84 12.72 2.14
C TRP D 291 -56.18 13.01 0.81
N VAL D 292 -55.43 12.04 0.31
CA VAL D 292 -54.73 12.22 -0.93
C VAL D 292 -55.73 12.47 -2.05
N ARG D 293 -56.81 11.71 -2.02
CA ARG D 293 -57.89 11.86 -3.00
C ARG D 293 -58.46 13.26 -2.93
N ASP D 294 -58.69 13.72 -1.70
CA ASP D 294 -59.18 15.06 -1.46
C ASP D 294 -58.17 16.07 -2.00
N TRP D 295 -56.92 15.87 -1.61
CA TRP D 295 -55.85 16.79 -1.95
C TRP D 295 -55.64 16.89 -3.45
N LEU D 296 -55.74 15.76 -4.14
CA LEU D 296 -55.62 15.73 -5.58
C LEU D 296 -56.68 16.58 -6.30
N GLN D 297 -57.88 16.63 -5.74
CA GLN D 297 -58.98 17.33 -6.37
C GLN D 297 -58.87 18.83 -6.19
N SER D 298 -58.27 19.23 -5.07
CA SER D 298 -58.07 20.64 -4.79
C SER D 298 -56.95 21.20 -5.65
N LEU D 299 -56.21 20.30 -6.28
CA LEU D 299 -55.04 20.64 -7.05
C LEU D 299 -55.40 21.30 -8.37
N PRO D 300 -54.71 22.39 -8.71
CA PRO D 300 -54.84 23.08 -9.99
C PRO D 300 -54.52 22.18 -11.18
N VAL D 301 -55.26 22.34 -12.26
CA VAL D 301 -55.13 21.55 -13.48
C VAL D 301 -53.69 21.52 -13.95
N LYS D 302 -53.04 22.64 -13.77
CA LYS D 302 -51.63 22.85 -14.07
C LYS D 302 -50.78 21.69 -13.61
N VAL D 303 -51.00 21.28 -12.37
CA VAL D 303 -50.14 20.30 -11.75
C VAL D 303 -50.31 18.94 -12.37
N ASN D 304 -49.19 18.37 -12.80
CA ASN D 304 -49.20 17.09 -13.46
C ASN D 304 -48.71 16.00 -12.52
N VAL D 305 -49.59 15.10 -12.16
CA VAL D 305 -49.27 14.08 -11.21
C VAL D 305 -49.30 12.73 -11.89
N ARG D 306 -48.30 11.90 -11.64
CA ARG D 306 -48.24 10.60 -12.29
C ARG D 306 -47.96 9.45 -11.34
N GLY D 307 -48.45 8.27 -11.70
CA GLY D 307 -48.16 7.05 -10.95
C GLY D 307 -48.90 6.85 -9.63
N LEU D 308 -49.65 7.86 -9.23
CA LEU D 308 -50.41 7.78 -7.99
C LEU D 308 -51.64 6.90 -8.21
N MET D 309 -51.43 5.60 -8.36
CA MET D 309 -52.53 4.67 -8.59
C MET D 309 -52.43 3.45 -7.70
N CYS D 310 -53.59 2.93 -7.30
CA CYS D 310 -53.66 1.83 -6.36
C CYS D 310 -53.08 0.55 -6.89
N GLN D 311 -52.36 -0.15 -6.02
CA GLN D 311 -52.00 -1.53 -6.26
C GLN D 311 -52.82 -2.43 -5.35
N ALA D 312 -53.12 -1.90 -4.18
CA ALA D 312 -53.85 -2.61 -3.14
C ALA D 312 -54.93 -1.70 -2.60
N PRO D 313 -56.10 -2.28 -2.25
CA PRO D 313 -56.44 -3.71 -2.32
C PRO D 313 -56.66 -4.22 -3.74
N GLU D 314 -56.37 -5.50 -3.99
CA GLU D 314 -56.58 -6.13 -5.29
C GLU D 314 -57.97 -5.79 -5.79
N LYS D 315 -58.86 -5.69 -4.83
CA LYS D 315 -60.23 -5.25 -4.99
C LYS D 315 -60.29 -4.06 -5.94
N VAL D 316 -59.43 -3.06 -5.72
CA VAL D 316 -59.41 -1.83 -6.53
C VAL D 316 -58.11 -1.57 -7.32
N ARG D 317 -57.33 -2.61 -7.61
CA ARG D 317 -55.99 -2.43 -8.17
C ARG D 317 -56.01 -1.79 -9.56
N GLY D 318 -55.18 -0.75 -9.71
CA GLY D 318 -55.00 -0.10 -11.01
C GLY D 318 -55.79 1.19 -11.16
N MET D 319 -56.52 1.57 -10.13
CA MET D 319 -57.34 2.78 -10.18
C MET D 319 -56.59 4.03 -9.75
N ALA D 320 -56.90 5.14 -10.41
CA ALA D 320 -56.33 6.41 -10.03
C ALA D 320 -56.91 6.86 -8.70
N ILE D 321 -56.04 7.15 -7.74
CA ILE D 321 -56.49 7.55 -6.41
C ILE D 321 -57.43 8.75 -6.41
N LYS D 322 -57.30 9.62 -7.39
CA LYS D 322 -58.12 10.81 -7.45
C LYS D 322 -59.57 10.46 -7.78
N ASP D 323 -59.79 9.27 -8.35
CA ASP D 323 -61.10 8.84 -8.82
C ASP D 323 -61.92 7.98 -7.85
N LEU D 324 -61.36 7.60 -6.71
CA LEU D 324 -62.09 6.80 -5.72
C LEU D 324 -63.04 7.67 -4.91
N ASN D 325 -64.18 7.10 -4.50
CA ASN D 325 -65.10 7.78 -3.60
C ASN D 325 -65.13 7.35 -2.11
N ALA D 326 -65.28 6.06 -1.83
CA ALA D 326 -65.48 5.59 -0.45
C ALA D 326 -64.65 4.37 -0.12
N GLU D 327 -63.86 4.46 0.95
CA GLU D 327 -62.92 3.41 1.34
C GLU D 327 -62.75 3.28 2.86
#